data_7B2M
#
_entry.id   7B2M
#
_cell.length_a   1.00
_cell.length_b   1.00
_cell.length_c   1.00
_cell.angle_alpha   90.00
_cell.angle_beta   90.00
_cell.angle_gamma   90.00
#
_symmetry.space_group_name_H-M   'P 1'
#
loop_
_entity.id
_entity.type
_entity.pdbx_description
1 polymer 'Complement C4 beta chain'
2 polymer 'Complement C4 alpha chain'
3 polymer 'Complement C4 gamma chain'
4 polymer 'Anti-C4b nanobody E3'
5 non-polymer 2-acetamido-2-deoxy-beta-D-glucopyranose
#
loop_
_entity_poly.entity_id
_entity_poly.type
_entity_poly.pdbx_seq_one_letter_code
_entity_poly.pdbx_strand_id
1 'polypeptide(L)'
;KPRLLLFSPSVVHLGVPLSVGVQLQDVPRGQVVKGSVFLRNPSRNNVPCSPKVDFTLSSERDFALLSLQVPLKDAKSCGL
HQLLRGPEVQLVAHSPWLKDSLSRTTNIQGINLLFSSRRGHLFLQTDQPIYNPGQRVRYRVFALDQKMRPSTDTITVMVE
NSHGLRVRKKEVYMPSSIFQDDFVIPDISEPGTWKISARFSDGLESNSSTQFEVKKYVLPNFEVKITPGKPYILTVPGHL
DEMQLDIQARYIYGKPVQGVAYVRFGLLDEDGKKTFFRGLESQTKLVNGQSHISLSKAEFQDALEKLNMGITDLQGLRLY
VAAAIIESPGGEMEEAELTSWYFVSSPFSLDLSKTKRHLVPGAPFLLQALVREMSGSPASGIPVKVSATVSSPGSVPEVQ
DIQQNTDGSGQVSIPIIIPQTISELQLSVSAGSPHPAIARLTVAAPPSGGPGFLSIERPDSRPPRVGDTLNLNLRAVGSG
ATFSHYYYMILSRGQIVFMNREPKRTLTSVSVFVDHHLAPSFYFVAFYYHGDHPVANSLRVDVQAGACEGKLELSVDGAK
QYRNGESVKLHLETDSLALVALGALDTALYAAGSKSHKPLNMGKVFEAMNSYDLGCGPGGGDSALQVFQAAGLAFSDGDQ
WTLSRKRLSCPKEKTT
;
A
2 'polypeptide(L)'
;NVNFQKAINEKLGQYASPTAKRCCQDGVTRLPMMRSCEQRAARVQQPDCREPFLSCCQFAESLRKKSRDKGQAGLQRALE
ILQEEDLIDEDDIPVRSFFPENWLWRVETVDRFQILTLWLPDSLTTWEIHGLSLSKTKGLCVATPVQLRVFREFHLHLRL
PMSVRRFEQLELRPVLYNYLDKNLTVSVHVSPVEGLCLAGGGGLAQQVLVPAGSARPVAFSVVPTAAAAVSLKVVARGSF
EFPVGDAVSKVLQIEKEGAIHREELVYELNPLDHRGRTLEIPGNSDPNMIPDGDFNSYVRVTASDPLDTLGSEGALSPGG
VASLLRLPRGCGEQTMIYLAPTLAASRYLDKTEQWSTLPPETKDHAVDLIQKGYMRIQQFRKADGSYAAWLSRDSSTWLT
AFVLKVLSLAQEQVGGSPEKLQETSNWLLSQQQADGSFQDPCPVLDRSMQGGLVGNDETVALTAFVTIALHHGLAVFQDE
GAEPLKQRVEASISKANSFLGEKASAGLLGAHAAAITAYALSLTKAPVDLLGVAHNNLMAMAQETGDNLYWGSVTGSQSN
AVSPTPAPRNPSDPMPQAPALWIETTAYALLHLLLHEGKAEMADQASAWLTRQGSFQGGFRSTQDTVIALDALSAYWIAS
HTTEERGLNVTLSSTGRNGFKSHALQLNNRQIRGLEEELQFSLGSKINVKVGGNSKGTLKVLRTYNVLDMKNTTCQDLQI
EVTVKGHVEYTMEANEDYEDYEYDELPAKDDPDAPLQPVTPLQLFEG
;
B
3 'polypeptide(L)'
;EAPKVVEEQESRVHYTVCIWRNGKVGLSGMAIADVTLLSGFHALRADLEKLTSLSDRYVSHFETEGPHVLLYFDSVPTSR
ECVGFEAVQEVPVGLVQPASATLYDYYNPERRCSVFYGAPSKSRLLATLCSAEVCQCAEGKCPRQRRALERGLQDEDGYR
MKFACYYPRVEYGFQVKVLREDSRAAFRLFETKITQVLHFTKDVKAAANQMRNFLVRASCRLRLEPGKEYLIMGLDGATY
DLEGHPQYLLDSNSWIEEMPSERLCRSTRQRAACAQLNDFLQEYGTQGCQV
;
C
4 'polypeptide(L)'
;EVQLVESGGGLVQAGGSLRLSCAASGSDFSANAVGWYRQAPGKQRVVVASISSTGNTKYSNSVKGRFTISRDNAKNTVYL
QMNSLKPEDTAVYYCWLFRFGIENYWGQGTQVTVSSHGSGLVPRGSGGGHHHHHH
;
D
#
loop_
_chem_comp.id
_chem_comp.type
_chem_comp.name
_chem_comp.formula
NAG D-saccharide, beta linking 2-acetamido-2-deoxy-beta-D-glucopyranose 'C8 H15 N O6'
#
# COMPACT_ATOMS: atom_id res chain seq x y z
N LYS A 1 11.67 -35.18 39.63
CA LYS A 1 10.64 -34.65 38.75
C LYS A 1 11.20 -33.62 37.77
N PRO A 2 12.10 -34.05 36.88
CA PRO A 2 12.62 -33.13 35.86
C PRO A 2 11.54 -32.70 34.89
N ARG A 3 11.90 -31.75 34.02
CA ARG A 3 11.04 -31.34 32.93
C ARG A 3 11.91 -30.95 31.74
N LEU A 4 11.41 -31.21 30.54
CA LEU A 4 12.00 -30.73 29.31
C LEU A 4 11.09 -29.63 28.80
N LEU A 5 11.66 -28.47 28.49
CA LEU A 5 10.88 -27.29 28.14
C LEU A 5 11.11 -26.91 26.69
N LEU A 6 10.02 -26.69 25.97
CA LEU A 6 10.06 -26.42 24.53
C LEU A 6 9.58 -25.00 24.30
N PHE A 7 10.41 -24.21 23.63
CA PHE A 7 10.09 -22.83 23.31
C PHE A 7 10.20 -22.65 21.80
N SER A 8 9.31 -21.84 21.23
CA SER A 8 9.37 -21.53 19.81
C SER A 8 8.39 -20.41 19.53
N PRO A 9 8.70 -19.53 18.58
CA PRO A 9 7.75 -18.46 18.24
C PRO A 9 6.44 -19.07 17.78
N SER A 10 5.34 -18.39 18.12
CA SER A 10 4.02 -18.96 17.94
C SER A 10 3.64 -19.14 16.47
N VAL A 11 4.41 -18.57 15.54
CA VAL A 11 4.12 -18.69 14.12
C VAL A 11 5.40 -19.10 13.40
N VAL A 12 5.29 -20.09 12.52
CA VAL A 12 6.41 -20.58 11.72
C VAL A 12 6.18 -20.19 10.28
N HIS A 13 7.11 -19.43 9.71
CA HIS A 13 7.01 -18.97 8.33
C HIS A 13 7.69 -19.97 7.42
N LEU A 14 6.92 -20.53 6.49
CA LEU A 14 7.46 -21.53 5.58
C LEU A 14 8.59 -20.95 4.76
N GLY A 15 9.70 -21.67 4.70
CA GLY A 15 10.83 -21.28 3.88
C GLY A 15 11.93 -20.53 4.60
N VAL A 16 11.79 -20.27 5.90
CA VAL A 16 12.82 -19.57 6.65
C VAL A 16 13.11 -20.37 7.92
N PRO A 17 14.34 -20.37 8.42
CA PRO A 17 14.63 -21.18 9.61
C PRO A 17 13.83 -20.72 10.82
N LEU A 18 13.45 -21.68 11.65
CA LEU A 18 12.64 -21.45 12.83
C LEU A 18 13.49 -21.66 14.07
N SER A 19 13.50 -20.67 14.97
CA SER A 19 14.30 -20.75 16.19
C SER A 19 13.52 -21.45 17.28
N VAL A 20 14.09 -22.51 17.83
CA VAL A 20 13.47 -23.32 18.87
C VAL A 20 14.39 -23.33 20.08
N GLY A 21 13.80 -23.28 21.27
CA GLY A 21 14.57 -23.33 22.49
C GLY A 21 14.20 -24.50 23.35
N VAL A 22 15.19 -25.32 23.71
CA VAL A 22 14.99 -26.48 24.57
C VAL A 22 15.84 -26.28 25.81
N GLN A 23 15.24 -26.46 26.98
CA GLN A 23 15.90 -26.21 28.26
C GLN A 23 15.39 -27.19 29.30
N LEU A 24 16.32 -27.80 30.04
CA LEU A 24 15.97 -28.73 31.08
C LEU A 24 15.59 -27.99 32.37
N GLN A 25 14.97 -28.72 33.29
CA GLN A 25 14.59 -28.17 34.57
C GLN A 25 14.65 -29.29 35.61
N ASP A 26 15.37 -29.03 36.71
CA ASP A 26 15.44 -29.97 37.83
C ASP A 26 15.95 -31.35 37.37
N VAL A 27 17.19 -31.36 36.90
CA VAL A 27 17.82 -32.60 36.45
C VAL A 27 18.68 -33.15 37.57
N PRO A 28 18.84 -34.47 37.70
CA PRO A 28 19.68 -35.01 38.78
C PRO A 28 21.16 -34.71 38.64
N ARG A 29 21.58 -33.99 37.60
CA ARG A 29 22.95 -33.57 37.35
C ARG A 29 23.81 -34.69 36.80
N GLY A 30 23.31 -35.92 36.70
CA GLY A 30 24.13 -37.03 36.26
C GLY A 30 23.69 -37.66 34.96
N GLN A 31 22.62 -37.14 34.34
CA GLN A 31 22.07 -37.72 33.14
C GLN A 31 22.03 -36.67 32.03
N VAL A 32 22.37 -37.10 30.82
CA VAL A 32 22.38 -36.25 29.64
C VAL A 32 21.21 -36.65 28.76
N VAL A 33 20.39 -35.67 28.37
CA VAL A 33 19.20 -35.92 27.58
C VAL A 33 19.49 -35.65 26.12
N LYS A 34 19.09 -36.58 25.26
CA LYS A 34 19.25 -36.45 23.82
C LYS A 34 17.91 -36.65 23.14
N GLY A 35 17.74 -35.99 21.99
CA GLY A 35 16.49 -36.08 21.27
C GLY A 35 16.57 -35.31 19.97
N SER A 36 15.40 -35.10 19.37
CA SER A 36 15.32 -34.38 18.10
C SER A 36 14.00 -33.64 18.04
N VAL A 37 14.01 -32.48 17.38
CA VAL A 37 12.83 -31.65 17.21
C VAL A 37 12.54 -31.52 15.72
N PHE A 38 11.26 -31.58 15.37
CA PHE A 38 10.84 -31.48 13.98
C PHE A 38 9.39 -31.06 13.94
N LEU A 39 8.95 -30.59 12.77
CA LEU A 39 7.57 -30.22 12.54
C LEU A 39 6.83 -31.38 11.88
N ARG A 40 5.63 -31.65 12.37
CA ARG A 40 4.80 -32.71 11.80
C ARG A 40 3.35 -32.27 11.86
N ASN A 41 2.59 -32.59 10.81
CA ASN A 41 1.17 -32.27 10.79
C ASN A 41 0.37 -33.51 11.11
N PRO A 42 -0.32 -33.58 12.25
CA PRO A 42 -1.06 -34.80 12.58
C PRO A 42 -2.18 -35.11 11.61
N SER A 43 -2.63 -34.14 10.83
CA SER A 43 -3.71 -34.39 9.88
C SER A 43 -3.31 -35.37 8.80
N ARG A 44 -2.01 -35.61 8.61
CA ARG A 44 -1.55 -36.50 7.55
C ARG A 44 -0.65 -37.59 8.14
N ASN A 45 -1.10 -38.21 9.22
CA ASN A 45 -0.41 -39.37 9.81
C ASN A 45 1.01 -39.01 10.22
N ASN A 46 1.16 -37.88 10.90
CA ASN A 46 2.42 -37.49 11.52
C ASN A 46 3.59 -37.56 10.53
N VAL A 47 3.36 -37.06 9.32
CA VAL A 47 4.42 -37.00 8.31
C VAL A 47 5.27 -35.78 8.62
N PRO A 48 6.58 -35.93 8.85
CA PRO A 48 7.39 -34.76 9.22
C PRO A 48 7.41 -33.72 8.10
N CYS A 49 7.35 -32.45 8.51
CA CYS A 49 7.38 -31.33 7.58
C CYS A 49 8.73 -30.62 7.54
N SER A 50 9.72 -31.11 8.29
CA SER A 50 11.03 -30.49 8.29
C SER A 50 12.06 -31.52 8.74
N PRO A 51 13.31 -31.40 8.31
CA PRO A 51 14.33 -32.34 8.79
C PRO A 51 14.51 -32.23 10.30
N LYS A 52 14.72 -33.37 10.94
CA LYS A 52 14.90 -33.41 12.38
C LYS A 52 16.23 -32.79 12.77
N VAL A 53 16.23 -32.04 13.87
CA VAL A 53 17.44 -31.46 14.43
C VAL A 53 17.54 -31.91 15.88
N ASP A 54 18.73 -32.35 16.27
CA ASP A 54 18.97 -32.87 17.61
C ASP A 54 19.70 -31.84 18.44
N PHE A 55 19.46 -31.88 19.75
CA PHE A 55 19.98 -30.88 20.68
C PHE A 55 20.97 -31.44 21.69
N THR A 56 20.68 -32.58 22.30
CA THR A 56 21.62 -33.25 23.19
C THR A 56 22.05 -32.34 24.34
N LEU A 57 21.09 -31.65 24.95
CA LEU A 57 21.41 -30.76 26.07
C LEU A 57 21.73 -31.59 27.31
N SER A 58 22.73 -31.14 28.06
CA SER A 58 23.17 -31.79 29.28
C SER A 58 22.86 -30.91 30.49
N SER A 59 23.07 -31.47 31.68
CA SER A 59 22.75 -30.75 32.90
C SER A 59 23.69 -29.57 33.14
N GLU A 60 24.96 -29.72 32.80
CA GLU A 60 25.91 -28.62 32.99
C GLU A 60 25.52 -27.41 32.14
N ARG A 61 25.05 -27.66 30.92
CA ARG A 61 24.55 -26.61 30.02
C ARG A 61 23.17 -27.06 29.53
N ASP A 62 22.14 -26.73 30.32
CA ASP A 62 20.79 -27.17 29.97
C ASP A 62 20.24 -26.35 28.80
N PHE A 63 20.25 -25.03 28.90
CA PHE A 63 19.73 -24.20 27.83
C PHE A 63 20.45 -24.52 26.52
N ALA A 64 19.68 -24.60 25.45
CA ALA A 64 20.24 -24.88 24.12
C ALA A 64 19.31 -24.29 23.07
N LEU A 65 19.81 -23.32 22.32
CA LEU A 65 19.05 -22.69 21.24
C LEU A 65 19.43 -23.36 19.93
N LEU A 66 18.46 -23.94 19.25
CA LEU A 66 18.68 -24.64 18.00
C LEU A 66 17.66 -24.19 16.96
N SER A 67 18.08 -24.17 15.70
CA SER A 67 17.27 -23.66 14.62
C SER A 67 16.76 -24.80 13.73
N LEU A 68 15.52 -24.68 13.29
CA LEU A 68 14.89 -25.64 12.40
C LEU A 68 14.72 -25.04 11.01
N GLN A 69 15.10 -25.81 9.99
CA GLN A 69 14.87 -25.42 8.61
C GLN A 69 13.50 -25.89 8.17
N VAL A 70 12.79 -25.05 7.42
CA VAL A 70 11.47 -25.40 6.92
C VAL A 70 11.42 -25.13 5.42
N PRO A 71 12.03 -25.97 4.59
CA PRO A 71 11.98 -25.76 3.15
C PRO A 71 10.56 -25.87 2.62
N LEU A 72 10.30 -25.17 1.52
CA LEU A 72 8.97 -25.21 0.91
C LEU A 72 8.64 -26.61 0.43
N LYS A 73 9.61 -27.31 -0.16
CA LYS A 73 9.34 -28.63 -0.72
C LYS A 73 8.88 -29.60 0.35
N ASP A 74 9.52 -29.56 1.53
CA ASP A 74 9.09 -30.44 2.61
C ASP A 74 7.67 -30.16 3.04
N ALA A 75 7.29 -28.88 3.11
CA ALA A 75 5.92 -28.54 3.48
C ALA A 75 4.92 -29.10 2.47
N LYS A 76 5.24 -28.99 1.19
CA LYS A 76 4.35 -29.54 0.16
C LYS A 76 4.21 -31.04 0.29
N SER A 77 5.31 -31.75 0.54
CA SER A 77 5.26 -33.20 0.60
C SER A 77 4.42 -33.67 1.78
N CYS A 78 4.54 -33.01 2.94
CA CYS A 78 3.79 -33.43 4.11
C CYS A 78 2.34 -32.94 4.10
N GLY A 79 1.96 -32.14 3.12
CA GLY A 79 0.56 -31.79 2.92
C GLY A 79 0.06 -30.66 3.79
N LEU A 80 0.91 -29.66 4.03
CA LEU A 80 0.47 -28.50 4.80
C LEU A 80 -0.44 -27.58 4.02
N HIS A 81 -0.37 -27.61 2.68
CA HIS A 81 -1.22 -26.76 1.87
C HIS A 81 -2.59 -27.38 1.59
N GLN A 82 -2.79 -28.64 1.93
CA GLN A 82 -4.07 -29.31 1.73
C GLN A 82 -5.00 -29.19 2.92
N LEU A 83 -4.58 -28.52 4.00
CA LEU A 83 -5.43 -28.38 5.16
C LEU A 83 -6.65 -27.53 4.83
N LEU A 84 -7.74 -27.80 5.53
CA LEU A 84 -9.02 -27.14 5.32
C LEU A 84 -9.38 -26.16 6.44
N ARG A 85 -9.12 -26.53 7.70
CA ARG A 85 -9.47 -25.70 8.84
C ARG A 85 -8.24 -24.91 9.29
N GLY A 86 -7.95 -23.85 8.56
CA GLY A 86 -6.90 -22.93 8.93
C GLY A 86 -5.53 -23.57 8.93
N PRO A 87 -4.48 -22.75 9.04
CA PRO A 87 -3.12 -23.29 9.09
C PRO A 87 -2.70 -23.66 10.49
N GLU A 88 -2.28 -24.91 10.69
CA GLU A 88 -1.87 -25.39 12.00
C GLU A 88 -0.88 -26.52 11.82
N VAL A 89 0.33 -26.35 12.33
CA VAL A 89 1.38 -27.37 12.29
C VAL A 89 1.89 -27.58 13.70
N GLN A 90 2.31 -28.80 13.98
CA GLN A 90 2.78 -29.20 15.30
C GLN A 90 4.30 -29.31 15.30
N LEU A 91 4.93 -28.70 16.28
CA LEU A 91 6.37 -28.84 16.52
C LEU A 91 6.56 -29.72 17.75
N VAL A 92 7.25 -30.84 17.57
CA VAL A 92 7.39 -31.83 18.63
C VAL A 92 8.86 -32.07 18.89
N ALA A 93 9.14 -32.56 20.10
CA ALA A 93 10.48 -32.97 20.50
C ALA A 93 10.45 -34.45 20.83
N HIS A 94 11.25 -35.23 20.12
CA HIS A 94 11.31 -36.68 20.30
C HIS A 94 12.56 -37.00 21.11
N SER A 95 12.37 -37.60 22.28
CA SER A 95 13.48 -37.91 23.16
C SER A 95 13.14 -39.12 24.02
N PRO A 96 13.86 -40.24 23.89
CA PRO A 96 13.52 -41.42 24.69
C PRO A 96 13.64 -41.17 26.18
N TRP A 97 14.40 -40.15 26.59
CA TRP A 97 14.52 -39.83 28.01
C TRP A 97 13.15 -39.59 28.64
N LEU A 98 12.20 -39.07 27.86
CA LEU A 98 10.89 -38.74 28.40
C LEU A 98 10.18 -39.99 28.91
N LYS A 99 10.08 -41.02 28.06
CA LYS A 99 9.30 -42.20 28.42
C LYS A 99 10.02 -43.08 29.43
N ASP A 100 11.33 -43.29 29.24
CA ASP A 100 12.04 -44.28 30.05
C ASP A 100 12.29 -43.79 31.47
N SER A 101 12.69 -42.53 31.63
CA SER A 101 13.06 -42.02 32.95
C SER A 101 11.88 -41.35 33.65
N LEU A 102 11.32 -40.32 33.04
CA LEU A 102 10.20 -39.60 33.64
C LEU A 102 8.93 -40.44 33.69
N SER A 103 8.89 -41.57 32.98
CA SER A 103 7.69 -42.42 32.94
C SER A 103 6.48 -41.63 32.45
N ARG A 104 6.61 -41.08 31.25
CA ARG A 104 5.53 -40.37 30.59
C ARG A 104 4.76 -41.34 29.71
N THR A 105 3.51 -40.99 29.42
CA THR A 105 2.66 -41.87 28.61
C THR A 105 3.26 -42.10 27.23
N THR A 106 4.05 -41.17 26.73
CA THR A 106 4.63 -41.27 25.40
C THR A 106 5.91 -40.44 25.34
N ASN A 107 6.88 -40.90 24.55
CA ASN A 107 8.16 -40.21 24.44
C ASN A 107 8.08 -39.07 23.43
N ILE A 108 7.12 -38.18 23.60
CA ILE A 108 6.97 -37.02 22.72
C ILE A 108 6.43 -35.87 23.53
N GLN A 109 6.84 -34.66 23.16
CA GLN A 109 6.36 -33.44 23.81
C GLN A 109 6.50 -32.31 22.81
N GLY A 110 5.40 -31.61 22.53
CA GLY A 110 5.38 -30.63 21.47
C GLY A 110 4.46 -29.47 21.79
N ILE A 111 4.38 -28.56 20.82
CA ILE A 111 3.58 -27.34 20.92
C ILE A 111 2.92 -27.11 19.57
N ASN A 112 1.67 -26.63 19.61
CA ASN A 112 0.94 -26.34 18.39
C ASN A 112 1.32 -24.97 17.87
N LEU A 113 1.69 -24.90 16.59
CA LEU A 113 2.12 -23.67 15.95
C LEU A 113 1.25 -23.37 14.76
N LEU A 114 0.95 -22.10 14.56
CA LEU A 114 0.39 -21.62 13.30
C LEU A 114 1.52 -21.44 12.30
N PHE A 115 1.18 -21.52 11.02
CA PHE A 115 2.15 -21.33 9.96
C PHE A 115 1.57 -20.40 8.91
N SER A 116 2.47 -19.70 8.22
CA SER A 116 2.08 -18.82 7.13
C SER A 116 3.21 -18.79 6.11
N SER A 117 2.85 -18.60 4.85
CA SER A 117 3.84 -18.53 3.79
C SER A 117 4.52 -17.17 3.71
N ARG A 118 4.06 -16.19 4.47
CA ARG A 118 4.67 -14.87 4.46
C ARG A 118 6.14 -14.96 4.83
N ARG A 119 7.00 -14.36 4.00
CA ARG A 119 8.44 -14.40 4.24
C ARG A 119 9.09 -13.29 3.43
N GLY A 120 10.28 -12.90 3.87
CA GLY A 120 11.04 -11.89 3.15
C GLY A 120 10.33 -10.55 3.12
N HIS A 121 11.03 -9.56 2.57
CA HIS A 121 10.52 -8.20 2.45
C HIS A 121 10.63 -7.74 1.02
N LEU A 122 9.54 -7.23 0.48
CA LEU A 122 9.50 -6.69 -0.87
C LEU A 122 9.21 -5.19 -0.79
N PHE A 123 10.06 -4.39 -1.42
CA PHE A 123 9.92 -2.94 -1.44
C PHE A 123 9.76 -2.49 -2.88
N LEU A 124 8.64 -1.85 -3.19
CA LEU A 124 8.33 -1.38 -4.52
C LEU A 124 8.54 0.12 -4.61
N GLN A 125 9.19 0.56 -5.68
CA GLN A 125 9.47 1.95 -5.93
C GLN A 125 8.95 2.32 -7.31
N THR A 126 8.30 3.47 -7.40
CA THR A 126 7.72 3.95 -8.65
C THR A 126 8.48 5.17 -9.14
N ASP A 127 8.36 5.43 -10.44
CA ASP A 127 9.06 6.55 -11.05
C ASP A 127 8.68 7.87 -10.39
N GLN A 128 7.38 8.13 -10.25
CA GLN A 128 6.86 9.38 -9.72
C GLN A 128 5.74 9.07 -8.74
N PRO A 129 5.46 9.99 -7.80
CA PRO A 129 4.34 9.75 -6.88
C PRO A 129 2.99 9.79 -7.57
N ILE A 130 2.83 10.61 -8.61
CA ILE A 130 1.56 10.83 -9.28
C ILE A 130 1.78 10.83 -10.79
N TYR A 131 0.89 10.20 -11.52
CA TYR A 131 0.95 10.12 -12.98
C TYR A 131 -0.32 10.70 -13.58
N ASN A 132 -0.26 10.97 -14.88
CA ASN A 132 -1.44 11.35 -15.64
C ASN A 132 -1.61 10.43 -16.83
N PRO A 133 -2.85 10.17 -17.26
CA PRO A 133 -3.08 9.12 -18.24
C PRO A 133 -2.27 9.32 -19.51
N GLY A 134 -1.79 8.22 -20.06
CA GLY A 134 -0.94 8.24 -21.23
C GLY A 134 0.54 8.22 -20.94
N GLN A 135 0.95 8.46 -19.69
CA GLN A 135 2.36 8.50 -19.34
C GLN A 135 2.84 7.11 -18.97
N ARG A 136 4.14 6.89 -19.15
CA ARG A 136 4.76 5.59 -18.90
C ARG A 136 5.19 5.49 -17.45
N VAL A 137 4.84 4.37 -16.81
CA VAL A 137 5.14 4.13 -15.41
C VAL A 137 6.34 3.21 -15.33
N ARG A 138 7.37 3.64 -14.60
CA ARG A 138 8.58 2.85 -14.38
C ARG A 138 8.65 2.48 -12.91
N TYR A 139 8.59 1.19 -12.62
CA TYR A 139 8.61 0.69 -11.25
C TYR A 139 9.65 -0.42 -11.12
N ARG A 140 10.30 -0.48 -9.96
CA ARG A 140 11.23 -1.54 -9.65
C ARG A 140 10.97 -2.04 -8.24
N VAL A 141 11.20 -3.33 -8.03
CA VAL A 141 10.91 -3.99 -6.76
C VAL A 141 12.19 -4.63 -6.25
N PHE A 142 12.47 -4.45 -4.96
CA PHE A 142 13.63 -5.02 -4.30
C PHE A 142 13.18 -6.22 -3.48
N ALA A 143 13.87 -7.34 -3.64
CA ALA A 143 13.57 -8.56 -2.91
C ALA A 143 14.61 -8.76 -1.81
N LEU A 144 14.12 -8.97 -0.59
CA LEU A 144 14.98 -9.12 0.58
C LEU A 144 14.53 -10.33 1.38
N ASP A 145 15.48 -11.06 1.93
CA ASP A 145 15.17 -12.22 2.75
C ASP A 145 14.91 -11.75 4.18
N GLN A 146 14.75 -12.70 5.11
CA GLN A 146 14.40 -12.35 6.48
C GLN A 146 15.50 -11.51 7.13
N LYS A 147 16.75 -11.86 6.89
CA LYS A 147 17.88 -11.17 7.52
C LYS A 147 18.22 -9.85 6.86
N MET A 148 17.36 -9.35 5.97
CA MET A 148 17.51 -8.05 5.30
C MET A 148 18.59 -8.06 4.24
N ARG A 149 19.20 -9.21 3.94
CA ARG A 149 20.16 -9.30 2.86
C ARG A 149 19.44 -9.56 1.55
N PRO A 150 20.02 -9.13 0.42
CA PRO A 150 19.34 -9.32 -0.86
C PRO A 150 19.10 -10.78 -1.17
N SER A 151 17.95 -11.06 -1.76
CA SER A 151 17.54 -12.42 -2.11
C SER A 151 17.42 -12.54 -3.61
N THR A 152 17.30 -13.79 -4.08
CA THR A 152 17.24 -14.11 -5.49
C THR A 152 16.14 -15.12 -5.78
N ASP A 153 14.97 -14.92 -5.17
CA ASP A 153 13.84 -15.81 -5.37
C ASP A 153 12.93 -15.26 -6.46
N THR A 154 12.12 -16.15 -7.03
CA THR A 154 11.18 -15.76 -8.07
C THR A 154 10.02 -14.98 -7.46
N ILE A 155 9.67 -13.87 -8.11
CA ILE A 155 8.58 -13.01 -7.66
C ILE A 155 7.63 -12.76 -8.81
N THR A 156 6.39 -12.41 -8.47
CA THR A 156 5.36 -12.09 -9.45
C THR A 156 4.81 -10.71 -9.12
N VAL A 157 4.83 -9.81 -10.10
CA VAL A 157 4.40 -8.43 -9.92
C VAL A 157 3.12 -8.23 -10.72
N MET A 158 2.04 -7.88 -10.03
CA MET A 158 0.75 -7.67 -10.65
C MET A 158 0.28 -6.25 -10.36
N VAL A 159 -0.07 -5.52 -11.42
CA VAL A 159 -0.54 -4.15 -11.32
C VAL A 159 -2.07 -4.17 -11.34
N GLU A 160 -2.68 -3.42 -10.43
CA GLU A 160 -4.12 -3.40 -10.29
C GLU A 160 -4.70 -2.07 -10.76
N ASN A 161 -5.87 -2.14 -11.36
CA ASN A 161 -6.55 -0.97 -11.88
C ASN A 161 -7.22 -0.20 -10.74
N SER A 162 -7.68 1.01 -11.05
CA SER A 162 -8.32 1.84 -10.03
C SER A 162 -9.48 1.12 -9.38
N HIS A 163 -10.17 0.25 -10.11
CA HIS A 163 -11.31 -0.49 -9.60
C HIS A 163 -10.89 -1.80 -8.92
N GLY A 164 -9.60 -2.10 -8.85
CA GLY A 164 -9.14 -3.37 -8.34
C GLY A 164 -8.97 -4.45 -9.39
N LEU A 165 -8.92 -4.08 -10.66
CA LEU A 165 -8.81 -5.04 -11.75
C LEU A 165 -7.36 -5.16 -12.19
N ARG A 166 -6.84 -6.37 -12.20
CA ARG A 166 -5.47 -6.59 -12.62
C ARG A 166 -5.31 -6.25 -14.10
N VAL A 167 -4.20 -5.60 -14.44
CA VAL A 167 -3.91 -5.22 -15.82
C VAL A 167 -2.48 -5.62 -16.17
N ARG A 168 -1.88 -6.47 -15.35
CA ARG A 168 -0.51 -6.91 -15.60
C ARG A 168 -0.17 -8.02 -14.61
N LYS A 169 0.68 -8.94 -15.05
CA LYS A 169 1.18 -9.99 -14.18
C LYS A 169 2.42 -10.59 -14.84
N LYS A 170 3.57 -10.46 -14.19
CA LYS A 170 4.84 -10.90 -14.76
C LYS A 170 5.58 -11.74 -13.73
N GLU A 171 5.57 -13.06 -13.93
CA GLU A 171 6.34 -13.97 -13.08
C GLU A 171 7.79 -13.92 -13.55
N VAL A 172 8.63 -13.21 -12.81
CA VAL A 172 10.03 -13.00 -13.17
C VAL A 172 10.91 -13.58 -12.09
N TYR A 173 11.84 -14.44 -12.48
CA TYR A 173 12.89 -14.93 -11.60
C TYR A 173 14.11 -14.04 -11.77
N MET A 174 14.64 -13.55 -10.66
CA MET A 174 15.56 -12.42 -10.65
C MET A 174 16.80 -12.76 -9.83
N PRO A 175 17.98 -12.80 -10.45
CA PRO A 175 19.21 -13.06 -9.69
C PRO A 175 19.89 -11.81 -9.14
N SER A 176 19.53 -10.63 -9.62
CA SER A 176 20.17 -9.40 -9.18
C SER A 176 19.49 -8.77 -7.97
N SER A 177 18.35 -9.30 -7.54
CA SER A 177 17.60 -8.77 -6.40
C SER A 177 16.94 -7.43 -6.70
N ILE A 178 17.01 -6.98 -7.96
CA ILE A 178 16.33 -5.76 -8.40
C ILE A 178 15.71 -6.05 -9.76
N PHE A 179 14.43 -5.71 -9.91
CA PHE A 179 13.68 -6.05 -11.12
C PHE A 179 12.99 -4.78 -11.64
N GLN A 180 13.53 -4.21 -12.70
CA GLN A 180 13.00 -2.97 -13.26
C GLN A 180 12.08 -3.28 -14.44
N ASP A 181 10.86 -2.75 -14.38
CA ASP A 181 9.86 -2.97 -15.41
C ASP A 181 8.97 -1.75 -15.51
N ASP A 182 8.32 -1.59 -16.65
CA ASP A 182 7.51 -0.41 -16.90
C ASP A 182 6.30 -0.79 -17.73
N PHE A 183 5.30 0.10 -17.72
CA PHE A 183 4.12 -0.07 -18.55
C PHE A 183 3.54 1.31 -18.82
N VAL A 184 2.48 1.35 -19.62
CA VAL A 184 1.85 2.59 -20.06
C VAL A 184 0.42 2.63 -19.54
N ILE A 185 0.07 3.70 -18.86
CA ILE A 185 -1.31 3.86 -18.39
C ILE A 185 -2.22 4.09 -19.60
N PRO A 186 -3.41 3.48 -19.64
CA PRO A 186 -4.31 3.74 -20.78
C PRO A 186 -4.63 5.21 -20.90
N ASP A 187 -4.70 5.69 -22.14
CA ASP A 187 -4.93 7.11 -22.39
C ASP A 187 -6.30 7.56 -21.90
N ILE A 188 -7.23 6.63 -21.66
CA ILE A 188 -8.59 6.96 -21.25
C ILE A 188 -8.80 6.74 -19.76
N SER A 189 -7.76 6.40 -19.02
CA SER A 189 -7.93 6.05 -17.62
C SER A 189 -8.50 7.23 -16.85
N GLU A 190 -9.57 6.97 -16.09
CA GLU A 190 -10.15 7.99 -15.24
C GLU A 190 -9.24 8.26 -14.05
N PRO A 191 -9.32 9.44 -13.46
CA PRO A 191 -8.50 9.72 -12.27
C PRO A 191 -8.80 8.73 -11.15
N GLY A 192 -7.75 8.31 -10.45
CA GLY A 192 -7.91 7.33 -9.39
C GLY A 192 -6.56 6.94 -8.83
N THR A 193 -6.59 5.95 -7.96
CA THR A 193 -5.39 5.43 -7.31
C THR A 193 -5.16 3.99 -7.72
N TRP A 194 -4.00 3.71 -8.29
CA TRP A 194 -3.65 2.38 -8.75
C TRP A 194 -2.95 1.62 -7.62
N LYS A 195 -2.34 0.48 -7.95
CA LYS A 195 -1.60 -0.29 -6.95
C LYS A 195 -0.71 -1.30 -7.67
N ILE A 196 0.56 -1.34 -7.29
CA ILE A 196 1.50 -2.33 -7.79
C ILE A 196 1.79 -3.29 -6.65
N SER A 197 1.44 -4.55 -6.83
CA SER A 197 1.64 -5.57 -5.81
C SER A 197 2.68 -6.57 -6.28
N ALA A 198 3.54 -7.00 -5.37
CA ALA A 198 4.56 -8.00 -5.67
C ALA A 198 4.61 -9.02 -4.54
N ARG A 199 4.88 -10.26 -4.90
CA ARG A 199 4.98 -11.33 -3.91
C ARG A 199 5.95 -12.38 -4.42
N PHE A 200 6.50 -13.15 -3.49
CA PHE A 200 7.34 -14.28 -3.87
C PHE A 200 6.49 -15.35 -4.52
N SER A 201 7.05 -16.02 -5.53
CA SER A 201 6.28 -16.99 -6.29
C SER A 201 5.81 -18.13 -5.41
N ASP A 202 6.74 -18.76 -4.69
CA ASP A 202 6.37 -19.89 -3.84
C ASP A 202 5.43 -19.47 -2.72
N GLY A 203 5.72 -18.33 -2.07
CA GLY A 203 4.81 -17.81 -1.08
C GLY A 203 3.53 -17.31 -1.69
N LEU A 204 2.45 -17.38 -0.91
CA LEU A 204 1.13 -17.00 -1.40
C LEU A 204 0.57 -15.75 -0.73
N GLU A 205 0.92 -15.50 0.52
CA GLU A 205 0.49 -14.31 1.25
C GLU A 205 1.68 -13.50 1.72
N SER A 206 2.73 -13.45 0.89
CA SER A 206 3.93 -12.67 1.18
C SER A 206 3.99 -11.40 0.33
N ASN A 207 2.84 -10.84 0.01
CA ASN A 207 2.76 -9.72 -0.92
C ASN A 207 3.20 -8.42 -0.27
N SER A 208 3.49 -7.44 -1.11
CA SER A 208 3.80 -6.08 -0.68
C SER A 208 3.44 -5.15 -1.83
N SER A 209 2.91 -3.98 -1.51
CA SER A 209 2.33 -3.10 -2.51
C SER A 209 2.82 -1.67 -2.34
N THR A 210 2.79 -0.93 -3.44
CA THR A 210 3.01 0.50 -3.44
C THR A 210 1.98 1.14 -4.36
N GLN A 211 1.32 2.19 -3.87
CA GLN A 211 0.24 2.84 -4.60
C GLN A 211 0.76 4.09 -5.28
N PHE A 212 0.36 4.26 -6.53
CA PHE A 212 0.60 5.50 -7.26
C PHE A 212 -0.73 6.02 -7.78
N GLU A 213 -0.84 7.33 -7.89
CA GLU A 213 -2.09 7.99 -8.22
C GLU A 213 -2.10 8.42 -9.68
N VAL A 214 -3.20 8.14 -10.37
CA VAL A 214 -3.41 8.57 -11.73
C VAL A 214 -4.38 9.74 -11.70
N LYS A 215 -3.96 10.88 -12.26
CA LYS A 215 -4.77 12.08 -12.22
C LYS A 215 -4.32 13.02 -13.32
N LYS A 216 -5.27 13.69 -13.96
CA LYS A 216 -4.96 14.64 -15.02
C LYS A 216 -4.49 15.93 -14.37
N TYR A 217 -3.19 16.19 -14.43
CA TYR A 217 -2.60 17.35 -13.80
C TYR A 217 -1.64 18.02 -14.77
N VAL A 218 -1.38 19.30 -14.53
CA VAL A 218 -0.34 20.06 -15.22
C VAL A 218 0.63 20.53 -14.16
N LEU A 219 1.92 20.30 -14.40
CA LEU A 219 2.91 20.43 -13.35
C LEU A 219 2.91 21.86 -12.79
N PRO A 220 2.63 22.06 -11.51
CA PRO A 220 2.52 23.43 -11.00
C PRO A 220 3.85 24.16 -11.00
N ASN A 221 3.78 25.48 -11.05
CA ASN A 221 4.97 26.33 -11.07
C ASN A 221 5.39 26.77 -9.68
N PHE A 222 4.44 26.97 -8.77
CA PHE A 222 4.75 27.41 -7.42
C PHE A 222 3.90 26.64 -6.42
N GLU A 223 4.36 26.62 -5.18
CA GLU A 223 3.75 25.85 -4.11
C GLU A 223 3.18 26.80 -3.07
N VAL A 224 1.99 26.49 -2.59
CA VAL A 224 1.31 27.28 -1.56
C VAL A 224 1.02 26.38 -0.37
N LYS A 225 1.38 26.85 0.82
CA LYS A 225 1.17 26.10 2.05
C LYS A 225 0.64 27.05 3.12
N ILE A 226 -0.38 26.58 3.83
CA ILE A 226 -1.03 27.36 4.89
C ILE A 226 -0.62 26.76 6.22
N THR A 227 0.11 27.54 7.02
CA THR A 227 0.61 27.07 8.30
C THR A 227 -0.10 27.79 9.43
N PRO A 228 -0.97 27.13 10.20
CA PRO A 228 -1.64 27.82 11.31
C PRO A 228 -0.66 28.16 12.42
N GLY A 229 -1.03 29.17 13.20
CA GLY A 229 -0.18 29.60 14.30
C GLY A 229 0.04 28.51 15.32
N LYS A 230 -1.02 27.74 15.64
CA LYS A 230 -0.93 26.61 16.53
C LYS A 230 -1.83 25.52 15.95
N PRO A 231 -1.36 24.28 15.87
CA PRO A 231 -2.18 23.22 15.26
C PRO A 231 -3.48 22.93 16.02
N TYR A 232 -3.69 23.59 17.16
CA TYR A 232 -4.85 23.35 18.00
C TYR A 232 -5.53 24.66 18.33
N ILE A 233 -6.81 24.57 18.68
CA ILE A 233 -7.59 25.71 19.14
C ILE A 233 -8.37 25.28 20.39
N LEU A 234 -8.13 25.97 21.49
CA LEU A 234 -8.87 25.66 22.72
C LEU A 234 -10.32 26.08 22.58
N THR A 235 -11.23 25.22 23.05
CA THR A 235 -12.65 25.49 23.01
C THR A 235 -13.28 25.35 24.39
N VAL A 236 -12.49 25.52 25.45
CA VAL A 236 -12.99 25.43 26.81
C VAL A 236 -13.94 26.60 27.04
N PRO A 237 -14.93 26.47 27.92
CA PRO A 237 -15.87 27.58 28.15
C PRO A 237 -15.14 28.82 28.65
N GLY A 238 -15.60 29.99 28.19
CA GLY A 238 -15.02 31.24 28.60
C GLY A 238 -13.87 31.69 27.74
N HIS A 239 -12.85 30.87 27.62
CA HIS A 239 -11.63 31.21 26.88
C HIS A 239 -11.67 30.50 25.52
N LEU A 240 -11.53 31.28 24.45
CA LEU A 240 -11.44 30.76 23.08
C LEU A 240 -10.22 31.41 22.43
N ASP A 241 -9.17 30.62 22.23
CA ASP A 241 -7.91 31.16 21.71
C ASP A 241 -8.12 31.75 20.33
N GLU A 242 -7.44 32.87 20.07
CA GLU A 242 -7.57 33.52 18.78
C GLU A 242 -7.04 32.63 17.67
N MET A 243 -7.66 32.70 16.51
CA MET A 243 -7.33 31.84 15.37
C MET A 243 -6.57 32.66 14.33
N GLN A 244 -5.25 32.55 14.33
CA GLN A 244 -4.41 33.25 13.37
C GLN A 244 -3.57 32.23 12.62
N LEU A 245 -3.49 32.39 11.30
CA LEU A 245 -2.72 31.49 10.44
C LEU A 245 -1.93 32.30 9.45
N ASP A 246 -0.86 31.68 8.94
CA ASP A 246 0.05 32.31 7.99
C ASP A 246 -0.03 31.58 6.66
N ILE A 247 0.00 32.33 5.57
CA ILE A 247 -0.07 31.80 4.22
C ILE A 247 1.22 32.14 3.50
N GLN A 248 1.86 31.13 2.91
CA GLN A 248 3.13 31.32 2.23
C GLN A 248 3.05 30.71 0.83
N ALA A 249 3.41 31.48 -0.17
CA ALA A 249 3.53 31.02 -1.54
C ALA A 249 4.96 31.24 -2.00
N ARG A 250 5.57 30.19 -2.54
CA ARG A 250 6.97 30.24 -2.94
C ARG A 250 7.14 29.47 -4.23
N TYR A 251 7.84 30.06 -5.19
CA TYR A 251 8.15 29.34 -6.41
C TYR A 251 8.96 28.09 -6.08
N ILE A 252 8.80 27.06 -6.91
CA ILE A 252 9.44 25.78 -6.62
C ILE A 252 10.94 25.95 -6.48
N TYR A 253 11.55 26.75 -7.36
CA TYR A 253 13.00 26.92 -7.31
C TYR A 253 13.46 27.73 -6.10
N GLY A 254 12.56 28.39 -5.38
CA GLY A 254 12.93 29.00 -4.12
C GLY A 254 12.49 30.44 -3.93
N LYS A 255 12.29 31.17 -5.01
CA LYS A 255 11.98 32.59 -4.87
C LYS A 255 10.55 32.78 -4.38
N PRO A 256 10.27 33.90 -3.70
CA PRO A 256 8.94 34.10 -3.11
C PRO A 256 7.93 34.60 -4.13
N VAL A 257 6.75 34.00 -4.09
CA VAL A 257 5.68 34.39 -5.00
C VAL A 257 5.20 35.79 -4.66
N GLN A 258 4.72 36.50 -5.68
CA GLN A 258 4.19 37.86 -5.54
C GLN A 258 2.83 37.88 -6.21
N GLY A 259 1.77 37.71 -5.43
CA GLY A 259 0.42 37.64 -5.95
C GLY A 259 -0.59 38.09 -4.93
N VAL A 260 -1.81 37.55 -5.04
CA VAL A 260 -2.90 37.87 -4.13
C VAL A 260 -3.50 36.57 -3.65
N ALA A 261 -3.78 36.49 -2.34
CA ALA A 261 -4.31 35.28 -1.72
C ALA A 261 -5.77 35.51 -1.36
N TYR A 262 -6.65 34.67 -1.88
CA TYR A 262 -8.09 34.74 -1.61
C TYR A 262 -8.45 33.54 -0.74
N VAL A 263 -8.91 33.80 0.47
CA VAL A 263 -9.12 32.77 1.49
C VAL A 263 -10.59 32.70 1.86
N ARG A 264 -11.08 31.48 2.03
CA ARG A 264 -12.43 31.24 2.50
C ARG A 264 -12.39 30.25 3.65
N PHE A 265 -13.28 30.45 4.62
CA PHE A 265 -13.31 29.66 5.84
C PHE A 265 -14.57 28.83 5.92
N GLY A 266 -14.51 27.77 6.72
CA GLY A 266 -15.65 26.88 6.89
C GLY A 266 -15.37 25.86 7.95
N LEU A 267 -16.38 25.04 8.23
CA LEU A 267 -16.29 23.99 9.24
C LEU A 267 -16.51 22.63 8.58
N LEU A 268 -15.79 21.63 9.09
CA LEU A 268 -15.94 20.25 8.66
C LEU A 268 -16.37 19.37 9.82
N ASP A 269 -17.31 18.46 9.56
CA ASP A 269 -17.69 17.46 10.53
C ASP A 269 -16.83 16.23 10.34
N GLU A 270 -17.16 15.13 11.03
CA GLU A 270 -16.33 13.94 10.95
C GLU A 270 -16.25 13.40 9.52
N ASP A 271 -17.40 13.24 8.87
CA ASP A 271 -17.40 12.66 7.52
C ASP A 271 -16.66 13.55 6.54
N GLY A 272 -16.88 14.86 6.59
CA GLY A 272 -16.20 15.78 5.70
C GLY A 272 -17.10 16.84 5.11
N LYS A 273 -18.38 16.84 5.49
CA LYS A 273 -19.31 17.84 4.98
C LYS A 273 -18.87 19.24 5.41
N LYS A 274 -18.92 20.18 4.48
CA LYS A 274 -18.45 21.54 4.71
C LYS A 274 -19.63 22.48 4.92
N THR A 275 -19.43 23.45 5.81
CA THR A 275 -20.41 24.50 6.09
C THR A 275 -19.68 25.83 5.98
N PHE A 276 -19.61 26.36 4.76
CA PHE A 276 -18.82 27.55 4.51
C PHE A 276 -19.40 28.75 5.24
N PHE A 277 -18.51 29.64 5.66
CA PHE A 277 -18.92 30.93 6.20
C PHE A 277 -19.28 31.88 5.06
N ARG A 278 -20.02 32.93 5.40
CA ARG A 278 -20.41 33.96 4.46
C ARG A 278 -19.99 35.32 5.02
N GLY A 279 -19.33 36.12 4.19
CA GLY A 279 -18.85 37.41 4.61
C GLY A 279 -17.55 37.40 5.37
N LEU A 280 -17.00 36.22 5.65
CA LEU A 280 -15.72 36.08 6.35
C LEU A 280 -14.55 35.94 5.40
N GLU A 281 -14.78 36.02 4.10
CA GLU A 281 -13.71 35.89 3.13
C GLU A 281 -12.66 36.98 3.34
N SER A 282 -11.39 36.60 3.30
CA SER A 282 -10.29 37.53 3.49
C SER A 282 -9.34 37.41 2.31
N GLN A 283 -9.10 38.54 1.63
CA GLN A 283 -8.17 38.61 0.52
C GLN A 283 -7.11 39.65 0.84
N THR A 284 -5.84 39.28 0.66
CA THR A 284 -4.73 40.16 0.98
C THR A 284 -3.57 39.87 0.04
N LYS A 285 -2.83 40.92 -0.30
CA LYS A 285 -1.64 40.75 -1.13
C LYS A 285 -0.55 40.03 -0.34
N LEU A 286 0.23 39.22 -1.04
CA LEU A 286 1.33 38.47 -0.44
C LEU A 286 2.58 39.35 -0.47
N VAL A 287 3.05 39.76 0.70
CA VAL A 287 4.29 40.53 0.81
C VAL A 287 5.41 39.54 1.12
N ASN A 288 6.36 39.42 0.19
CA ASN A 288 7.44 38.45 0.31
C ASN A 288 6.89 37.04 0.50
N GLY A 289 5.82 36.73 -0.22
CA GLY A 289 5.21 35.42 -0.09
C GLY A 289 4.71 35.12 1.31
N GLN A 290 4.08 36.10 1.95
CA GLN A 290 3.55 35.91 3.29
C GLN A 290 2.28 36.74 3.44
N SER A 291 1.33 36.20 4.20
CA SER A 291 0.07 36.90 4.46
C SER A 291 -0.48 36.38 5.78
N HIS A 292 -0.36 37.18 6.83
CA HIS A 292 -0.84 36.80 8.16
C HIS A 292 -2.32 37.12 8.23
N ILE A 293 -3.15 36.09 8.23
CA ILE A 293 -4.60 36.22 8.27
C ILE A 293 -5.11 35.64 9.58
N SER A 294 -5.90 36.43 10.31
CA SER A 294 -6.45 36.02 11.59
C SER A 294 -7.92 36.39 11.67
N LEU A 295 -8.65 35.64 12.48
CA LEU A 295 -10.07 35.88 12.73
C LEU A 295 -10.22 36.46 14.13
N SER A 296 -10.79 37.66 14.21
CA SER A 296 -11.08 38.24 15.51
C SER A 296 -12.16 37.42 16.21
N LYS A 297 -12.06 37.35 17.54
CA LYS A 297 -13.05 36.59 18.29
C LYS A 297 -14.46 37.12 18.04
N ALA A 298 -14.59 38.44 17.88
CA ALA A 298 -15.91 39.04 17.71
C ALA A 298 -16.58 38.55 16.42
N GLU A 299 -15.86 38.58 15.30
CA GLU A 299 -16.46 38.20 14.03
C GLU A 299 -16.65 36.70 13.91
N PHE A 300 -15.79 35.90 14.55
CA PHE A 300 -15.92 34.46 14.47
C PHE A 300 -17.25 34.01 15.07
N GLN A 301 -17.51 34.43 16.31
CA GLN A 301 -18.76 34.05 16.97
C GLN A 301 -19.97 34.59 16.22
N ASP A 302 -19.85 35.77 15.61
CA ASP A 302 -20.95 36.31 14.82
C ASP A 302 -21.28 35.37 13.68
N ALA A 303 -20.27 34.83 12.99
CA ALA A 303 -20.51 33.85 11.95
C ALA A 303 -21.15 32.59 12.54
N LEU A 304 -20.67 32.15 13.71
CA LEU A 304 -21.29 31.01 14.37
C LEU A 304 -22.75 31.29 14.68
N GLU A 305 -23.05 32.47 15.20
CA GLU A 305 -24.45 32.84 15.45
C GLU A 305 -25.24 32.88 14.15
N LYS A 306 -24.62 33.39 13.08
CA LYS A 306 -25.28 33.39 11.78
C LYS A 306 -25.61 31.98 11.33
N LEU A 307 -24.66 31.05 11.51
CA LEU A 307 -24.90 29.64 11.24
C LEU A 307 -25.52 28.91 12.43
N ASN A 308 -25.76 29.61 13.54
CA ASN A 308 -26.40 29.05 14.73
C ASN A 308 -25.75 27.74 15.16
N MET A 309 -24.46 27.57 14.86
CA MET A 309 -23.76 26.37 15.31
C MET A 309 -23.57 26.38 16.82
N GLY A 310 -23.10 27.48 17.38
CA GLY A 310 -22.90 27.57 18.81
C GLY A 310 -21.52 27.08 19.24
N ILE A 311 -21.02 27.68 20.32
CA ILE A 311 -19.69 27.33 20.80
C ILE A 311 -19.64 25.88 21.26
N THR A 312 -20.65 25.45 22.01
CA THR A 312 -20.63 24.10 22.56
C THR A 312 -20.58 23.04 21.47
N ASP A 313 -21.20 23.30 20.31
CA ASP A 313 -21.23 22.32 19.24
C ASP A 313 -19.86 22.06 18.63
N LEU A 314 -18.86 22.89 18.91
CA LEU A 314 -17.51 22.70 18.38
C LEU A 314 -16.83 21.58 19.16
N GLN A 315 -17.29 20.36 18.91
CA GLN A 315 -16.78 19.18 19.59
C GLN A 315 -15.55 18.62 18.88
N GLY A 316 -15.71 18.22 17.62
CA GLY A 316 -14.61 17.68 16.85
C GLY A 316 -14.58 18.24 15.44
N LEU A 317 -15.14 19.42 15.26
CA LEU A 317 -15.19 20.05 13.95
C LEU A 317 -13.81 20.58 13.57
N ARG A 318 -13.59 20.68 12.26
CA ARG A 318 -12.34 21.18 11.69
C ARG A 318 -12.62 22.47 10.94
N LEU A 319 -11.79 23.48 11.17
CA LEU A 319 -11.99 24.79 10.56
C LEU A 319 -11.29 24.81 9.20
N TYR A 320 -12.08 24.74 8.14
CA TYR A 320 -11.54 24.76 6.79
C TYR A 320 -10.84 26.07 6.48
N VAL A 321 -9.74 25.99 5.73
CA VAL A 321 -9.09 27.18 5.20
C VAL A 321 -8.57 26.85 3.81
N ALA A 322 -9.19 27.44 2.79
CA ALA A 322 -8.82 27.19 1.41
C ALA A 322 -8.36 28.50 0.78
N ALA A 323 -7.18 28.48 0.17
CA ALA A 323 -6.63 29.62 -0.52
C ALA A 323 -6.70 29.41 -2.03
N ALA A 324 -6.69 30.51 -2.77
CA ALA A 324 -6.73 30.48 -4.22
C ALA A 324 -5.70 31.47 -4.78
N ILE A 325 -4.48 31.41 -4.26
CA ILE A 325 -3.47 32.40 -4.61
C ILE A 325 -3.35 32.52 -6.13
N ILE A 326 -3.29 33.76 -6.60
CA ILE A 326 -3.18 34.08 -8.03
C ILE A 326 -1.98 34.98 -8.18
N GLU A 327 -0.86 34.43 -8.67
CA GLU A 327 0.32 35.26 -8.86
C GLU A 327 0.02 36.32 -9.91
N SER A 328 0.38 37.56 -9.62
CA SER A 328 0.20 38.66 -10.55
C SER A 328 1.54 39.29 -10.87
N PRO A 329 1.83 39.62 -12.14
CA PRO A 329 0.98 39.47 -13.32
C PRO A 329 1.18 38.14 -14.05
N GLY A 330 1.25 37.05 -13.32
CA GLY A 330 1.40 35.75 -13.94
C GLY A 330 0.10 35.23 -14.51
N GLY A 331 -0.94 35.17 -13.67
CA GLY A 331 -2.27 34.77 -14.08
C GLY A 331 -2.67 33.37 -13.63
N GLU A 332 -1.70 32.51 -13.32
CA GLU A 332 -2.03 31.18 -12.83
C GLU A 332 -2.33 31.20 -11.34
N MET A 333 -3.09 30.21 -10.90
CA MET A 333 -3.42 30.09 -9.49
C MET A 333 -3.17 28.67 -9.01
N GLU A 334 -2.84 28.56 -7.72
CA GLU A 334 -2.72 27.29 -7.03
C GLU A 334 -3.46 27.42 -5.71
N GLU A 335 -3.97 26.29 -5.22
CA GLU A 335 -4.83 26.28 -4.04
C GLU A 335 -4.27 25.34 -2.98
N ALA A 336 -4.43 25.73 -1.73
CA ALA A 336 -4.04 24.92 -0.58
C ALA A 336 -5.25 24.69 0.30
N GLU A 337 -5.30 23.54 0.95
CA GLU A 337 -6.37 23.20 1.87
C GLU A 337 -5.77 22.91 3.23
N LEU A 338 -6.53 23.20 4.29
CA LEU A 338 -6.00 23.07 5.64
C LEU A 338 -6.95 22.22 6.47
N THR A 339 -7.31 21.05 5.96
CA THR A 339 -8.28 20.19 6.63
C THR A 339 -7.86 19.85 8.06
N SER A 340 -6.56 19.72 8.32
CA SER A 340 -6.07 19.22 9.60
C SER A 340 -5.80 20.36 10.57
N TRP A 341 -6.87 20.86 11.19
CA TRP A 341 -6.79 21.88 12.23
C TRP A 341 -8.08 21.85 13.03
N TYR A 342 -8.00 21.29 14.24
CA TYR A 342 -9.18 20.90 15.00
C TYR A 342 -9.50 21.92 16.09
N PHE A 343 -10.71 21.80 16.62
CA PHE A 343 -11.09 22.44 17.87
C PHE A 343 -10.94 21.42 18.98
N VAL A 344 -10.13 21.74 20.00
CA VAL A 344 -9.82 20.82 21.07
C VAL A 344 -10.07 21.49 22.41
N SER A 345 -10.29 20.67 23.42
CA SER A 345 -10.50 21.14 24.79
C SER A 345 -9.22 21.12 25.62
N SER A 346 -8.09 20.71 25.04
CA SER A 346 -6.82 20.65 25.77
C SER A 346 -5.69 20.61 24.77
N PRO A 347 -4.56 21.26 25.05
CA PRO A 347 -3.47 21.27 24.06
C PRO A 347 -2.71 19.96 23.98
N PHE A 348 -2.56 19.24 25.09
CA PHE A 348 -1.80 18.00 25.12
C PHE A 348 -2.72 16.80 24.99
N SER A 349 -2.12 15.65 24.66
CA SER A 349 -2.86 14.41 24.46
C SER A 349 -2.01 13.26 25.00
N LEU A 350 -2.32 12.80 26.20
CA LEU A 350 -1.56 11.70 26.79
C LEU A 350 -1.78 10.43 25.98
N ASP A 351 -0.73 9.62 25.91
CA ASP A 351 -0.79 8.29 25.32
C ASP A 351 -0.24 7.30 26.33
N LEU A 352 -1.03 6.29 26.65
CA LEU A 352 -0.66 5.28 27.64
C LEU A 352 -0.53 3.90 26.98
N SER A 353 0.10 3.86 25.82
CA SER A 353 0.31 2.60 25.10
C SER A 353 1.57 1.88 25.53
N LYS A 354 2.41 2.49 26.37
CA LYS A 354 3.63 1.87 26.83
C LYS A 354 3.57 1.42 28.29
N THR A 355 2.56 1.86 29.05
CA THR A 355 2.40 1.44 30.44
C THR A 355 1.84 0.02 30.45
N LYS A 356 2.63 -0.93 30.92
CA LYS A 356 2.19 -2.32 30.93
C LYS A 356 1.08 -2.53 31.95
N ARG A 357 0.09 -3.32 31.56
CA ARG A 357 -0.97 -3.72 32.48
C ARG A 357 -0.43 -4.84 33.37
N HIS A 358 -1.30 -5.45 34.17
CA HIS A 358 -0.94 -6.61 34.97
C HIS A 358 0.22 -6.26 35.93
N LEU A 359 -0.10 -5.38 36.87
CA LEU A 359 0.85 -5.03 37.92
C LEU A 359 1.22 -6.27 38.71
N VAL A 360 2.37 -6.22 39.37
CA VAL A 360 2.88 -7.31 40.20
C VAL A 360 3.01 -6.79 41.62
N PRO A 361 2.28 -7.33 42.59
CA PRO A 361 2.37 -6.81 43.96
C PRO A 361 3.79 -6.91 44.50
N GLY A 362 4.16 -5.93 45.32
CA GLY A 362 5.44 -5.92 45.97
C GLY A 362 6.56 -5.23 45.21
N ALA A 363 6.31 -4.80 43.97
CA ALA A 363 7.33 -4.13 43.18
C ALA A 363 6.78 -2.81 42.63
N PRO A 364 7.62 -1.83 42.35
CA PRO A 364 7.11 -0.53 41.92
C PRO A 364 6.54 -0.54 40.52
N PHE A 365 5.22 -0.38 40.42
CA PHE A 365 4.56 -0.28 39.12
C PHE A 365 5.08 0.93 38.37
N LEU A 366 5.71 0.68 37.22
CA LEU A 366 6.28 1.74 36.40
C LEU A 366 5.23 2.26 35.43
N LEU A 367 4.94 3.56 35.51
CA LEU A 367 3.98 4.21 34.63
C LEU A 367 4.73 4.95 33.53
N GLN A 368 4.38 4.64 32.28
CA GLN A 368 4.98 5.28 31.12
C GLN A 368 3.90 6.01 30.34
N ALA A 369 4.13 7.29 30.07
CA ALA A 369 3.18 8.11 29.34
C ALA A 369 3.92 9.01 28.38
N LEU A 370 3.35 9.18 27.19
CA LEU A 370 3.93 10.01 26.13
C LEU A 370 3.07 11.25 25.98
N VAL A 371 3.61 12.41 26.37
CA VAL A 371 2.89 13.67 26.33
C VAL A 371 3.15 14.29 24.96
N ARG A 372 2.25 14.01 24.00
CA ARG A 372 2.37 14.51 22.65
C ARG A 372 1.40 15.67 22.45
N GLU A 373 1.93 16.81 22.01
CA GLU A 373 1.10 17.97 21.76
C GLU A 373 0.07 17.67 20.68
N MET A 374 -1.13 18.22 20.84
CA MET A 374 -2.22 17.93 19.91
C MET A 374 -1.79 18.15 18.48
N SER A 375 -1.80 17.06 17.70
CA SER A 375 -1.41 17.09 16.30
C SER A 375 -0.07 17.80 16.13
N GLY A 376 0.96 17.23 16.74
CA GLY A 376 2.29 17.79 16.66
C GLY A 376 3.31 16.87 17.27
N SER A 377 4.57 17.30 17.21
CA SER A 377 5.67 16.53 17.74
C SER A 377 5.62 16.49 19.26
N PRO A 378 6.21 15.46 19.88
CA PRO A 378 6.18 15.39 21.34
C PRO A 378 6.87 16.59 21.98
N ALA A 379 6.31 17.04 23.09
CA ALA A 379 6.77 18.24 23.77
C ALA A 379 7.48 17.88 25.07
N SER A 380 8.23 18.83 25.58
CA SER A 380 9.06 18.64 26.77
C SER A 380 8.71 19.67 27.83
N GLY A 381 9.05 19.33 29.08
CA GLY A 381 8.81 20.23 30.19
C GLY A 381 7.35 20.47 30.47
N ILE A 382 6.54 19.42 30.41
CA ILE A 382 5.10 19.53 30.69
C ILE A 382 4.81 18.73 31.96
N PRO A 383 4.64 19.38 33.11
CA PRO A 383 4.35 18.63 34.33
C PRO A 383 3.15 17.72 34.15
N VAL A 384 3.29 16.48 34.62
CA VAL A 384 2.22 15.49 34.56
C VAL A 384 1.96 14.97 35.97
N LYS A 385 0.70 14.98 36.37
CA LYS A 385 0.28 14.56 37.71
C LYS A 385 -0.46 13.23 37.61
N VAL A 386 -0.10 12.29 38.48
CA VAL A 386 -0.76 11.00 38.56
C VAL A 386 -1.16 10.75 40.00
N SER A 387 -2.39 10.28 40.21
CA SER A 387 -2.93 10.00 41.53
C SER A 387 -3.37 8.53 41.55
N ALA A 388 -2.47 7.66 42.01
CA ALA A 388 -2.76 6.23 42.08
C ALA A 388 -3.53 5.94 43.35
N THR A 389 -4.58 5.14 43.24
CA THR A 389 -5.44 4.78 44.36
C THR A 389 -5.44 3.27 44.50
N VAL A 390 -4.49 2.75 45.28
CA VAL A 390 -4.42 1.32 45.53
C VAL A 390 -5.60 0.91 46.41
N SER A 391 -6.33 -0.11 45.97
CA SER A 391 -7.55 -0.56 46.66
C SER A 391 -7.20 -1.79 47.50
N SER A 392 -6.80 -1.54 48.74
CA SER A 392 -6.52 -2.64 49.66
C SER A 392 -7.83 -3.28 50.12
N PRO A 393 -8.00 -4.59 49.96
CA PRO A 393 -9.29 -5.20 50.35
C PRO A 393 -9.61 -5.02 51.83
N GLY A 394 -8.60 -5.05 52.70
CA GLY A 394 -8.81 -5.03 54.13
C GLY A 394 -8.76 -3.67 54.78
N SER A 395 -8.79 -2.58 54.02
CA SER A 395 -8.74 -1.24 54.58
C SER A 395 -9.28 -0.25 53.56
N VAL A 396 -9.33 1.01 53.96
CA VAL A 396 -9.83 2.06 53.07
C VAL A 396 -8.87 2.22 51.89
N PRO A 397 -9.36 2.49 50.69
CA PRO A 397 -8.45 2.66 49.54
C PRO A 397 -7.51 3.84 49.75
N GLU A 398 -6.22 3.54 49.88
CA GLU A 398 -5.22 4.60 50.01
C GLU A 398 -5.06 5.34 48.68
N VAL A 399 -4.66 6.60 48.78
CA VAL A 399 -4.47 7.46 47.61
C VAL A 399 -3.06 8.01 47.65
N GLN A 400 -2.31 7.78 46.58
CA GLN A 400 -0.94 8.28 46.43
C GLN A 400 -0.88 9.26 45.28
N ASP A 401 -0.27 10.41 45.52
CA ASP A 401 -0.09 11.44 44.50
C ASP A 401 1.39 11.69 44.30
N ILE A 402 1.84 11.59 43.05
CA ILE A 402 3.23 11.83 42.69
C ILE A 402 3.25 12.65 41.40
N GLN A 403 4.16 13.62 41.33
CA GLN A 403 4.27 14.52 40.20
C GLN A 403 5.67 14.44 39.61
N GLN A 404 5.74 14.45 38.28
CA GLN A 404 7.01 14.47 37.58
C GLN A 404 6.84 15.25 36.28
N ASN A 405 7.95 15.78 35.78
CA ASN A 405 7.97 16.53 34.54
C ASN A 405 8.49 15.63 33.41
N THR A 406 8.09 15.98 32.19
CA THR A 406 8.57 15.24 31.03
C THR A 406 10.08 15.35 30.91
N ASP A 407 10.73 14.22 30.64
CA ASP A 407 12.19 14.18 30.63
C ASP A 407 12.76 15.10 29.56
N GLY A 408 12.11 15.15 28.39
CA GLY A 408 12.61 15.95 27.28
C GLY A 408 12.36 15.30 25.94
N SER A 409 12.13 13.98 25.95
CA SER A 409 11.76 13.25 24.75
C SER A 409 10.25 13.04 24.66
N GLY A 410 9.48 13.62 25.57
CA GLY A 410 8.05 13.44 25.61
C GLY A 410 7.58 12.29 26.47
N GLN A 411 8.50 11.49 27.01
CA GLN A 411 8.16 10.30 27.78
C GLN A 411 8.46 10.54 29.26
N VAL A 412 7.54 10.10 30.11
CA VAL A 412 7.67 10.25 31.56
C VAL A 412 7.53 8.87 32.19
N SER A 413 8.45 8.54 33.08
CA SER A 413 8.45 7.26 33.79
C SER A 413 8.26 7.54 35.27
N ILE A 414 7.05 7.32 35.76
CA ILE A 414 6.67 7.63 37.13
C ILE A 414 6.50 6.32 37.89
N PRO A 415 7.43 5.93 38.75
CA PRO A 415 7.26 4.68 39.50
C PRO A 415 6.41 4.85 40.75
N ILE A 416 5.27 4.19 40.80
CA ILE A 416 4.42 4.23 41.98
C ILE A 416 4.65 2.96 42.78
N ILE A 417 4.43 3.06 44.10
CA ILE A 417 4.66 1.96 45.02
C ILE A 417 3.33 1.28 45.30
N ILE A 418 3.28 -0.04 45.14
CA ILE A 418 2.08 -0.84 45.34
C ILE A 418 2.37 -1.85 46.43
N PRO A 419 1.57 -1.94 47.48
CA PRO A 419 1.79 -2.94 48.52
C PRO A 419 1.27 -4.31 48.08
N GLN A 420 1.51 -5.30 48.93
CA GLN A 420 1.05 -6.66 48.64
C GLN A 420 -0.45 -6.75 48.87
N THR A 421 -1.01 -7.88 48.43
CA THR A 421 -2.44 -8.20 48.60
C THR A 421 -3.32 -6.98 48.32
N ILE A 422 -3.23 -6.49 47.09
CA ILE A 422 -4.04 -5.37 46.63
C ILE A 422 -5.08 -5.88 45.64
N SER A 423 -6.33 -5.50 45.85
CA SER A 423 -7.41 -6.00 45.00
C SER A 423 -7.25 -5.51 43.57
N GLU A 424 -7.06 -4.21 43.38
CA GLU A 424 -6.88 -3.64 42.05
C GLU A 424 -6.20 -2.29 42.20
N LEU A 425 -6.17 -1.52 41.13
CA LEU A 425 -5.51 -0.21 41.14
C LEU A 425 -6.22 0.71 40.15
N GLN A 426 -6.38 1.97 40.54
CA GLN A 426 -6.98 2.99 39.68
C GLN A 426 -6.15 4.26 39.81
N LEU A 427 -5.59 4.72 38.70
CA LEU A 427 -4.74 5.90 38.69
C LEU A 427 -5.15 6.79 37.53
N SER A 428 -5.25 8.08 37.79
CA SER A 428 -5.61 9.09 36.79
C SER A 428 -4.42 9.99 36.54
N VAL A 429 -4.02 10.11 35.28
CA VAL A 429 -2.85 10.89 34.88
C VAL A 429 -3.33 12.06 34.03
N SER A 430 -2.87 13.26 34.37
CA SER A 430 -3.32 14.48 33.70
C SER A 430 -2.13 15.40 33.51
N ALA A 431 -1.77 15.66 32.25
CA ALA A 431 -0.67 16.55 31.90
C ALA A 431 -1.24 17.83 31.35
N GLY A 432 -0.89 18.96 31.96
CA GLY A 432 -1.36 20.26 31.50
C GLY A 432 -1.39 21.29 32.61
N SER A 433 -1.13 22.54 32.25
CA SER A 433 -1.10 23.61 33.24
C SER A 433 -1.32 24.96 32.57
N PRO A 434 -2.56 25.47 32.48
CA PRO A 434 -3.83 24.86 32.86
C PRO A 434 -4.38 23.95 31.75
N HIS A 435 -5.66 23.62 31.82
CA HIS A 435 -6.31 22.77 30.82
C HIS A 435 -5.67 21.39 30.79
N PRO A 436 -5.80 20.61 31.86
CA PRO A 436 -5.22 19.26 31.86
C PRO A 436 -5.88 18.37 30.81
N ALA A 437 -5.09 17.44 30.27
CA ALA A 437 -5.56 16.43 29.35
C ALA A 437 -5.66 15.12 30.13
N ILE A 438 -6.79 14.93 30.80
CA ILE A 438 -6.93 13.82 31.74
C ILE A 438 -7.05 12.51 30.99
N ALA A 439 -6.41 11.47 31.53
CA ALA A 439 -6.55 10.11 31.02
C ALA A 439 -6.38 9.16 32.20
N ARG A 440 -7.23 8.15 32.28
CA ARG A 440 -7.24 7.25 33.42
C ARG A 440 -7.42 5.82 32.95
N LEU A 441 -6.91 4.88 33.76
CA LEU A 441 -7.04 3.46 33.49
C LEU A 441 -6.97 2.71 34.79
N THR A 442 -7.49 1.49 34.78
CA THR A 442 -7.51 0.62 35.95
C THR A 442 -6.87 -0.70 35.58
N VAL A 443 -5.96 -1.17 36.44
CA VAL A 443 -5.28 -2.45 36.25
C VAL A 443 -5.61 -3.34 37.43
N ALA A 444 -6.16 -4.52 37.15
CA ALA A 444 -6.55 -5.46 38.18
C ALA A 444 -5.35 -6.29 38.62
N ALA A 445 -5.29 -6.58 39.92
CA ALA A 445 -4.20 -7.36 40.47
C ALA A 445 -4.34 -8.83 40.08
N PRO A 446 -3.25 -9.58 40.06
CA PRO A 446 -3.32 -11.00 39.72
C PRO A 446 -4.08 -11.77 40.78
N PRO A 447 -4.65 -12.92 40.44
CA PRO A 447 -5.34 -13.72 41.45
C PRO A 447 -4.40 -14.12 42.58
N SER A 448 -4.93 -14.14 43.80
CA SER A 448 -4.13 -14.48 44.96
C SER A 448 -3.92 -15.99 45.05
N GLY A 449 -2.96 -16.38 45.89
CA GLY A 449 -2.68 -17.77 46.14
C GLY A 449 -1.73 -18.42 45.16
N GLY A 450 -1.31 -17.73 44.10
CA GLY A 450 -0.42 -18.30 43.14
C GLY A 450 1.03 -18.18 43.56
N PRO A 451 1.91 -18.73 42.74
CA PRO A 451 3.34 -18.63 43.04
C PRO A 451 3.82 -17.19 42.99
N GLY A 452 4.90 -16.92 43.72
CA GLY A 452 5.46 -15.58 43.73
C GLY A 452 5.71 -15.08 42.32
N PHE A 453 5.73 -13.76 42.17
CA PHE A 453 5.84 -13.14 40.87
C PHE A 453 7.29 -12.73 40.60
N LEU A 454 7.57 -12.40 39.34
CA LEU A 454 8.88 -11.94 38.91
C LEU A 454 8.78 -10.48 38.48
N SER A 455 9.67 -9.65 38.99
CA SER A 455 9.65 -8.21 38.76
C SER A 455 10.84 -7.81 37.91
N ILE A 456 10.57 -7.44 36.66
CA ILE A 456 11.62 -6.96 35.75
C ILE A 456 11.68 -5.45 35.90
N GLU A 457 12.85 -4.94 36.28
CA GLU A 457 13.05 -3.52 36.53
C GLU A 457 14.19 -3.00 35.67
N ARG A 458 13.94 -1.91 34.94
CA ARG A 458 14.96 -1.26 34.13
C ARG A 458 15.34 0.06 34.77
N PRO A 459 16.58 0.24 35.26
CA PRO A 459 16.91 1.48 35.97
C PRO A 459 16.95 2.71 35.07
N ASP A 460 17.25 2.52 33.78
CA ASP A 460 17.48 3.65 32.90
C ASP A 460 16.17 4.26 32.42
N SER A 461 15.30 3.46 31.82
CA SER A 461 13.99 3.90 31.33
C SER A 461 14.12 4.85 30.14
N ARG A 462 15.13 4.67 29.32
CA ARG A 462 15.29 5.42 28.07
C ARG A 462 15.58 4.46 26.94
N PRO A 463 15.23 4.82 25.71
CA PRO A 463 15.46 3.93 24.58
C PRO A 463 16.94 3.84 24.26
N PRO A 464 17.58 2.68 24.46
CA PRO A 464 19.02 2.59 24.20
C PRO A 464 19.34 2.69 22.72
N ARG A 465 20.54 3.21 22.44
CA ARG A 465 21.05 3.27 21.08
C ARG A 465 21.72 1.94 20.73
N VAL A 466 21.71 1.62 19.44
CA VAL A 466 22.37 0.41 18.98
C VAL A 466 23.85 0.48 19.37
N GLY A 467 24.34 -0.60 19.98
CA GLY A 467 25.67 -0.66 20.51
C GLY A 467 25.75 -0.51 22.02
N ASP A 468 24.68 -0.06 22.67
CA ASP A 468 24.66 0.08 24.12
C ASP A 468 24.42 -1.28 24.77
N THR A 469 24.38 -1.28 26.10
CA THR A 469 24.12 -2.51 26.87
C THR A 469 23.24 -2.13 28.07
N LEU A 470 21.93 -2.22 27.89
CA LEU A 470 21.01 -1.91 28.97
C LEU A 470 21.05 -3.01 30.04
N ASN A 471 20.90 -2.60 31.29
CA ASN A 471 20.92 -3.51 32.43
C ASN A 471 19.51 -3.65 33.00
N LEU A 472 19.12 -4.89 33.29
CA LEU A 472 17.81 -5.20 33.84
C LEU A 472 18.01 -5.89 35.19
N ASN A 473 17.18 -5.53 36.16
CA ASN A 473 17.25 -6.10 37.50
C ASN A 473 16.08 -7.08 37.66
N LEU A 474 16.40 -8.36 37.83
CA LEU A 474 15.40 -9.38 38.09
C LEU A 474 15.32 -9.63 39.60
N ARG A 475 14.09 -9.80 40.08
CA ARG A 475 13.87 -10.06 41.49
C ARG A 475 12.62 -10.90 41.73
N ALA A 476 12.78 -12.06 42.37
CA ALA A 476 11.63 -12.84 42.78
C ALA A 476 10.88 -12.11 43.89
N VAL A 477 9.55 -12.28 43.89
CA VAL A 477 8.69 -11.58 44.84
C VAL A 477 7.83 -12.61 45.56
N GLY A 478 7.87 -12.58 46.88
CA GLY A 478 6.97 -13.41 47.68
C GLY A 478 7.09 -14.89 47.41
N SER A 479 8.30 -15.42 47.35
CA SER A 479 8.51 -16.84 47.11
C SER A 479 9.82 -17.27 47.74
N GLY A 480 9.95 -18.58 47.93
CA GLY A 480 11.19 -19.13 48.45
C GLY A 480 12.30 -19.12 47.42
N ALA A 481 13.53 -19.30 47.91
CA ALA A 481 14.73 -19.28 47.08
C ALA A 481 15.11 -20.66 46.58
N THR A 482 14.13 -21.55 46.39
CA THR A 482 14.44 -22.91 45.93
C THR A 482 15.18 -22.88 44.60
N PHE A 483 14.72 -22.05 43.67
CA PHE A 483 15.38 -21.94 42.38
C PHE A 483 16.77 -21.36 42.54
N SER A 484 17.66 -21.71 41.62
CA SER A 484 19.05 -21.28 41.67
C SER A 484 19.51 -20.52 40.43
N HIS A 485 18.62 -20.24 39.49
CA HIS A 485 18.99 -19.52 38.28
C HIS A 485 17.79 -18.78 37.73
N TYR A 486 18.08 -17.72 36.97
CA TYR A 486 17.08 -16.96 36.23
C TYR A 486 17.29 -17.22 34.75
N TYR A 487 16.28 -17.76 34.09
CA TYR A 487 16.34 -18.01 32.65
C TYR A 487 15.67 -16.86 31.92
N TYR A 488 16.31 -16.36 30.88
CA TYR A 488 15.76 -15.26 30.10
C TYR A 488 16.07 -15.49 28.63
N MET A 489 15.29 -14.83 27.77
CA MET A 489 15.49 -14.91 26.34
C MET A 489 15.04 -13.62 25.70
N ILE A 490 15.57 -13.35 24.51
CA ILE A 490 15.34 -12.11 23.80
C ILE A 490 14.68 -12.45 22.46
N LEU A 491 13.58 -11.77 22.16
CA LEU A 491 12.84 -11.99 20.92
C LEU A 491 12.91 -10.73 20.07
N SER A 492 13.21 -10.90 18.78
CA SER A 492 13.26 -9.77 17.85
C SER A 492 12.73 -10.25 16.51
N ARG A 493 11.70 -9.57 16.01
CA ARG A 493 11.09 -9.93 14.73
C ARG A 493 10.60 -11.37 14.75
N GLY A 494 9.98 -11.77 15.86
CA GLY A 494 9.39 -13.09 15.96
C GLY A 494 10.41 -14.20 15.86
N GLN A 495 11.53 -14.07 16.56
CA GLN A 495 12.57 -15.09 16.54
C GLN A 495 13.35 -15.00 17.84
N ILE A 496 13.60 -16.14 18.47
CA ILE A 496 14.37 -16.18 19.71
C ILE A 496 15.84 -16.07 19.32
N VAL A 497 16.39 -14.85 19.41
CA VAL A 497 17.75 -14.59 18.96
C VAL A 497 18.77 -14.67 20.10
N PHE A 498 18.33 -15.02 21.31
CA PHE A 498 19.25 -15.12 22.43
C PHE A 498 18.57 -15.84 23.60
N MET A 499 19.25 -16.84 24.15
CA MET A 499 18.74 -17.58 25.29
C MET A 499 19.91 -17.86 26.22
N ASN A 500 19.71 -17.63 27.51
CA ASN A 500 20.78 -17.78 28.50
C ASN A 500 20.15 -17.88 29.87
N ARG A 501 21.00 -18.01 30.89
CA ARG A 501 20.55 -18.07 32.27
C ARG A 501 21.47 -17.22 33.13
N GLU A 502 20.93 -16.74 34.26
CA GLU A 502 21.68 -15.91 35.17
C GLU A 502 21.52 -16.46 36.59
N PRO A 503 22.60 -16.67 37.33
CA PRO A 503 22.47 -17.21 38.69
C PRO A 503 21.77 -16.23 39.62
N LYS A 504 21.02 -16.78 40.56
CA LYS A 504 20.33 -15.95 41.54
C LYS A 504 21.33 -15.32 42.50
N ARG A 505 21.10 -14.05 42.83
CA ARG A 505 21.93 -13.34 43.78
C ARG A 505 21.09 -12.24 44.43
N THR A 506 21.72 -11.51 45.35
CA THR A 506 20.99 -10.44 46.04
C THR A 506 20.51 -9.37 45.06
N LEU A 507 21.38 -8.97 44.13
CA LEU A 507 21.03 -8.02 43.08
C LEU A 507 21.38 -8.68 41.75
N THR A 508 20.39 -9.25 41.08
CA THR A 508 20.59 -9.95 39.82
C THR A 508 20.49 -8.95 38.67
N SER A 509 21.62 -8.69 38.02
CA SER A 509 21.68 -7.77 36.89
C SER A 509 22.11 -8.53 35.64
N VAL A 510 21.38 -8.35 34.56
CA VAL A 510 21.66 -9.02 33.29
C VAL A 510 22.00 -7.94 32.27
N SER A 511 23.16 -8.07 31.64
CA SER A 511 23.60 -7.12 30.63
C SER A 511 23.19 -7.64 29.26
N VAL A 512 22.39 -6.86 28.54
CA VAL A 512 21.88 -7.23 27.23
C VAL A 512 22.49 -6.28 26.22
N PHE A 513 23.32 -6.81 25.32
CA PHE A 513 23.92 -6.01 24.27
C PHE A 513 22.94 -5.86 23.12
N VAL A 514 22.62 -4.61 22.77
CA VAL A 514 21.63 -4.31 21.74
C VAL A 514 22.39 -4.07 20.45
N ASP A 515 22.38 -5.07 19.56
CA ASP A 515 22.99 -4.97 18.26
C ASP A 515 21.89 -4.74 17.21
N HIS A 516 22.27 -4.73 15.94
CA HIS A 516 21.30 -4.51 14.88
C HIS A 516 20.25 -5.61 14.80
N HIS A 517 20.55 -6.80 15.34
CA HIS A 517 19.56 -7.86 15.35
C HIS A 517 18.33 -7.47 16.14
N LEU A 518 18.49 -6.60 17.14
CA LEU A 518 17.41 -6.15 18.01
C LEU A 518 17.00 -4.75 17.58
N ALA A 519 16.10 -4.67 16.60
CA ALA A 519 15.61 -3.39 16.13
C ALA A 519 14.38 -3.61 15.27
N PRO A 520 13.37 -2.73 15.32
CA PRO A 520 13.33 -1.50 16.11
C PRO A 520 12.93 -1.72 17.56
N SER A 521 12.62 -2.96 17.91
CA SER A 521 12.27 -3.29 19.28
C SER A 521 12.49 -4.78 19.50
N PHE A 522 12.55 -5.17 20.76
CA PHE A 522 12.69 -6.57 21.13
C PHE A 522 12.04 -6.77 22.48
N TYR A 523 11.66 -8.01 22.75
CA TYR A 523 11.09 -8.38 24.04
C TYR A 523 12.17 -8.94 24.95
N PHE A 524 11.79 -9.19 26.19
CA PHE A 524 12.71 -9.76 27.18
C PHE A 524 11.88 -10.60 28.14
N VAL A 525 11.80 -11.90 27.87
CA VAL A 525 11.01 -12.82 28.69
C VAL A 525 11.98 -13.54 29.61
N ALA A 526 11.78 -13.38 30.91
CA ALA A 526 12.60 -14.04 31.93
C ALA A 526 11.68 -14.81 32.86
N PHE A 527 12.08 -16.02 33.23
CA PHE A 527 11.23 -16.86 34.06
C PHE A 527 12.07 -17.62 35.08
N TYR A 528 11.44 -17.93 36.20
CA TYR A 528 11.99 -18.79 37.23
C TYR A 528 10.87 -19.69 37.72
N TYR A 529 11.23 -20.88 38.20
CA TYR A 529 10.24 -21.88 38.62
C TYR A 529 10.27 -22.07 40.13
N HIS A 530 9.10 -21.94 40.75
CA HIS A 530 8.91 -22.15 42.18
C HIS A 530 8.60 -23.62 42.43
N GLY A 531 9.59 -24.46 42.14
CA GLY A 531 9.44 -25.89 42.34
C GLY A 531 8.76 -26.59 41.18
N ASP A 532 7.45 -26.38 41.04
CA ASP A 532 6.68 -27.05 40.00
C ASP A 532 5.99 -26.11 39.03
N HIS A 533 5.60 -24.91 39.45
CA HIS A 533 4.89 -23.97 38.59
C HIS A 533 5.87 -22.98 37.98
N PRO A 534 5.59 -22.47 36.78
CA PRO A 534 6.46 -21.46 36.18
C PRO A 534 6.04 -20.05 36.52
N VAL A 535 7.02 -19.15 36.67
CA VAL A 535 6.76 -17.73 36.89
C VAL A 535 7.56 -16.96 35.85
N ALA A 536 6.91 -15.98 35.22
CA ALA A 536 7.56 -15.24 34.14
C ALA A 536 6.98 -13.83 34.08
N ASN A 537 7.75 -12.94 33.46
CA ASN A 537 7.33 -11.54 33.30
C ASN A 537 8.14 -10.92 32.20
N SER A 538 7.48 -10.47 31.14
CA SER A 538 8.17 -9.96 29.97
C SER A 538 8.35 -8.45 30.08
N LEU A 539 9.02 -7.88 29.08
CA LEU A 539 9.29 -6.45 29.05
C LEU A 539 9.65 -6.07 27.63
N ARG A 540 8.82 -5.25 27.00
CA ARG A 540 9.09 -4.78 25.64
C ARG A 540 10.07 -3.61 25.72
N VAL A 541 11.17 -3.72 24.99
CA VAL A 541 12.21 -2.71 24.98
C VAL A 541 12.31 -2.14 23.58
N ASP A 542 12.14 -0.83 23.45
CA ASP A 542 12.31 -0.18 22.17
C ASP A 542 13.79 0.10 21.92
N VAL A 543 14.11 0.46 20.68
CA VAL A 543 15.47 0.81 20.28
C VAL A 543 15.41 2.09 19.48
N GLN A 544 16.53 2.81 19.45
CA GLN A 544 16.59 4.13 18.85
C GLN A 544 16.56 3.98 17.32
N ALA A 545 16.77 5.10 16.63
CA ALA A 545 16.66 5.12 15.17
C ALA A 545 17.57 4.07 14.54
N GLY A 546 18.82 4.00 14.99
CA GLY A 546 19.75 3.02 14.47
C GLY A 546 19.87 3.07 12.96
N ALA A 547 20.45 4.14 12.44
CA ALA A 547 20.60 4.30 11.00
C ALA A 547 21.20 3.04 10.39
N CYS A 548 20.89 2.82 9.11
CA CYS A 548 21.35 1.62 8.42
C CYS A 548 22.86 1.48 8.54
N GLU A 549 23.31 0.22 8.59
CA GLU A 549 24.74 -0.04 8.57
C GLU A 549 25.34 0.20 7.19
N GLY A 550 24.51 0.16 6.14
CA GLY A 550 25.02 0.35 4.80
C GLY A 550 25.71 1.69 4.61
N LYS A 551 25.16 2.74 5.21
CA LYS A 551 25.76 4.07 5.18
C LYS A 551 25.92 4.56 3.74
N LEU A 552 24.77 4.76 3.09
CA LEU A 552 24.71 5.43 1.80
C LEU A 552 24.55 6.92 2.01
N GLU A 553 25.47 7.71 1.44
CA GLU A 553 25.52 9.15 1.66
C GLU A 553 25.55 9.85 0.30
N LEU A 554 24.37 10.15 -0.23
CA LEU A 554 24.28 10.97 -1.44
C LEU A 554 24.73 12.39 -1.12
N SER A 555 25.52 12.97 -2.03
CA SER A 555 26.02 14.32 -1.80
C SER A 555 26.34 14.95 -3.15
N VAL A 556 26.35 16.28 -3.16
CA VAL A 556 26.66 17.07 -4.34
C VAL A 556 27.74 18.08 -3.98
N ASP A 557 28.22 18.78 -5.01
CA ASP A 557 29.28 19.76 -4.82
C ASP A 557 28.72 21.03 -4.16
N GLY A 558 28.34 20.91 -2.89
CA GLY A 558 27.84 22.06 -2.16
C GLY A 558 26.54 22.58 -2.75
N ALA A 559 26.37 23.90 -2.65
CA ALA A 559 25.18 24.59 -3.16
C ALA A 559 25.67 25.75 -4.03
N LYS A 560 25.88 25.47 -5.31
CA LYS A 560 26.36 26.46 -6.26
C LYS A 560 25.24 27.03 -7.13
N GLN A 561 23.98 26.71 -6.82
CA GLN A 561 22.83 27.19 -7.59
C GLN A 561 23.01 26.85 -9.07
N TYR A 562 23.04 25.56 -9.34
CA TYR A 562 23.32 25.08 -10.70
C TYR A 562 22.31 25.67 -11.69
N ARG A 563 22.83 26.11 -12.83
CA ARG A 563 21.96 26.50 -13.94
C ARG A 563 21.49 25.26 -14.70
N ASN A 564 20.45 25.45 -15.50
CA ASN A 564 19.97 24.36 -16.33
C ASN A 564 21.06 23.90 -17.28
N GLY A 565 21.25 22.59 -17.37
CA GLY A 565 22.23 22.01 -18.27
C GLY A 565 23.63 21.90 -17.71
N GLU A 566 23.89 22.45 -16.53
CA GLU A 566 25.21 22.35 -15.93
C GLU A 566 25.48 20.90 -15.50
N SER A 567 26.77 20.55 -15.48
CA SER A 567 27.20 19.19 -15.14
C SER A 567 27.47 19.12 -13.64
N VAL A 568 26.52 18.56 -12.89
CA VAL A 568 26.72 18.34 -11.47
C VAL A 568 27.53 17.05 -11.27
N LYS A 569 28.13 16.93 -10.09
CA LYS A 569 28.91 15.76 -9.71
C LYS A 569 28.29 15.15 -8.46
N LEU A 570 27.61 14.02 -8.63
CA LEU A 570 26.94 13.35 -7.53
C LEU A 570 27.90 12.37 -6.87
N HIS A 571 28.25 12.63 -5.61
CA HIS A 571 29.16 11.78 -4.87
C HIS A 571 28.38 10.67 -4.16
N LEU A 572 28.77 9.43 -4.39
CA LEU A 572 28.16 8.27 -3.76
C LEU A 572 29.16 7.65 -2.81
N GLU A 573 28.84 7.65 -1.52
CA GLU A 573 29.68 7.03 -0.49
C GLU A 573 28.94 5.84 0.10
N THR A 574 29.58 4.68 0.07
CA THR A 574 28.99 3.45 0.58
C THR A 574 30.08 2.70 1.32
N ASP A 575 29.67 1.92 2.32
CA ASP A 575 30.62 1.21 3.17
C ASP A 575 31.08 -0.12 2.59
N SER A 576 30.51 -0.57 1.47
CA SER A 576 30.88 -1.82 0.84
C SER A 576 30.35 -1.82 -0.58
N LEU A 577 30.63 -2.89 -1.31
CA LEU A 577 30.06 -3.06 -2.64
C LEU A 577 28.54 -3.14 -2.54
N ALA A 578 27.86 -2.37 -3.38
CA ALA A 578 26.41 -2.22 -3.25
C ALA A 578 25.84 -1.84 -4.61
N LEU A 579 24.52 -1.99 -4.72
CA LEU A 579 23.76 -1.62 -5.90
C LEU A 579 22.92 -0.39 -5.56
N VAL A 580 23.50 0.78 -5.80
CA VAL A 580 22.80 2.04 -5.52
C VAL A 580 21.71 2.21 -6.58
N ALA A 581 20.47 2.36 -6.13
CA ALA A 581 19.31 2.56 -7.01
C ALA A 581 18.86 4.01 -6.85
N LEU A 582 19.11 4.82 -7.86
CA LEU A 582 18.91 6.25 -7.79
C LEU A 582 17.61 6.67 -8.46
N GLY A 583 17.03 7.76 -7.98
CA GLY A 583 15.91 8.39 -8.63
C GLY A 583 15.84 9.86 -8.29
N ALA A 584 15.81 10.72 -9.29
CA ALA A 584 15.69 12.16 -9.11
C ALA A 584 14.26 12.59 -9.42
N LEU A 585 13.63 13.26 -8.48
CA LEU A 585 12.21 13.59 -8.57
C LEU A 585 12.02 15.10 -8.55
N ASP A 586 11.07 15.57 -9.35
CA ASP A 586 10.74 16.99 -9.38
C ASP A 586 9.81 17.30 -8.21
N THR A 587 10.26 18.15 -7.30
CA THR A 587 9.45 18.47 -6.13
C THR A 587 8.13 19.13 -6.50
N ALA A 588 8.03 19.69 -7.70
CA ALA A 588 6.75 20.24 -8.15
C ALA A 588 5.68 19.15 -8.17
N LEU A 589 6.07 17.90 -8.37
CA LEU A 589 5.11 16.81 -8.37
C LEU A 589 4.44 16.66 -7.01
N TYR A 590 5.20 16.83 -5.94
CA TYR A 590 4.62 16.78 -4.60
C TYR A 590 3.58 17.88 -4.42
N ALA A 591 3.83 19.06 -4.96
CA ALA A 591 2.86 20.14 -4.90
C ALA A 591 1.60 19.78 -5.69
N ALA A 592 1.77 19.13 -6.84
CA ALA A 592 0.62 18.75 -7.65
C ALA A 592 -0.34 17.90 -6.84
N GLY A 593 -1.64 18.11 -7.07
CA GLY A 593 -2.68 17.50 -6.26
C GLY A 593 -2.41 16.06 -5.92
N SER A 594 -2.31 15.76 -4.63
CA SER A 594 -2.04 14.40 -4.18
C SER A 594 -2.15 14.30 -2.67
N LYS A 595 -2.13 13.06 -2.16
CA LYS A 595 -2.14 12.81 -0.72
C LYS A 595 -0.84 13.21 -0.04
N SER A 596 0.21 13.51 -0.81
CA SER A 596 1.50 13.88 -0.26
C SER A 596 2.04 12.79 0.67
N HIS A 597 1.83 11.54 0.25
CA HIS A 597 2.31 10.41 1.03
C HIS A 597 3.83 10.37 1.06
N LYS A 598 4.38 9.86 2.16
CA LYS A 598 5.82 9.79 2.31
C LYS A 598 6.41 8.74 1.38
N PRO A 599 7.64 8.94 0.92
CA PRO A 599 8.31 7.94 0.09
C PRO A 599 8.96 6.88 0.98
N LEU A 600 9.68 5.97 0.34
CA LEU A 600 10.39 4.93 1.07
C LEU A 600 11.50 5.54 1.93
N ASN A 601 11.54 5.15 3.20
CA ASN A 601 12.56 5.62 4.13
C ASN A 601 12.62 4.62 5.29
N MET A 602 13.42 4.95 6.31
CA MET A 602 13.62 4.01 7.40
C MET A 602 12.34 3.78 8.19
N GLY A 603 11.43 4.75 8.20
CA GLY A 603 10.15 4.52 8.85
C GLY A 603 9.42 3.32 8.28
N LYS A 604 9.43 3.20 6.94
CA LYS A 604 8.81 2.05 6.31
C LYS A 604 9.67 0.80 6.42
N VAL A 605 11.00 0.94 6.36
CA VAL A 605 11.87 -0.22 6.42
C VAL A 605 11.79 -0.87 7.80
N PHE A 606 11.92 -0.06 8.86
CA PHE A 606 11.82 -0.60 10.21
C PHE A 606 10.44 -1.13 10.49
N GLU A 607 9.40 -0.48 9.96
CA GLU A 607 8.06 -1.03 10.07
C GLU A 607 7.97 -2.37 9.35
N ALA A 608 8.66 -2.50 8.22
CA ALA A 608 8.67 -3.77 7.50
C ALA A 608 9.32 -4.87 8.34
N MET A 609 10.50 -4.59 8.89
CA MET A 609 11.19 -5.59 9.70
C MET A 609 10.37 -5.95 10.94
N ASN A 610 9.77 -4.96 11.57
CA ASN A 610 8.96 -5.20 12.76
C ASN A 610 7.56 -5.71 12.44
N SER A 611 7.19 -5.76 11.16
CA SER A 611 5.89 -6.32 10.80
C SER A 611 5.80 -7.79 11.13
N TYR A 612 6.94 -8.48 11.28
CA TYR A 612 6.95 -9.90 11.61
C TYR A 612 6.86 -10.15 13.11
N ASP A 613 6.92 -9.12 13.94
CA ASP A 613 6.87 -9.32 15.38
C ASP A 613 5.54 -9.94 15.78
N LEU A 614 5.60 -10.94 16.65
CA LEU A 614 4.42 -11.70 17.04
C LEU A 614 3.82 -11.22 18.36
N GLY A 615 4.61 -10.57 19.21
CA GLY A 615 4.10 -10.13 20.48
C GLY A 615 3.22 -8.90 20.37
N CYS A 616 2.35 -8.73 21.37
CA CYS A 616 1.43 -7.60 21.41
C CYS A 616 1.36 -7.07 22.84
N GLY A 617 1.30 -5.75 22.96
CA GLY A 617 1.20 -5.12 24.25
C GLY A 617 2.56 -4.76 24.81
N PRO A 618 2.58 -4.03 25.92
CA PRO A 618 3.86 -3.63 26.53
C PRO A 618 4.55 -4.74 27.31
N GLY A 619 3.95 -5.92 27.39
CA GLY A 619 4.53 -7.04 28.11
C GLY A 619 3.72 -7.41 29.33
N GLY A 620 4.36 -8.13 30.23
CA GLY A 620 3.72 -8.54 31.46
C GLY A 620 2.61 -9.53 31.22
N GLY A 621 2.18 -10.23 32.28
CA GLY A 621 1.10 -11.18 32.15
C GLY A 621 0.58 -11.66 33.50
N ASP A 622 -0.69 -12.04 33.54
CA ASP A 622 -1.27 -12.54 34.79
C ASP A 622 -0.59 -13.83 35.22
N SER A 623 -0.34 -14.74 34.29
CA SER A 623 0.29 -16.02 34.57
C SER A 623 1.49 -16.20 33.64
N ALA A 624 2.23 -17.28 33.86
CA ALA A 624 3.39 -17.56 33.01
C ALA A 624 2.96 -17.76 31.56
N LEU A 625 1.88 -18.49 31.33
CA LEU A 625 1.43 -18.73 29.96
C LEU A 625 1.03 -17.43 29.27
N GLN A 626 0.31 -16.56 29.97
CA GLN A 626 -0.17 -15.34 29.35
C GLN A 626 0.99 -14.45 28.91
N VAL A 627 2.04 -14.38 29.73
CA VAL A 627 3.19 -13.56 29.35
C VAL A 627 3.93 -14.18 28.17
N PHE A 628 4.01 -15.51 28.13
CA PHE A 628 4.61 -16.18 26.97
C PHE A 628 3.76 -15.93 25.72
N GLN A 629 2.44 -16.00 25.86
CA GLN A 629 1.56 -15.67 24.74
C GLN A 629 1.75 -14.23 24.30
N ALA A 630 1.77 -13.31 25.27
CA ALA A 630 1.89 -11.89 24.93
C ALA A 630 3.18 -11.61 24.18
N ALA A 631 4.29 -12.20 24.65
CA ALA A 631 5.57 -12.00 23.98
C ALA A 631 5.64 -12.65 22.61
N GLY A 632 4.66 -13.49 22.27
CA GLY A 632 4.68 -14.18 20.99
C GLY A 632 5.49 -15.45 21.06
N LEU A 633 5.22 -16.28 22.05
CA LEU A 633 5.94 -17.53 22.26
C LEU A 633 4.96 -18.68 22.44
N ALA A 634 5.40 -19.87 22.05
CA ALA A 634 4.71 -21.10 22.34
C ALA A 634 5.51 -21.87 23.37
N PHE A 635 4.84 -22.34 24.41
CA PHE A 635 5.49 -22.94 25.56
C PHE A 635 4.81 -24.25 25.92
N SER A 636 5.60 -25.22 26.40
CA SER A 636 5.06 -26.47 26.91
C SER A 636 6.11 -27.14 27.76
N ASP A 637 5.82 -27.30 29.05
CA ASP A 637 6.67 -28.03 29.98
C ASP A 637 6.03 -29.35 30.38
N GLY A 638 5.33 -29.98 29.45
CA GLY A 638 4.73 -31.27 29.69
C GLY A 638 3.34 -31.18 30.28
N ASP A 639 3.24 -30.64 31.50
CA ASP A 639 1.97 -30.55 32.21
C ASP A 639 1.29 -29.20 32.06
N GLN A 640 1.84 -28.30 31.23
CA GLN A 640 1.25 -26.98 31.08
C GLN A 640 1.76 -26.40 29.76
N TRP A 641 0.86 -26.17 28.81
CA TRP A 641 1.22 -25.75 27.47
C TRP A 641 0.45 -24.49 27.10
N THR A 642 0.81 -23.94 25.94
CA THR A 642 0.19 -22.73 25.42
C THR A 642 -0.69 -23.07 24.23
N LEU A 643 -1.93 -22.59 24.26
CA LEU A 643 -2.86 -22.83 23.17
C LEU A 643 -2.40 -22.12 21.91
N SER A 644 -2.68 -22.74 20.77
CA SER A 644 -2.30 -22.14 19.49
C SER A 644 -3.01 -20.81 19.29
N ARG A 645 -2.32 -19.87 18.65
CA ARG A 645 -2.90 -18.57 18.39
C ARG A 645 -4.12 -18.70 17.50
N LYS A 646 -5.14 -17.90 17.78
CA LYS A 646 -6.36 -17.92 16.99
C LYS A 646 -6.18 -17.25 15.63
N ARG A 647 -5.22 -16.33 15.52
CA ARG A 647 -5.02 -15.57 14.31
C ARG A 647 -3.57 -15.11 14.24
N LEU A 648 -3.16 -14.67 13.05
CA LEU A 648 -1.80 -14.17 12.85
C LEU A 648 -1.56 -12.83 13.53
N SER A 649 -2.60 -12.18 14.02
CA SER A 649 -2.48 -10.90 14.72
C SER A 649 -3.16 -10.99 16.08
N CYS A 650 -2.68 -10.15 16.99
CA CYS A 650 -3.18 -10.13 18.36
C CYS A 650 -4.49 -9.37 18.47
N GLU B 80 8.52 55.03 -24.79
CA GLU B 80 7.72 54.69 -25.96
C GLU B 80 8.58 54.70 -27.22
N ILE B 81 9.47 53.72 -27.34
CA ILE B 81 10.38 53.62 -28.47
C ILE B 81 10.62 52.15 -28.77
N LEU B 82 11.07 51.88 -29.99
CA LEU B 82 11.34 50.53 -30.48
C LEU B 82 12.85 50.31 -30.57
N GLN B 83 13.23 49.11 -30.99
CA GLN B 83 14.63 48.76 -31.23
C GLN B 83 14.77 48.22 -32.64
N GLU B 84 15.69 48.81 -33.40
CA GLU B 84 15.90 48.43 -34.80
C GLU B 84 17.03 47.41 -34.86
N GLU B 85 16.72 46.18 -34.45
CA GLU B 85 17.68 45.08 -34.46
C GLU B 85 18.93 45.43 -33.66
N ASP B 86 18.71 45.76 -32.39
CA ASP B 86 19.80 45.95 -31.44
C ASP B 86 19.61 44.96 -30.29
N LEU B 87 19.29 43.71 -30.64
CA LEU B 87 19.04 42.65 -29.68
C LEU B 87 19.95 41.47 -29.98
N ILE B 88 20.26 40.69 -28.94
CA ILE B 88 21.15 39.56 -29.13
C ILE B 88 20.59 38.62 -30.20
N ASP B 89 21.49 37.86 -30.82
CA ASP B 89 21.09 36.97 -31.90
C ASP B 89 20.15 35.89 -31.39
N GLU B 90 19.16 35.55 -32.22
CA GLU B 90 18.18 34.54 -31.83
C GLU B 90 18.85 33.18 -31.63
N ASP B 91 19.78 32.83 -32.50
CA ASP B 91 20.44 31.53 -32.40
C ASP B 91 21.42 31.45 -31.23
N ASP B 92 21.91 32.59 -30.75
CA ASP B 92 22.89 32.58 -29.69
C ASP B 92 22.34 32.00 -28.41
N ILE B 93 21.14 32.41 -28.02
CA ILE B 93 20.57 31.96 -26.73
C ILE B 93 20.31 30.46 -26.79
N PRO B 94 20.65 29.69 -25.76
CA PRO B 94 20.28 28.28 -25.76
C PRO B 94 18.78 28.10 -25.63
N VAL B 95 18.30 26.95 -26.10
CA VAL B 95 16.89 26.61 -26.11
C VAL B 95 16.65 25.52 -25.06
N ARG B 96 15.65 25.73 -24.20
CA ARG B 96 15.30 24.80 -23.14
C ARG B 96 14.12 23.96 -23.61
N SER B 97 14.39 22.70 -23.95
CA SER B 97 13.38 21.83 -24.54
C SER B 97 13.18 20.52 -23.79
N PHE B 98 14.12 20.09 -22.95
CA PHE B 98 14.01 18.82 -22.24
C PHE B 98 13.44 19.08 -20.84
N PHE B 99 12.22 18.62 -20.61
CA PHE B 99 11.48 18.87 -19.38
C PHE B 99 10.99 17.55 -18.81
N PRO B 100 11.88 16.71 -18.29
CA PRO B 100 11.45 15.45 -17.68
C PRO B 100 11.02 15.62 -16.23
N GLU B 101 9.86 15.08 -15.87
CA GLU B 101 9.41 15.14 -14.49
C GLU B 101 10.25 14.21 -13.61
N ASN B 102 11.01 13.31 -14.24
CA ASN B 102 11.85 12.34 -13.53
C ASN B 102 12.90 11.83 -14.52
N TRP B 103 14.18 12.02 -14.20
CA TRP B 103 15.26 11.80 -15.14
C TRP B 103 16.27 10.75 -14.69
N LEU B 104 16.84 10.90 -13.49
CA LEU B 104 17.98 10.08 -13.07
C LEU B 104 17.49 8.75 -12.50
N TRP B 105 17.01 7.91 -13.39
CA TRP B 105 16.48 6.59 -13.05
C TRP B 105 17.48 5.54 -13.49
N ARG B 106 18.18 4.95 -12.53
CA ARG B 106 19.23 3.98 -12.86
C ARG B 106 19.65 3.26 -11.59
N VAL B 107 20.06 2.01 -11.77
CA VAL B 107 20.61 1.20 -10.68
C VAL B 107 22.04 0.86 -11.06
N GLU B 108 22.98 1.18 -10.18
CA GLU B 108 24.40 1.06 -10.50
C GLU B 108 25.16 0.49 -9.31
N THR B 109 26.34 -0.05 -9.61
CA THR B 109 27.21 -0.64 -8.60
C THR B 109 28.28 0.37 -8.19
N VAL B 110 28.56 0.43 -6.89
CA VAL B 110 29.54 1.35 -6.34
C VAL B 110 30.56 0.55 -5.54
N ASP B 111 31.84 0.82 -5.77
CA ASP B 111 32.92 0.16 -5.04
C ASP B 111 33.35 1.01 -3.84
N ARG B 112 32.38 1.27 -2.97
CA ARG B 112 32.57 2.04 -1.74
C ARG B 112 32.77 3.52 -2.01
N PHE B 113 32.90 3.90 -3.29
CA PHE B 113 33.07 5.30 -3.65
C PHE B 113 32.92 5.46 -5.16
N GLN B 114 32.07 6.39 -5.59
CA GLN B 114 31.90 6.64 -7.01
C GLN B 114 31.31 8.03 -7.20
N ILE B 115 31.81 8.73 -8.21
CA ILE B 115 31.26 10.00 -8.63
C ILE B 115 30.78 9.82 -10.07
N LEU B 116 29.50 10.08 -10.30
CA LEU B 116 28.92 9.98 -11.64
C LEU B 116 28.42 11.36 -12.04
N THR B 117 28.92 11.86 -13.18
CA THR B 117 28.50 13.15 -13.68
C THR B 117 27.10 13.06 -14.27
N LEU B 118 26.34 14.14 -14.12
CA LEU B 118 24.97 14.20 -14.59
C LEU B 118 24.79 15.44 -15.46
N TRP B 119 23.78 15.39 -16.32
CA TRP B 119 23.44 16.49 -17.21
C TRP B 119 22.07 17.01 -16.79
N LEU B 120 22.06 18.14 -16.10
CA LEU B 120 20.84 18.66 -15.52
C LEU B 120 19.81 18.93 -16.61
N PRO B 121 18.60 18.43 -16.50
CA PRO B 121 17.58 18.75 -17.51
C PRO B 121 17.20 20.22 -17.46
N ASP B 122 16.69 20.70 -18.60
CA ASP B 122 16.43 22.13 -18.75
C ASP B 122 15.10 22.52 -18.13
N SER B 123 14.91 22.20 -16.85
CA SER B 123 13.71 22.57 -16.11
C SER B 123 14.14 23.20 -14.79
N LEU B 124 13.49 24.31 -14.43
CA LEU B 124 13.86 25.08 -13.24
C LEU B 124 12.97 24.64 -12.08
N THR B 125 13.49 23.73 -11.26
CA THR B 125 12.79 23.26 -10.07
C THR B 125 13.83 22.86 -9.04
N THR B 126 13.39 22.14 -8.00
CA THR B 126 14.27 21.58 -6.99
C THR B 126 14.16 20.07 -7.09
N TRP B 127 15.17 19.44 -7.69
CA TRP B 127 15.19 17.99 -7.80
C TRP B 127 15.41 17.36 -6.44
N GLU B 128 14.73 16.25 -6.20
CA GLU B 128 14.82 15.52 -4.94
C GLU B 128 15.50 14.18 -5.24
N ILE B 129 16.83 14.19 -5.21
CA ILE B 129 17.60 12.99 -5.55
C ILE B 129 17.68 12.08 -4.34
N HIS B 130 17.30 10.83 -4.52
CA HIS B 130 17.30 9.85 -3.44
C HIS B 130 17.79 8.52 -3.99
N GLY B 131 18.25 7.65 -3.09
CA GLY B 131 18.82 6.39 -3.50
C GLY B 131 18.69 5.33 -2.43
N LEU B 132 18.78 4.08 -2.87
CA LEU B 132 18.72 2.90 -2.00
C LEU B 132 19.96 2.07 -2.23
N SER B 133 20.61 1.67 -1.14
CA SER B 133 21.79 0.82 -1.22
C SER B 133 21.40 -0.61 -0.87
N LEU B 134 21.66 -1.54 -1.77
CA LEU B 134 21.32 -2.95 -1.60
C LEU B 134 22.60 -3.76 -1.74
N SER B 135 23.29 -3.96 -0.63
CA SER B 135 24.55 -4.69 -0.61
C SER B 135 24.33 -6.07 -0.02
N LYS B 136 25.14 -7.03 -0.47
CA LYS B 136 24.97 -8.41 -0.04
C LYS B 136 25.24 -8.57 1.46
N THR B 137 26.26 -7.87 1.97
CA THR B 137 26.63 -8.02 3.37
C THR B 137 25.74 -7.17 4.28
N LYS B 138 25.76 -5.85 4.08
CA LYS B 138 25.10 -4.95 5.01
C LYS B 138 23.58 -5.05 4.90
N GLY B 139 23.05 -5.00 3.69
CA GLY B 139 21.62 -5.02 3.47
C GLY B 139 21.11 -3.69 2.96
N LEU B 140 19.79 -3.51 3.10
CA LEU B 140 19.15 -2.30 2.63
C LEU B 140 19.54 -1.12 3.51
N CYS B 141 19.83 0.02 2.89
CA CYS B 141 20.24 1.23 3.60
C CYS B 141 19.77 2.43 2.78
N VAL B 142 18.60 2.96 3.11
CA VAL B 142 18.08 4.12 2.42
C VAL B 142 18.93 5.34 2.77
N ALA B 143 18.90 6.34 1.89
CA ALA B 143 19.74 7.52 2.01
C ALA B 143 18.89 8.78 2.11
N THR B 144 19.48 9.80 2.72
CA THR B 144 18.81 11.09 2.85
C THR B 144 18.76 11.78 1.50
N PRO B 145 17.61 12.33 1.08
CA PRO B 145 17.55 12.99 -0.23
C PRO B 145 18.47 14.19 -0.29
N VAL B 146 18.94 14.47 -1.50
CA VAL B 146 19.80 15.63 -1.78
C VAL B 146 18.96 16.61 -2.58
N GLN B 147 18.64 17.76 -1.97
CA GLN B 147 17.77 18.76 -2.59
C GLN B 147 18.58 19.59 -3.57
N LEU B 148 18.74 19.06 -4.78
CA LEU B 148 19.38 19.80 -5.84
C LEU B 148 18.42 20.86 -6.38
N ARG B 149 18.91 22.10 -6.48
CA ARG B 149 18.09 23.23 -6.91
C ARG B 149 18.72 23.85 -8.15
N VAL B 150 17.97 23.88 -9.25
CA VAL B 150 18.41 24.47 -10.50
C VAL B 150 17.54 25.68 -10.78
N PHE B 151 18.19 26.81 -11.07
CA PHE B 151 17.49 28.08 -11.19
C PHE B 151 18.26 29.01 -12.10
N ARG B 152 17.53 29.76 -12.92
CA ARG B 152 18.10 30.70 -13.88
C ARG B 152 17.57 32.09 -13.56
N GLU B 153 18.48 33.08 -13.54
CA GLU B 153 18.09 34.41 -13.08
C GLU B 153 16.98 35.00 -13.95
N PHE B 154 17.15 34.97 -15.27
CA PHE B 154 16.16 35.47 -16.20
C PHE B 154 15.75 34.34 -17.12
N HIS B 155 14.48 33.93 -17.02
CA HIS B 155 14.00 32.80 -17.78
C HIS B 155 12.60 33.11 -18.30
N LEU B 156 12.00 32.14 -18.97
CA LEU B 156 10.69 32.31 -19.60
C LEU B 156 9.86 31.08 -19.28
N HIS B 157 8.75 31.28 -18.59
CA HIS B 157 7.90 30.18 -18.13
C HIS B 157 6.70 30.07 -19.05
N LEU B 158 6.69 29.03 -19.88
CA LEU B 158 5.60 28.76 -20.81
C LEU B 158 4.81 27.57 -20.28
N ARG B 159 3.58 27.81 -19.85
CA ARG B 159 2.72 26.78 -19.27
C ARG B 159 1.57 26.53 -20.24
N LEU B 160 1.63 25.41 -20.95
CA LEU B 160 0.60 25.08 -21.92
C LEU B 160 -0.58 24.40 -21.22
N PRO B 161 -1.78 24.55 -21.78
CA PRO B 161 -2.95 23.90 -21.17
C PRO B 161 -2.92 22.40 -21.37
N MET B 162 -3.64 21.70 -20.49
CA MET B 162 -3.68 20.24 -20.57
C MET B 162 -4.31 19.77 -21.88
N SER B 163 -5.40 20.39 -22.29
CA SER B 163 -6.14 19.99 -23.48
C SER B 163 -6.40 21.20 -24.36
N VAL B 164 -6.14 21.06 -25.66
CA VAL B 164 -6.39 22.11 -26.63
C VAL B 164 -7.16 21.49 -27.81
N ARG B 165 -8.25 22.14 -28.20
CA ARG B 165 -9.06 21.68 -29.32
C ARG B 165 -8.66 22.42 -30.58
N ARG B 166 -8.51 21.67 -31.68
CA ARG B 166 -8.07 22.28 -32.93
C ARG B 166 -9.13 23.23 -33.46
N PHE B 167 -8.67 24.23 -34.22
CA PHE B 167 -9.56 25.25 -34.79
C PHE B 167 -10.33 26.00 -33.71
N GLU B 168 -9.67 26.22 -32.57
CA GLU B 168 -10.24 27.00 -31.48
C GLU B 168 -9.21 28.00 -31.00
N GLN B 169 -9.67 29.23 -30.72
CA GLN B 169 -8.78 30.27 -30.24
C GLN B 169 -8.05 29.81 -28.99
N LEU B 170 -6.73 29.99 -28.98
CA LEU B 170 -5.88 29.61 -27.87
C LEU B 170 -5.08 30.81 -27.41
N GLU B 171 -4.93 30.95 -26.09
CA GLU B 171 -4.22 32.06 -25.49
C GLU B 171 -2.99 31.54 -24.77
N LEU B 172 -1.81 31.96 -25.23
CA LEU B 172 -0.56 31.62 -24.58
C LEU B 172 -0.06 32.83 -23.81
N ARG B 173 0.40 32.60 -22.58
CA ARG B 173 0.88 33.66 -21.70
C ARG B 173 2.25 33.28 -21.17
N PRO B 174 3.28 33.30 -22.01
CA PRO B 174 4.65 33.09 -21.52
C PRO B 174 5.15 34.27 -20.71
N VAL B 175 5.26 34.11 -19.40
CA VAL B 175 5.65 35.20 -18.52
C VAL B 175 7.18 35.23 -18.43
N LEU B 176 7.72 36.44 -18.44
CA LEU B 176 9.16 36.65 -18.33
C LEU B 176 9.49 36.97 -16.88
N TYR B 177 10.32 36.15 -16.26
CA TYR B 177 10.74 36.35 -14.87
C TYR B 177 12.15 36.94 -14.88
N ASN B 178 12.28 38.17 -14.38
CA ASN B 178 13.57 38.85 -14.30
C ASN B 178 13.95 39.02 -12.84
N TYR B 179 14.82 38.12 -12.36
CA TYR B 179 15.32 38.17 -11.00
C TYR B 179 16.64 38.91 -10.89
N LEU B 180 17.14 39.46 -11.98
CA LEU B 180 18.34 40.28 -11.93
C LEU B 180 18.04 41.60 -11.23
N ASP B 181 19.11 42.33 -10.91
CA ASP B 181 19.00 43.64 -10.28
C ASP B 181 19.03 44.77 -11.30
N LYS B 182 18.57 44.53 -12.52
CA LYS B 182 18.55 45.53 -13.58
C LYS B 182 17.21 45.50 -14.30
N ASN B 183 16.91 46.59 -14.99
CA ASN B 183 15.71 46.67 -15.81
C ASN B 183 16.02 46.23 -17.23
N LEU B 184 15.17 45.37 -17.78
CA LEU B 184 15.41 44.75 -19.07
C LEU B 184 14.28 45.10 -20.02
N THR B 185 14.63 45.48 -21.25
CA THR B 185 13.68 45.60 -22.34
C THR B 185 13.98 44.47 -23.32
N VAL B 186 12.99 43.61 -23.57
CA VAL B 186 13.20 42.38 -24.31
C VAL B 186 12.15 42.25 -25.41
N SER B 187 12.48 41.43 -26.40
CA SER B 187 11.60 41.15 -27.53
C SER B 187 11.16 39.70 -27.46
N VAL B 188 9.86 39.47 -27.39
CA VAL B 188 9.29 38.14 -27.28
C VAL B 188 8.51 37.85 -28.55
N HIS B 189 8.80 36.71 -29.17
CA HIS B 189 8.12 36.31 -30.40
C HIS B 189 8.08 34.80 -30.49
N VAL B 190 6.97 34.28 -31.01
CA VAL B 190 6.82 32.85 -31.23
C VAL B 190 7.35 32.51 -32.61
N SER B 191 8.25 31.55 -32.69
CA SER B 191 8.82 31.17 -33.97
C SER B 191 7.72 30.67 -34.90
N PRO B 192 7.77 31.01 -36.18
CA PRO B 192 6.64 30.66 -37.09
C PRO B 192 6.61 29.18 -37.44
N VAL B 193 6.33 28.35 -36.43
CA VAL B 193 6.22 26.93 -36.66
C VAL B 193 5.03 26.64 -37.57
N GLU B 194 5.23 25.76 -38.54
CA GLU B 194 4.15 25.37 -39.43
C GLU B 194 3.06 24.64 -38.65
N GLY B 195 1.82 24.82 -39.08
CA GLY B 195 0.68 24.28 -38.39
C GLY B 195 0.06 25.19 -37.37
N LEU B 196 0.70 26.31 -37.05
CA LEU B 196 0.18 27.32 -36.14
C LEU B 196 0.06 28.63 -36.89
N CYS B 197 -1.05 29.33 -36.66
CA CYS B 197 -1.29 30.64 -37.27
C CYS B 197 -1.11 31.70 -36.19
N LEU B 198 -0.02 32.45 -36.28
CA LEU B 198 0.27 33.48 -35.30
C LEU B 198 -0.55 34.73 -35.60
N ALA B 199 -0.54 35.67 -34.64
CA ALA B 199 -1.33 36.88 -34.78
C ALA B 199 -0.92 37.67 -36.01
N GLY B 200 0.39 37.84 -36.22
CA GLY B 200 0.89 38.51 -37.39
C GLY B 200 1.15 37.62 -38.58
N GLY B 201 0.84 36.32 -38.47
CA GLY B 201 1.16 35.37 -39.50
C GLY B 201 2.60 34.94 -39.54
N GLY B 202 3.43 35.40 -38.59
CA GLY B 202 4.83 35.06 -38.57
C GLY B 202 5.52 35.51 -37.30
N GLY B 203 6.83 35.70 -37.38
CA GLY B 203 7.61 36.11 -36.22
C GLY B 203 7.60 37.60 -35.97
N LEU B 204 6.50 38.11 -35.44
CA LEU B 204 6.38 39.53 -35.09
C LEU B 204 6.78 39.72 -33.63
N ALA B 205 7.67 40.67 -33.38
CA ALA B 205 8.19 40.90 -32.04
C ALA B 205 7.22 41.73 -31.22
N GLN B 206 7.24 41.52 -29.91
CA GLN B 206 6.42 42.27 -28.96
C GLN B 206 7.34 42.82 -27.88
N GLN B 207 7.80 44.05 -28.05
CA GLN B 207 8.69 44.66 -27.07
C GLN B 207 8.02 44.68 -25.70
N VAL B 208 8.79 44.36 -24.66
CA VAL B 208 8.29 44.35 -23.29
C VAL B 208 9.36 44.92 -22.38
N LEU B 209 8.93 45.71 -21.39
CA LEU B 209 9.82 46.27 -20.38
C LEU B 209 9.60 45.48 -19.09
N VAL B 210 10.63 44.76 -18.66
CA VAL B 210 10.57 43.95 -17.46
C VAL B 210 11.42 44.64 -16.39
N PRO B 211 10.81 45.27 -15.39
CA PRO B 211 11.62 45.88 -14.33
C PRO B 211 12.25 44.82 -13.44
N ALA B 212 13.32 45.21 -12.75
CA ALA B 212 14.08 44.27 -11.95
C ALA B 212 13.19 43.59 -10.92
N GLY B 213 13.35 42.27 -10.80
CA GLY B 213 12.57 41.50 -9.85
C GLY B 213 11.08 41.56 -10.11
N SER B 214 10.68 41.39 -11.37
CA SER B 214 9.27 41.47 -11.73
C SER B 214 8.99 40.53 -12.89
N ALA B 215 7.71 40.20 -13.03
CA ALA B 215 7.23 39.34 -14.10
C ALA B 215 6.35 40.13 -15.06
N ARG B 216 6.51 39.89 -16.35
CA ARG B 216 5.74 40.58 -17.39
C ARG B 216 5.13 39.55 -18.33
N PRO B 217 3.83 39.28 -18.24
CA PRO B 217 3.22 38.36 -19.20
C PRO B 217 3.26 38.94 -20.60
N VAL B 218 3.35 38.06 -21.59
CA VAL B 218 3.32 38.44 -23.00
C VAL B 218 2.30 37.52 -23.67
N ALA B 219 1.06 37.97 -23.75
CA ALA B 219 0.00 37.14 -24.31
C ALA B 219 0.26 36.87 -25.79
N PHE B 220 -0.06 35.65 -26.21
CA PHE B 220 0.06 35.27 -27.62
C PHE B 220 -1.16 34.44 -27.99
N SER B 221 -1.98 34.97 -28.89
CA SER B 221 -3.18 34.27 -29.33
C SER B 221 -2.84 33.48 -30.59
N VAL B 222 -3.05 32.16 -30.53
CA VAL B 222 -2.79 31.28 -31.65
C VAL B 222 -3.99 30.36 -31.83
N VAL B 223 -4.14 29.86 -33.06
CA VAL B 223 -5.19 28.91 -33.40
C VAL B 223 -4.51 27.65 -33.93
N PRO B 224 -4.62 26.51 -33.25
CA PRO B 224 -3.96 25.29 -33.73
C PRO B 224 -4.70 24.68 -34.91
N THR B 225 -4.12 24.81 -36.10
CA THR B 225 -4.66 24.22 -37.31
C THR B 225 -4.06 22.87 -37.65
N ALA B 226 -3.06 22.43 -36.88
CA ALA B 226 -2.37 21.18 -37.20
C ALA B 226 -3.28 19.99 -36.97
N ALA B 227 -2.73 18.79 -37.19
CA ALA B 227 -3.47 17.55 -37.03
C ALA B 227 -3.09 16.79 -35.76
N ALA B 228 -1.79 16.64 -35.49
CA ALA B 228 -1.32 15.81 -34.38
C ALA B 228 -0.68 16.63 -33.27
N ALA B 229 0.34 17.43 -33.57
CA ALA B 229 1.02 18.20 -32.56
C ALA B 229 2.00 19.15 -33.24
N VAL B 230 2.29 20.26 -32.56
CA VAL B 230 3.17 21.29 -33.08
C VAL B 230 4.14 21.71 -31.98
N SER B 231 5.40 21.90 -32.35
CA SER B 231 6.44 22.35 -31.42
C SER B 231 6.60 23.86 -31.56
N LEU B 232 6.07 24.61 -30.60
CA LEU B 232 6.13 26.07 -30.60
C LEU B 232 7.17 26.51 -29.59
N LYS B 233 8.11 27.32 -30.03
CA LYS B 233 9.17 27.84 -29.17
C LYS B 233 9.02 29.35 -29.04
N VAL B 234 9.06 29.84 -27.81
CA VAL B 234 8.96 31.27 -27.52
C VAL B 234 10.35 31.77 -27.19
N VAL B 235 10.83 32.73 -27.97
CA VAL B 235 12.18 33.27 -27.84
C VAL B 235 12.08 34.68 -27.29
N ALA B 236 12.80 34.95 -26.20
CA ALA B 236 12.82 36.26 -25.56
C ALA B 236 14.26 36.73 -25.51
N ARG B 237 14.65 37.50 -26.53
CA ARG B 237 16.02 37.99 -26.64
C ARG B 237 16.08 39.43 -26.15
N GLY B 238 16.89 39.67 -25.13
CA GLY B 238 16.95 40.98 -24.51
C GLY B 238 17.79 41.97 -25.29
N SER B 239 17.85 43.19 -24.76
CA SER B 239 18.58 44.26 -25.41
C SER B 239 20.06 44.19 -25.06
N PHE B 240 20.85 45.04 -25.72
CA PHE B 240 22.29 45.06 -25.50
C PHE B 240 22.69 45.82 -24.25
N GLU B 241 21.75 46.54 -23.61
CA GLU B 241 22.08 47.20 -22.34
C GLU B 241 22.52 46.18 -21.31
N PHE B 242 21.80 45.06 -21.22
CA PHE B 242 22.25 43.88 -20.47
C PHE B 242 21.85 42.67 -21.29
N PRO B 243 22.78 42.04 -22.02
CA PRO B 243 22.39 41.00 -22.97
C PRO B 243 21.95 39.70 -22.30
N VAL B 244 20.68 39.62 -21.94
CA VAL B 244 20.11 38.45 -21.30
C VAL B 244 18.93 37.96 -22.13
N GLY B 245 18.87 36.66 -22.37
CA GLY B 245 17.78 36.08 -23.13
C GLY B 245 17.60 34.62 -22.77
N ASP B 246 16.43 34.10 -23.13
CA ASP B 246 16.12 32.69 -22.90
C ASP B 246 15.01 32.28 -23.84
N ALA B 247 15.03 31.02 -24.27
CA ALA B 247 14.02 30.49 -25.18
C ALA B 247 13.56 29.13 -24.67
N VAL B 248 12.26 28.87 -24.82
CA VAL B 248 11.64 27.63 -24.37
C VAL B 248 10.89 27.02 -25.53
N SER B 249 11.09 25.72 -25.75
CA SER B 249 10.44 24.98 -26.83
C SER B 249 9.57 23.89 -26.21
N LYS B 250 8.30 23.87 -26.57
CA LYS B 250 7.35 22.89 -26.06
C LYS B 250 6.48 22.40 -27.20
N VAL B 251 5.86 21.24 -26.99
CA VAL B 251 4.95 20.65 -27.96
C VAL B 251 3.57 20.59 -27.32
N LEU B 252 2.59 21.21 -27.97
CA LEU B 252 1.22 21.19 -27.51
C LEU B 252 0.47 20.07 -28.24
N GLN B 253 -0.24 19.25 -27.50
CA GLN B 253 -0.94 18.09 -28.05
C GLN B 253 -2.37 18.51 -28.40
N ILE B 254 -2.68 18.48 -29.69
CA ILE B 254 -4.01 18.86 -30.17
C ILE B 254 -4.83 17.57 -30.28
N GLU B 255 -5.84 17.46 -29.42
CA GLU B 255 -6.66 16.26 -29.39
C GLU B 255 -7.56 16.22 -30.63
N LYS B 256 -7.99 15.00 -30.97
CA LYS B 256 -8.80 14.80 -32.15
C LYS B 256 -10.14 15.53 -32.03
N GLU B 257 -10.63 16.03 -33.16
CA GLU B 257 -11.90 16.73 -33.17
C GLU B 257 -13.01 15.80 -32.69
N GLY B 258 -13.91 16.36 -31.89
CA GLY B 258 -14.99 15.60 -31.30
C GLY B 258 -14.72 15.23 -29.86
N ALA B 259 -15.78 15.05 -29.09
CA ALA B 259 -15.67 14.72 -27.68
C ALA B 259 -15.26 13.26 -27.53
N ILE B 260 -15.25 12.78 -26.28
CA ILE B 260 -14.93 11.40 -25.96
C ILE B 260 -16.18 10.73 -25.41
N HIS B 261 -16.50 9.56 -25.94
CA HIS B 261 -17.70 8.83 -25.58
C HIS B 261 -17.34 7.47 -25.01
N ARG B 262 -18.16 6.98 -24.09
CA ARG B 262 -17.94 5.69 -23.44
C ARG B 262 -19.19 4.85 -23.61
N GLU B 263 -19.02 3.61 -24.05
CA GLU B 263 -20.12 2.67 -24.28
C GLU B 263 -19.92 1.46 -23.37
N GLU B 264 -20.60 1.47 -22.23
CA GLU B 264 -20.50 0.38 -21.26
C GLU B 264 -21.58 -0.66 -21.56
N LEU B 265 -21.14 -1.87 -21.91
CA LEU B 265 -22.03 -2.97 -22.27
C LEU B 265 -21.91 -4.06 -21.22
N VAL B 266 -22.79 -4.01 -20.22
CA VAL B 266 -22.76 -4.97 -19.14
C VAL B 266 -23.35 -6.30 -19.61
N TYR B 267 -22.93 -7.38 -18.97
CA TYR B 267 -23.40 -8.72 -19.31
C TYR B 267 -23.36 -9.58 -18.06
N GLU B 268 -23.69 -10.86 -18.22
CA GLU B 268 -23.65 -11.84 -17.14
C GLU B 268 -23.00 -13.11 -17.65
N LEU B 269 -22.58 -13.96 -16.73
CA LEU B 269 -21.90 -15.21 -17.06
C LEU B 269 -22.47 -16.34 -16.24
N ASN B 270 -22.35 -17.55 -16.77
CA ASN B 270 -22.88 -18.75 -16.12
C ASN B 270 -22.19 -19.96 -16.73
N PRO B 271 -22.32 -21.14 -16.09
CA PRO B 271 -21.72 -22.37 -16.62
C PRO B 271 -22.08 -22.62 -18.08
N ARG B 275 -26.98 -23.51 -18.90
CA ARG B 275 -27.39 -22.92 -20.17
C ARG B 275 -26.95 -21.46 -20.26
N GLY B 276 -27.28 -20.81 -21.37
CA GLY B 276 -26.89 -19.42 -21.55
C GLY B 276 -25.39 -19.24 -21.54
N ARG B 277 -24.66 -20.12 -22.22
CA ARG B 277 -23.20 -20.08 -22.17
C ARG B 277 -22.64 -19.04 -23.14
N THR B 278 -22.87 -19.24 -24.43
CA THR B 278 -22.27 -18.40 -25.46
C THR B 278 -23.16 -17.19 -25.74
N LEU B 279 -22.55 -16.01 -25.78
CA LEU B 279 -23.24 -14.78 -26.13
C LEU B 279 -22.34 -13.95 -27.03
N GLU B 280 -22.96 -13.09 -27.82
CA GLU B 280 -22.23 -12.24 -28.77
C GLU B 280 -22.62 -10.79 -28.55
N ILE B 281 -21.62 -9.95 -28.34
CA ILE B 281 -21.87 -8.51 -28.16
C ILE B 281 -22.00 -7.86 -29.53
N PRO B 282 -23.08 -7.15 -29.83
CA PRO B 282 -23.23 -6.56 -31.16
C PRO B 282 -22.13 -5.55 -31.45
N GLY B 283 -21.69 -5.52 -32.70
CA GLY B 283 -20.71 -4.54 -33.11
C GLY B 283 -21.28 -3.14 -33.12
N ASN B 284 -20.43 -2.16 -32.84
CA ASN B 284 -20.87 -0.78 -32.76
C ASN B 284 -21.32 -0.28 -34.14
N SER B 285 -22.45 0.42 -34.16
CA SER B 285 -23.00 0.97 -35.41
C SER B 285 -23.57 2.37 -35.20
N ASP B 286 -23.06 3.10 -34.21
CA ASP B 286 -23.57 4.44 -33.96
C ASP B 286 -23.16 5.37 -35.09
N PRO B 287 -24.01 6.36 -35.42
CA PRO B 287 -23.69 7.27 -36.52
C PRO B 287 -22.78 8.42 -36.09
N ASN B 288 -22.85 8.80 -34.81
CA ASN B 288 -22.07 9.92 -34.33
C ASN B 288 -20.58 9.65 -34.36
N MET B 289 -20.16 8.39 -34.42
CA MET B 289 -18.75 8.07 -34.40
C MET B 289 -18.04 8.70 -35.59
N ILE B 290 -16.91 9.35 -35.32
CA ILE B 290 -16.08 9.90 -36.39
C ILE B 290 -15.29 8.76 -37.03
N PRO B 291 -15.34 8.59 -38.36
CA PRO B 291 -14.65 7.44 -38.95
C PRO B 291 -13.15 7.43 -38.71
N ASP B 292 -12.47 8.53 -39.02
CA ASP B 292 -11.02 8.63 -38.86
C ASP B 292 -10.74 9.07 -37.42
N GLY B 293 -10.12 8.20 -36.64
CA GLY B 293 -9.83 8.52 -35.25
C GLY B 293 -9.41 7.29 -34.47
N ASP B 294 -9.67 7.34 -33.17
CA ASP B 294 -9.30 6.26 -32.25
C ASP B 294 -10.51 5.38 -31.96
N PHE B 295 -10.23 4.11 -31.70
CA PHE B 295 -11.27 3.13 -31.38
C PHE B 295 -10.65 2.13 -30.40
N ASN B 296 -10.82 2.40 -29.11
CA ASN B 296 -10.24 1.59 -28.05
C ASN B 296 -11.35 0.86 -27.31
N SER B 297 -11.14 -0.44 -27.09
CA SER B 297 -12.11 -1.28 -26.42
C SER B 297 -11.43 -2.04 -25.29
N TYR B 298 -12.12 -2.13 -24.15
CA TYR B 298 -11.57 -2.77 -22.96
C TYR B 298 -12.59 -3.73 -22.38
N VAL B 299 -12.11 -4.89 -21.93
CA VAL B 299 -12.94 -5.92 -21.32
C VAL B 299 -12.63 -5.97 -19.84
N ARG B 300 -13.67 -6.05 -19.01
CA ARG B 300 -13.54 -6.04 -17.56
C ARG B 300 -14.36 -7.21 -17.00
N VAL B 301 -13.68 -8.31 -16.68
CA VAL B 301 -14.32 -9.51 -16.16
C VAL B 301 -14.09 -9.57 -14.66
N THR B 302 -15.16 -9.88 -13.92
CA THR B 302 -15.11 -9.98 -12.48
C THR B 302 -15.53 -11.39 -12.05
N ALA B 303 -14.71 -12.02 -11.21
CA ALA B 303 -15.06 -13.35 -10.72
C ALA B 303 -16.32 -13.31 -9.86
N SER B 304 -16.43 -12.32 -8.98
CA SER B 304 -17.60 -12.15 -8.11
C SER B 304 -17.88 -13.43 -7.32
N ASP B 305 -16.86 -13.88 -6.59
CA ASP B 305 -17.03 -15.05 -5.74
C ASP B 305 -17.99 -14.72 -4.60
N PRO B 306 -18.77 -15.71 -4.13
CA PRO B 306 -19.74 -15.45 -3.05
C PRO B 306 -19.07 -14.92 -1.78
N ALA B 315 -18.82 -28.44 14.26
CA ALA B 315 -18.24 -29.77 14.40
C ALA B 315 -18.37 -30.26 15.84
N LEU B 316 -18.24 -31.56 16.03
CA LEU B 316 -18.33 -32.13 17.37
C LEU B 316 -17.16 -31.65 18.23
N SER B 317 -17.39 -31.58 19.53
CA SER B 317 -16.40 -31.02 20.43
C SER B 317 -15.14 -31.88 20.44
N PRO B 318 -13.94 -31.27 20.32
CA PRO B 318 -12.71 -32.06 20.44
C PRO B 318 -12.48 -32.63 21.82
N GLY B 319 -13.29 -32.26 22.81
CA GLY B 319 -13.11 -32.79 24.16
C GLY B 319 -13.72 -34.16 24.33
N GLY B 320 -14.99 -34.31 23.95
CA GLY B 320 -15.64 -35.60 24.09
C GLY B 320 -15.00 -36.67 23.23
N VAL B 321 -14.72 -36.35 21.96
CA VAL B 321 -14.12 -37.32 21.06
C VAL B 321 -12.76 -37.75 21.58
N ALA B 322 -11.96 -36.79 22.06
CA ALA B 322 -10.64 -37.14 22.58
C ALA B 322 -10.76 -38.07 23.79
N SER B 323 -11.78 -37.87 24.61
CA SER B 323 -11.97 -38.73 25.78
C SER B 323 -12.29 -40.17 25.39
N LEU B 324 -12.70 -40.41 24.14
CA LEU B 324 -12.98 -41.76 23.69
C LEU B 324 -11.72 -42.58 23.48
N LEU B 325 -10.55 -41.96 23.47
CA LEU B 325 -9.30 -42.69 23.30
C LEU B 325 -8.99 -43.45 24.59
N ARG B 326 -9.19 -44.77 24.56
CA ARG B 326 -8.95 -45.63 25.71
C ARG B 326 -8.15 -46.85 25.28
N LEU B 327 -7.31 -47.33 26.18
CA LEU B 327 -6.46 -48.48 25.87
C LEU B 327 -7.29 -49.75 25.85
N PRO B 328 -7.28 -50.52 24.77
CA PRO B 328 -8.10 -51.74 24.73
C PRO B 328 -7.63 -52.77 25.74
N ARG B 329 -8.60 -53.54 26.25
CA ARG B 329 -8.30 -54.60 27.20
C ARG B 329 -9.49 -55.55 27.24
N GLY B 330 -9.25 -56.75 27.77
CA GLY B 330 -10.28 -57.75 27.90
C GLY B 330 -10.19 -58.83 26.85
N CYS B 331 -11.32 -59.51 26.65
CA CYS B 331 -11.39 -60.63 25.73
C CYS B 331 -11.34 -60.13 24.29
N GLY B 332 -11.46 -61.07 23.35
CA GLY B 332 -11.42 -60.73 21.93
C GLY B 332 -12.56 -59.83 21.49
N GLU B 333 -13.64 -59.77 22.27
CA GLU B 333 -14.77 -58.89 22.00
C GLU B 333 -14.64 -57.56 22.71
N GLN B 334 -14.37 -57.58 24.03
CA GLN B 334 -14.23 -56.34 24.77
C GLN B 334 -13.07 -55.50 24.27
N THR B 335 -12.04 -56.13 23.70
CA THR B 335 -10.95 -55.37 23.12
C THR B 335 -11.44 -54.53 21.95
N MET B 336 -12.34 -55.07 21.14
CA MET B 336 -12.89 -54.30 20.02
C MET B 336 -13.88 -53.25 20.51
N ILE B 337 -14.49 -53.46 21.67
CA ILE B 337 -15.35 -52.43 22.26
C ILE B 337 -14.55 -51.16 22.49
N TYR B 338 -13.31 -51.30 22.94
CA TYR B 338 -12.47 -50.16 23.25
C TYR B 338 -11.62 -49.71 22.07
N LEU B 339 -11.45 -50.55 21.05
CA LEU B 339 -10.60 -50.20 19.91
C LEU B 339 -11.37 -49.52 18.80
N ALA B 340 -12.60 -49.95 18.52
CA ALA B 340 -13.38 -49.31 17.45
C ALA B 340 -13.64 -47.84 17.75
N PRO B 341 -14.13 -47.45 18.93
CA PRO B 341 -14.24 -46.02 19.22
C PRO B 341 -12.91 -45.30 19.15
N THR B 342 -11.83 -45.94 19.62
CA THR B 342 -10.53 -45.29 19.61
C THR B 342 -10.07 -44.99 18.19
N LEU B 343 -10.28 -45.94 17.29
CA LEU B 343 -9.89 -45.71 15.89
C LEU B 343 -10.77 -44.64 15.27
N ALA B 344 -12.07 -44.66 15.55
CA ALA B 344 -12.97 -43.65 15.00
C ALA B 344 -12.60 -42.27 15.50
N ALA B 345 -12.37 -42.13 16.81
CA ALA B 345 -12.01 -40.83 17.36
C ALA B 345 -10.69 -40.34 16.78
N SER B 346 -9.71 -41.23 16.63
CA SER B 346 -8.44 -40.83 16.04
C SER B 346 -8.62 -40.40 14.58
N ARG B 347 -9.44 -41.13 13.83
CA ARG B 347 -9.64 -40.77 12.42
C ARG B 347 -10.56 -39.58 12.28
N TYR B 348 -11.55 -39.43 13.15
CA TYR B 348 -12.42 -38.25 13.09
C TYR B 348 -11.59 -36.99 13.23
N LEU B 349 -10.74 -36.91 14.26
CA LEU B 349 -9.90 -35.75 14.45
C LEU B 349 -8.90 -35.60 13.31
N ASP B 350 -8.41 -36.73 12.78
CA ASP B 350 -7.49 -36.68 11.66
C ASP B 350 -8.13 -36.01 10.44
N LYS B 351 -9.36 -36.41 10.13
CA LYS B 351 -10.06 -35.84 8.99
C LYS B 351 -10.62 -34.45 9.29
N THR B 352 -11.12 -34.25 10.51
CA THR B 352 -11.65 -32.95 10.91
C THR B 352 -10.53 -31.95 11.26
N GLU B 353 -9.28 -32.39 11.32
CA GLU B 353 -8.16 -31.51 11.59
C GLU B 353 -8.32 -30.80 12.93
N GLN B 354 -8.83 -31.52 13.92
CA GLN B 354 -8.98 -31.01 15.28
C GLN B 354 -7.87 -31.48 16.21
N TRP B 355 -6.77 -31.98 15.65
CA TRP B 355 -5.65 -32.42 16.47
C TRP B 355 -4.87 -31.25 17.07
N SER B 356 -5.02 -30.05 16.51
CA SER B 356 -4.28 -28.90 17.03
C SER B 356 -4.79 -28.48 18.40
N THR B 357 -6.11 -28.57 18.63
CA THR B 357 -6.67 -28.17 19.90
C THR B 357 -6.04 -28.94 21.06
N LEU B 358 -5.94 -30.25 20.92
CA LEU B 358 -5.33 -31.08 21.95
C LEU B 358 -3.81 -30.98 21.88
N PRO B 359 -3.12 -31.30 22.97
CA PRO B 359 -1.66 -31.26 22.94
C PRO B 359 -1.09 -32.34 22.04
N PRO B 360 0.09 -32.12 21.46
CA PRO B 360 0.64 -33.13 20.55
C PRO B 360 0.88 -34.48 21.20
N GLU B 361 1.06 -34.54 22.52
CA GLU B 361 1.26 -35.83 23.17
C GLU B 361 0.07 -36.75 22.93
N THR B 362 -1.14 -36.20 22.88
CA THR B 362 -2.33 -37.03 22.72
C THR B 362 -2.33 -37.74 21.36
N LYS B 363 -1.92 -37.05 20.31
CA LYS B 363 -1.92 -37.67 18.99
C LYS B 363 -1.08 -38.94 18.99
N ASP B 364 0.17 -38.85 19.46
CA ASP B 364 1.01 -40.03 19.53
C ASP B 364 0.49 -41.03 20.55
N HIS B 365 -0.16 -40.54 21.62
CA HIS B 365 -0.81 -41.45 22.54
C HIS B 365 -1.93 -42.23 21.86
N ALA B 366 -2.70 -41.56 21.01
CA ALA B 366 -3.73 -42.25 20.25
C ALA B 366 -3.11 -43.27 19.29
N VAL B 367 -2.03 -42.89 18.61
CA VAL B 367 -1.38 -43.81 17.68
C VAL B 367 -0.84 -45.01 18.43
N ASP B 368 -0.21 -44.79 19.59
CA ASP B 368 0.34 -45.89 20.36
C ASP B 368 -0.77 -46.83 20.81
N LEU B 369 -1.91 -46.29 21.24
CA LEU B 369 -3.02 -47.14 21.63
C LEU B 369 -3.53 -47.98 20.47
N ILE B 370 -3.61 -47.37 19.28
CA ILE B 370 -4.04 -48.11 18.10
C ILE B 370 -3.06 -49.24 17.79
N GLN B 371 -1.76 -48.96 17.89
CA GLN B 371 -0.77 -50.01 17.66
C GLN B 371 -0.92 -51.13 18.67
N LYS B 372 -1.12 -50.79 19.94
CA LYS B 372 -1.32 -51.82 20.96
C LYS B 372 -2.60 -52.60 20.70
N GLY B 373 -3.68 -51.91 20.35
CA GLY B 373 -4.93 -52.60 20.05
C GLY B 373 -4.82 -53.48 18.83
N TYR B 374 -4.11 -53.02 17.80
CA TYR B 374 -3.93 -53.82 16.60
C TYR B 374 -3.25 -55.14 16.92
N MET B 375 -2.19 -55.10 17.75
CA MET B 375 -1.53 -56.33 18.16
C MET B 375 -2.43 -57.15 19.07
N ARG B 376 -3.17 -56.49 19.96
CA ARG B 376 -4.00 -57.21 20.91
C ARG B 376 -5.06 -58.04 20.20
N ILE B 377 -5.70 -57.48 19.19
CA ILE B 377 -6.70 -58.23 18.44
C ILE B 377 -6.07 -59.19 17.44
N GLN B 378 -4.87 -58.88 16.95
CA GLN B 378 -4.24 -59.75 15.96
C GLN B 378 -3.94 -61.13 16.54
N GLN B 379 -3.63 -61.20 17.83
CA GLN B 379 -3.33 -62.49 18.46
C GLN B 379 -4.57 -63.26 18.84
N PHE B 380 -5.76 -62.68 18.71
CA PHE B 380 -7.01 -63.40 18.82
C PHE B 380 -7.41 -64.06 17.50
N ARG B 381 -6.66 -63.79 16.43
CA ARG B 381 -6.98 -64.34 15.12
C ARG B 381 -6.79 -65.86 15.14
N LYS B 382 -7.74 -66.57 14.53
CA LYS B 382 -7.61 -68.00 14.37
C LYS B 382 -6.71 -68.31 13.17
N ALA B 383 -6.66 -69.60 12.82
CA ALA B 383 -5.82 -70.01 11.69
C ALA B 383 -6.30 -69.40 10.38
N ASP B 384 -7.61 -69.31 10.19
CA ASP B 384 -8.19 -68.87 8.93
C ASP B 384 -8.76 -67.45 9.02
N GLY B 385 -8.21 -66.62 9.89
CA GLY B 385 -8.67 -65.24 9.99
C GLY B 385 -10.10 -65.11 10.46
N SER B 386 -10.48 -65.82 11.52
CA SER B 386 -11.86 -65.82 11.97
C SER B 386 -12.15 -64.69 12.95
N TYR B 387 -11.21 -64.39 13.85
CA TYR B 387 -11.37 -63.33 14.83
C TYR B 387 -12.60 -63.60 15.72
N ALA B 388 -12.52 -64.68 16.47
CA ALA B 388 -13.56 -65.05 17.42
C ALA B 388 -13.27 -64.46 18.79
N ALA B 389 -14.29 -64.43 19.64
CA ALA B 389 -14.13 -63.91 21.00
C ALA B 389 -13.14 -64.75 21.78
N TRP B 390 -13.24 -66.08 21.68
CA TRP B 390 -12.30 -67.00 22.30
C TRP B 390 -11.85 -68.03 21.28
N LEU B 391 -10.61 -68.48 21.42
CA LEU B 391 -10.07 -69.47 20.50
C LEU B 391 -10.89 -70.74 20.52
N SER B 392 -11.28 -71.20 21.71
CA SER B 392 -12.10 -72.41 21.81
C SER B 392 -13.45 -72.21 21.16
N ARG B 393 -14.07 -71.04 21.37
CA ARG B 393 -15.40 -70.80 20.85
C ARG B 393 -15.38 -70.69 19.33
N ASP B 394 -16.52 -71.03 18.73
CA ASP B 394 -16.64 -71.01 17.28
C ASP B 394 -16.62 -69.56 16.76
N SER B 395 -16.30 -69.42 15.48
CA SER B 395 -16.18 -68.12 14.87
C SER B 395 -17.54 -67.46 14.67
N SER B 396 -17.54 -66.13 14.61
CA SER B 396 -18.71 -65.34 14.29
C SER B 396 -18.39 -64.45 13.11
N THR B 397 -19.20 -64.52 12.05
CA THR B 397 -18.92 -63.71 10.87
C THR B 397 -19.14 -62.23 11.16
N TRP B 398 -20.05 -61.91 12.08
CA TRP B 398 -20.29 -60.52 12.42
C TRP B 398 -19.02 -59.85 12.92
N LEU B 399 -18.37 -60.46 13.91
CA LEU B 399 -17.18 -59.85 14.49
C LEU B 399 -16.02 -59.89 13.52
N THR B 400 -15.92 -60.93 12.69
CA THR B 400 -14.87 -60.97 11.68
C THR B 400 -15.00 -59.80 10.71
N ALA B 401 -16.22 -59.51 10.26
CA ALA B 401 -16.43 -58.36 9.39
C ALA B 401 -16.12 -57.06 10.12
N PHE B 402 -16.54 -56.95 11.38
CA PHE B 402 -16.26 -55.75 12.15
C PHE B 402 -14.76 -55.55 12.32
N VAL B 403 -14.04 -56.63 12.64
CA VAL B 403 -12.59 -56.53 12.80
C VAL B 403 -11.93 -56.21 11.48
N LEU B 404 -12.38 -56.85 10.39
CA LEU B 404 -11.81 -56.57 9.09
C LEU B 404 -11.99 -55.10 8.72
N LYS B 405 -13.16 -54.54 9.00
CA LYS B 405 -13.39 -53.12 8.74
C LYS B 405 -12.46 -52.26 9.58
N VAL B 406 -12.32 -52.60 10.87
CA VAL B 406 -11.50 -51.78 11.77
C VAL B 406 -10.04 -51.87 11.36
N LEU B 407 -9.53 -53.08 11.14
CA LEU B 407 -8.13 -53.23 10.77
C LEU B 407 -7.83 -52.61 9.42
N SER B 408 -8.76 -52.74 8.46
CA SER B 408 -8.53 -52.18 7.14
C SER B 408 -8.38 -50.67 7.20
N LEU B 409 -9.21 -50.00 8.00
CA LEU B 409 -9.08 -48.55 8.16
C LEU B 409 -7.77 -48.19 8.83
N ALA B 410 -7.38 -48.94 9.87
CA ALA B 410 -6.14 -48.66 10.59
C ALA B 410 -4.90 -49.05 9.81
N GLN B 411 -5.05 -49.77 8.69
CA GLN B 411 -3.87 -50.20 7.94
C GLN B 411 -3.08 -49.00 7.42
N GLU B 412 -3.74 -47.88 7.18
CA GLU B 412 -3.05 -46.72 6.61
C GLU B 412 -1.97 -46.21 7.55
N GLN B 413 -2.29 -46.08 8.83
CA GLN B 413 -1.35 -45.52 9.81
C GLN B 413 -0.58 -46.59 10.57
N VAL B 414 -0.82 -47.87 10.29
CA VAL B 414 -0.14 -48.98 10.97
C VAL B 414 0.48 -49.87 9.91
N GLY B 415 1.76 -50.21 10.10
CA GLY B 415 2.45 -51.06 9.15
C GLY B 415 2.01 -52.51 9.26
N GLY B 416 0.76 -52.77 8.94
CA GLY B 416 0.20 -54.10 9.05
C GLY B 416 0.58 -55.00 7.89
N SER B 417 0.11 -56.25 7.98
CA SER B 417 0.39 -57.27 6.98
C SER B 417 -0.85 -57.50 6.13
N PRO B 418 -0.88 -57.06 4.87
CA PRO B 418 -2.12 -57.21 4.08
C PRO B 418 -2.59 -58.64 3.92
N GLU B 419 -1.67 -59.61 3.79
CA GLU B 419 -2.09 -60.96 3.45
C GLU B 419 -3.02 -61.54 4.52
N LYS B 420 -2.83 -61.15 5.78
CA LYS B 420 -3.74 -61.62 6.82
C LYS B 420 -5.17 -61.12 6.56
N LEU B 421 -5.32 -59.86 6.18
CA LEU B 421 -6.64 -59.34 5.82
C LEU B 421 -7.19 -60.05 4.59
N GLN B 422 -6.33 -60.34 3.61
CA GLN B 422 -6.78 -61.06 2.43
C GLN B 422 -7.37 -62.41 2.82
N GLU B 423 -6.71 -63.12 3.72
CA GLU B 423 -7.23 -64.40 4.19
C GLU B 423 -8.57 -64.24 4.89
N THR B 424 -8.70 -63.20 5.73
CA THR B 424 -9.95 -62.98 6.42
C THR B 424 -11.08 -62.73 5.43
N SER B 425 -10.83 -61.92 4.40
CA SER B 425 -11.83 -61.71 3.37
C SER B 425 -12.18 -63.03 2.68
N ASN B 426 -11.17 -63.86 2.41
CA ASN B 426 -11.44 -65.17 1.82
C ASN B 426 -12.33 -66.00 2.74
N TRP B 427 -12.06 -65.96 4.05
CA TRP B 427 -12.89 -66.71 4.99
C TRP B 427 -14.33 -66.22 4.98
N LEU B 428 -14.53 -64.91 4.91
CA LEU B 428 -15.89 -64.37 4.89
C LEU B 428 -16.66 -64.88 3.69
N LEU B 429 -16.01 -64.94 2.54
CA LEU B 429 -16.69 -65.41 1.34
C LEU B 429 -17.23 -66.83 1.51
N SER B 430 -16.55 -67.64 2.31
CA SER B 430 -17.01 -69.01 2.54
C SER B 430 -18.36 -69.04 3.24
N GLN B 431 -18.55 -68.15 4.22
CA GLN B 431 -19.79 -68.15 5.01
C GLN B 431 -21.00 -67.68 4.21
N GLN B 432 -20.81 -67.15 3.01
CA GLN B 432 -21.95 -66.68 2.23
C GLN B 432 -22.89 -67.83 1.93
N GLN B 433 -24.19 -67.55 2.02
CA GLN B 433 -25.21 -68.55 1.73
C GLN B 433 -25.43 -68.65 0.22
N ALA B 434 -26.39 -69.50 -0.18
CA ALA B 434 -26.65 -69.70 -1.59
C ALA B 434 -27.20 -68.43 -2.24
N ASP B 435 -28.09 -67.72 -1.55
CA ASP B 435 -28.77 -66.56 -2.11
C ASP B 435 -28.01 -65.26 -1.90
N GLY B 436 -26.82 -65.33 -1.30
CA GLY B 436 -26.01 -64.15 -1.08
C GLY B 436 -26.03 -63.59 0.32
N SER B 437 -26.70 -64.25 1.27
CA SER B 437 -26.74 -63.79 2.64
C SER B 437 -25.50 -64.28 3.39
N PHE B 438 -25.47 -64.02 4.69
CA PHE B 438 -24.38 -64.46 5.56
C PHE B 438 -24.96 -65.09 6.82
N GLN B 439 -24.26 -66.12 7.32
CA GLN B 439 -24.82 -67.01 8.32
C GLN B 439 -24.63 -66.50 9.75
N ASP B 440 -23.38 -66.30 10.15
CA ASP B 440 -23.07 -66.01 11.55
C ASP B 440 -23.51 -67.19 12.40
N PRO B 441 -22.90 -68.37 12.25
CA PRO B 441 -23.38 -69.54 12.99
C PRO B 441 -23.36 -69.35 14.50
N CYS B 442 -22.35 -68.67 15.03
CA CYS B 442 -22.21 -68.49 16.48
C CYS B 442 -22.42 -67.03 16.82
N PRO B 443 -23.55 -66.65 17.40
CA PRO B 443 -23.73 -65.24 17.78
C PRO B 443 -22.72 -64.81 18.84
N VAL B 444 -22.40 -63.51 18.81
CA VAL B 444 -21.44 -62.97 19.77
C VAL B 444 -22.01 -63.07 21.19
N LEU B 445 -21.10 -63.12 22.15
CA LEU B 445 -21.52 -63.28 23.55
C LEU B 445 -22.39 -62.12 24.00
N ASP B 446 -22.00 -60.89 23.66
CA ASP B 446 -22.73 -59.70 24.04
C ASP B 446 -23.34 -59.05 22.81
N ARG B 447 -24.65 -58.84 22.85
CA ARG B 447 -25.35 -58.21 21.74
C ARG B 447 -25.43 -56.69 21.88
N SER B 448 -24.99 -56.13 23.01
CA SER B 448 -25.05 -54.68 23.19
C SER B 448 -24.19 -53.93 22.17
N MET B 449 -23.11 -54.54 21.71
CA MET B 449 -22.24 -53.90 20.72
C MET B 449 -22.78 -54.03 19.30
N GLN B 450 -23.81 -54.87 19.09
CA GLN B 450 -24.36 -55.07 17.75
C GLN B 450 -25.13 -53.86 17.25
N GLY B 451 -25.39 -52.87 18.11
CA GLY B 451 -26.18 -51.74 17.67
C GLY B 451 -27.63 -52.14 17.43
N GLY B 452 -28.24 -51.48 16.45
CA GLY B 452 -29.64 -51.76 16.13
C GLY B 452 -29.81 -53.00 15.29
N LEU B 453 -29.14 -54.09 15.67
CA LEU B 453 -29.22 -55.35 14.95
C LEU B 453 -30.20 -56.33 15.58
N VAL B 454 -30.19 -56.45 16.91
CA VAL B 454 -31.12 -57.34 17.59
C VAL B 454 -32.54 -56.92 17.26
N GLY B 455 -33.36 -57.87 16.84
CA GLY B 455 -34.74 -57.58 16.48
C GLY B 455 -35.27 -58.65 15.56
N ASN B 456 -36.40 -58.32 14.93
CA ASN B 456 -37.05 -59.27 14.03
C ASN B 456 -36.19 -59.56 12.81
N ASP B 457 -35.55 -58.53 12.24
CA ASP B 457 -34.77 -58.66 11.03
C ASP B 457 -33.28 -58.62 11.36
N GLU B 458 -32.57 -59.67 11.00
CA GLU B 458 -31.12 -59.74 11.19
C GLU B 458 -30.37 -60.11 9.92
N THR B 459 -30.93 -60.99 9.09
CA THR B 459 -30.19 -61.50 7.93
C THR B 459 -29.84 -60.37 6.97
N VAL B 460 -30.78 -59.45 6.72
CA VAL B 460 -30.51 -58.36 5.80
C VAL B 460 -29.48 -57.40 6.39
N ALA B 461 -29.55 -57.15 7.70
CA ALA B 461 -28.58 -56.26 8.32
C ALA B 461 -27.17 -56.83 8.20
N LEU B 462 -26.99 -58.11 8.53
CA LEU B 462 -25.66 -58.71 8.42
C LEU B 462 -25.15 -58.69 7.00
N THR B 463 -26.01 -59.04 6.03
CA THR B 463 -25.58 -59.06 4.64
C THR B 463 -25.05 -57.70 4.22
N ALA B 464 -25.82 -56.64 4.51
CA ALA B 464 -25.35 -55.30 4.19
C ALA B 464 -24.12 -54.93 5.02
N PHE B 465 -24.13 -55.28 6.31
CA PHE B 465 -23.01 -54.92 7.17
C PHE B 465 -21.71 -55.57 6.69
N VAL B 466 -21.78 -56.84 6.28
CA VAL B 466 -20.58 -57.53 5.83
C VAL B 466 -20.08 -56.92 4.52
N THR B 467 -21.00 -56.57 3.62
CA THR B 467 -20.58 -55.98 2.35
C THR B 467 -19.84 -54.67 2.58
N ILE B 468 -20.32 -53.85 3.51
CA ILE B 468 -19.61 -52.63 3.86
C ILE B 468 -18.20 -52.97 4.35
N ALA B 469 -18.09 -53.97 5.23
CA ALA B 469 -16.77 -54.41 5.68
C ALA B 469 -15.96 -54.98 4.51
N LEU B 470 -16.60 -55.80 3.67
CA LEU B 470 -15.88 -56.38 2.54
C LEU B 470 -15.37 -55.30 1.60
N HIS B 471 -16.19 -54.30 1.31
CA HIS B 471 -15.75 -53.22 0.42
C HIS B 471 -14.56 -52.49 1.01
N HIS B 472 -14.60 -52.22 2.31
CA HIS B 472 -13.47 -51.57 2.96
C HIS B 472 -12.19 -52.37 2.82
N GLY B 473 -12.32 -53.69 2.66
CA GLY B 473 -11.15 -54.55 2.47
C GLY B 473 -10.58 -54.56 1.07
N LEU B 474 -11.22 -53.86 0.12
CA LEU B 474 -10.67 -53.80 -1.23
C LEU B 474 -9.36 -53.02 -1.26
N ALA B 475 -9.29 -51.94 -0.48
CA ALA B 475 -8.08 -51.12 -0.49
C ALA B 475 -6.87 -51.90 -0.02
N VAL B 476 -7.02 -52.71 1.03
CA VAL B 476 -5.88 -53.41 1.60
C VAL B 476 -5.31 -54.41 0.61
N PHE B 477 -6.15 -54.91 -0.31
CA PHE B 477 -5.67 -55.85 -1.31
C PHE B 477 -4.52 -55.24 -2.10
N GLN B 478 -3.44 -56.00 -2.26
CA GLN B 478 -2.26 -55.52 -2.95
C GLN B 478 -2.51 -55.48 -4.45
N ASP B 479 -2.01 -54.42 -5.09
CA ASP B 479 -2.18 -54.29 -6.54
C ASP B 479 -1.49 -55.40 -7.29
N GLU B 480 -0.41 -55.95 -6.73
CA GLU B 480 0.35 -57.02 -7.37
C GLU B 480 0.01 -58.34 -6.68
N GLY B 481 -0.41 -59.33 -7.47
CA GLY B 481 -0.71 -60.64 -6.96
C GLY B 481 -2.10 -60.73 -6.34
N ALA B 482 -2.46 -61.97 -5.98
CA ALA B 482 -3.76 -62.24 -5.36
C ALA B 482 -4.90 -61.74 -6.24
N GLU B 483 -4.73 -61.86 -7.55
CA GLU B 483 -5.78 -61.42 -8.47
C GLU B 483 -7.07 -62.19 -8.28
N PRO B 484 -7.07 -63.53 -8.22
CA PRO B 484 -8.35 -64.25 -8.08
C PRO B 484 -9.15 -63.86 -6.85
N LEU B 485 -8.48 -63.56 -5.73
CA LEU B 485 -9.21 -63.25 -4.51
C LEU B 485 -10.10 -62.04 -4.69
N LYS B 486 -9.59 -61.00 -5.34
CA LYS B 486 -10.41 -59.80 -5.56
C LYS B 486 -11.65 -60.13 -6.37
N GLN B 487 -11.47 -60.76 -7.53
CA GLN B 487 -12.61 -61.02 -8.41
C GLN B 487 -13.69 -61.83 -7.68
N ARG B 488 -13.28 -62.79 -6.85
CA ARG B 488 -14.24 -63.53 -6.06
C ARG B 488 -15.01 -62.59 -5.13
N VAL B 489 -14.35 -61.55 -4.62
CA VAL B 489 -15.02 -60.60 -3.74
C VAL B 489 -16.05 -59.78 -4.52
N GLU B 490 -15.65 -59.25 -5.67
CA GLU B 490 -16.59 -58.46 -6.45
C GLU B 490 -17.78 -59.30 -6.90
N ALA B 491 -17.56 -60.58 -7.16
CA ALA B 491 -18.67 -61.46 -7.52
C ALA B 491 -19.62 -61.66 -6.35
N SER B 492 -19.07 -61.91 -5.16
CA SER B 492 -19.92 -62.13 -4.00
C SER B 492 -20.62 -60.84 -3.58
N ILE B 493 -19.88 -59.74 -3.48
CA ILE B 493 -20.48 -58.48 -3.05
C ILE B 493 -21.59 -58.07 -4.02
N SER B 494 -21.37 -58.30 -5.31
CA SER B 494 -22.44 -58.06 -6.29
C SER B 494 -23.64 -58.95 -6.00
N LYS B 495 -23.40 -60.22 -5.67
CA LYS B 495 -24.49 -61.10 -5.29
C LYS B 495 -25.20 -60.58 -4.04
N ALA B 496 -24.43 -60.13 -3.05
CA ALA B 496 -25.03 -59.51 -1.88
C ALA B 496 -25.74 -58.22 -2.26
N ASN B 497 -25.14 -57.43 -3.16
CA ASN B 497 -25.80 -56.21 -3.63
C ASN B 497 -27.11 -56.55 -4.31
N SER B 498 -27.12 -57.58 -5.15
CA SER B 498 -28.37 -58.00 -5.80
C SER B 498 -29.40 -58.42 -4.77
N PHE B 499 -29.00 -59.30 -3.84
CA PHE B 499 -29.94 -59.79 -2.83
C PHE B 499 -30.52 -58.63 -2.03
N LEU B 500 -29.70 -57.67 -1.63
CA LEU B 500 -30.21 -56.50 -0.93
C LEU B 500 -31.28 -55.80 -1.76
N GLY B 501 -31.14 -55.83 -3.09
CA GLY B 501 -32.11 -55.15 -3.93
C GLY B 501 -33.52 -55.69 -3.75
N GLU B 502 -33.67 -57.02 -3.78
CA GLU B 502 -35.00 -57.60 -3.60
C GLU B 502 -35.54 -57.31 -2.21
N LYS B 503 -34.70 -57.42 -1.18
CA LYS B 503 -35.16 -57.20 0.18
C LYS B 503 -35.58 -55.76 0.39
N ALA B 504 -34.77 -54.80 -0.06
CA ALA B 504 -35.15 -53.39 0.07
C ALA B 504 -36.37 -53.08 -0.79
N SER B 505 -36.41 -53.58 -2.01
CA SER B 505 -37.54 -53.31 -2.89
C SER B 505 -38.82 -53.95 -2.35
N ALA B 506 -38.70 -55.05 -1.61
CA ALA B 506 -39.87 -55.70 -1.04
C ALA B 506 -40.60 -54.79 -0.07
N GLY B 507 -39.94 -53.76 0.45
CA GLY B 507 -40.58 -52.84 1.36
C GLY B 507 -40.73 -53.44 2.75
N LEU B 508 -41.52 -52.73 3.57
CA LEU B 508 -41.80 -53.13 4.95
C LEU B 508 -40.52 -53.53 5.69
N LEU B 509 -39.39 -52.93 5.33
CA LEU B 509 -38.16 -53.11 6.05
C LEU B 509 -38.03 -52.04 7.14
N GLY B 510 -37.39 -52.42 8.24
CA GLY B 510 -37.21 -51.50 9.34
C GLY B 510 -36.28 -50.36 8.97
N ALA B 511 -36.29 -49.33 9.81
CA ALA B 511 -35.46 -48.16 9.55
C ALA B 511 -33.98 -48.53 9.55
N HIS B 512 -33.55 -49.36 10.50
CA HIS B 512 -32.14 -49.75 10.56
C HIS B 512 -31.75 -50.56 9.34
N ALA B 513 -32.56 -51.56 8.97
CA ALA B 513 -32.25 -52.37 7.80
C ALA B 513 -32.25 -51.53 6.53
N ALA B 514 -33.24 -50.64 6.39
CA ALA B 514 -33.29 -49.78 5.22
C ALA B 514 -32.08 -48.86 5.16
N ALA B 515 -31.70 -48.29 6.30
CA ALA B 515 -30.58 -47.35 6.31
C ALA B 515 -29.28 -48.02 5.87
N ILE B 516 -28.97 -49.17 6.45
CA ILE B 516 -27.74 -49.88 6.07
C ILE B 516 -27.80 -50.29 4.61
N THR B 517 -28.95 -50.79 4.17
CA THR B 517 -29.07 -51.26 2.79
C THR B 517 -28.80 -50.13 1.80
N ALA B 518 -29.35 -48.93 2.07
CA ALA B 518 -29.11 -47.81 1.18
C ALA B 518 -27.63 -47.45 1.13
N TYR B 519 -26.97 -47.42 2.30
CA TYR B 519 -25.54 -47.12 2.32
C TYR B 519 -24.74 -48.19 1.61
N ALA B 520 -25.10 -49.46 1.81
CA ALA B 520 -24.34 -50.55 1.20
C ALA B 520 -24.42 -50.48 -0.31
N LEU B 521 -25.62 -50.28 -0.86
CA LEU B 521 -25.78 -50.21 -2.30
C LEU B 521 -25.04 -49.02 -2.88
N SER B 522 -25.18 -47.84 -2.25
CA SER B 522 -24.51 -46.65 -2.76
C SER B 522 -23.00 -46.78 -2.69
N LEU B 523 -22.47 -47.33 -1.59
CA LEU B 523 -21.04 -47.45 -1.42
C LEU B 523 -20.42 -48.39 -2.45
N THR B 524 -21.07 -49.53 -2.68
CA THR B 524 -20.52 -50.59 -3.52
C THR B 524 -20.85 -50.41 -4.99
N LYS B 525 -21.38 -49.26 -5.40
CA LYS B 525 -21.75 -49.01 -6.78
C LYS B 525 -22.75 -50.05 -7.28
N ALA B 526 -23.87 -50.12 -6.58
CA ALA B 526 -24.94 -51.02 -6.94
C ALA B 526 -25.62 -50.52 -8.22
N PRO B 527 -26.37 -51.38 -8.89
CA PRO B 527 -27.06 -50.94 -10.12
C PRO B 527 -28.01 -49.78 -9.83
N VAL B 528 -28.13 -48.89 -10.82
CA VAL B 528 -28.85 -47.64 -10.61
C VAL B 528 -30.29 -47.90 -10.17
N ASP B 529 -30.96 -48.83 -10.83
CA ASP B 529 -32.37 -49.07 -10.51
C ASP B 529 -32.53 -49.51 -9.05
N LEU B 530 -31.69 -50.43 -8.59
CA LEU B 530 -31.76 -50.84 -7.19
C LEU B 530 -31.30 -49.70 -6.28
N LEU B 531 -30.28 -48.96 -6.70
CA LEU B 531 -29.83 -47.81 -5.92
C LEU B 531 -30.93 -46.76 -5.84
N GLY B 532 -31.61 -46.51 -6.96
CA GLY B 532 -32.65 -45.49 -6.97
C GLY B 532 -33.80 -45.82 -6.04
N VAL B 533 -34.29 -47.07 -6.09
CA VAL B 533 -35.39 -47.45 -5.22
C VAL B 533 -34.98 -47.38 -3.76
N ALA B 534 -33.78 -47.87 -3.44
CA ALA B 534 -33.32 -47.85 -2.05
C ALA B 534 -33.26 -46.42 -1.52
N HIS B 535 -32.78 -45.48 -2.34
CA HIS B 535 -32.73 -44.09 -1.92
C HIS B 535 -34.12 -43.57 -1.55
N ASN B 536 -35.10 -43.78 -2.43
CA ASN B 536 -36.43 -43.22 -2.18
C ASN B 536 -37.18 -43.98 -1.11
N ASN B 537 -36.90 -45.28 -0.94
CA ASN B 537 -37.51 -46.01 0.16
C ASN B 537 -37.08 -45.42 1.50
N LEU B 538 -35.78 -45.14 1.65
CA LEU B 538 -35.30 -44.53 2.89
C LEU B 538 -35.95 -43.17 3.12
N MET B 539 -36.08 -42.37 2.06
CA MET B 539 -36.73 -41.07 2.19
C MET B 539 -38.14 -41.24 2.76
N ALA B 540 -38.85 -42.29 2.36
CA ALA B 540 -40.20 -42.50 2.84
C ALA B 540 -40.22 -42.74 4.35
N MET B 541 -39.30 -43.57 4.85
CA MET B 541 -39.21 -43.80 6.29
C MET B 541 -38.62 -42.61 7.03
N ALA B 542 -38.11 -41.61 6.32
CA ALA B 542 -37.52 -40.44 6.97
C ALA B 542 -38.51 -39.79 7.93
N GLN B 543 -38.02 -39.00 8.86
CA GLN B 543 -38.85 -38.29 9.83
C GLN B 543 -38.40 -36.84 9.91
N GLU B 544 -39.36 -35.96 10.14
CA GLU B 544 -39.07 -34.53 10.24
C GLU B 544 -40.02 -33.92 11.27
N THR B 545 -39.46 -33.50 12.40
CA THR B 545 -40.24 -32.87 13.46
C THR B 545 -39.98 -31.38 13.61
N GLY B 546 -38.95 -30.86 12.97
CA GLY B 546 -38.66 -29.44 13.04
C GLY B 546 -37.35 -29.13 12.35
N ASP B 547 -36.94 -27.87 12.43
CA ASP B 547 -35.67 -27.47 11.85
C ASP B 547 -34.54 -28.25 12.51
N ASN B 548 -33.60 -28.71 11.69
CA ASN B 548 -32.45 -29.51 12.12
C ASN B 548 -32.88 -30.69 13.00
N LEU B 549 -34.01 -31.30 12.63
CA LEU B 549 -34.48 -32.53 13.25
C LEU B 549 -34.68 -33.59 12.18
N TYR B 550 -34.26 -34.83 12.48
CA TYR B 550 -34.48 -35.97 11.61
C TYR B 550 -34.40 -37.25 12.43
N TRP B 551 -35.00 -38.31 11.89
CA TRP B 551 -35.00 -39.63 12.50
C TRP B 551 -34.98 -39.57 14.02
N GLN B 577 -29.95 -38.98 24.67
CA GLN B 577 -31.38 -38.79 24.49
C GLN B 577 -31.97 -39.85 23.57
N ALA B 578 -31.63 -39.76 22.29
CA ALA B 578 -32.21 -40.67 21.32
C ALA B 578 -31.73 -42.10 21.57
N PRO B 579 -32.52 -43.10 21.21
CA PRO B 579 -32.09 -44.50 21.38
C PRO B 579 -30.91 -44.83 20.49
N ALA B 580 -30.19 -45.88 20.88
CA ALA B 580 -29.03 -46.32 20.11
C ALA B 580 -29.41 -46.64 18.67
N LEU B 581 -30.64 -47.13 18.46
CA LEU B 581 -31.06 -47.47 17.11
C LEU B 581 -31.22 -46.22 16.25
N TRP B 582 -31.91 -45.20 16.78
CA TRP B 582 -32.16 -43.99 15.99
C TRP B 582 -30.86 -43.29 15.65
N ILE B 583 -29.94 -43.18 16.62
CA ILE B 583 -28.68 -42.49 16.38
C ILE B 583 -27.87 -43.22 15.30
N GLU B 584 -27.81 -44.55 15.39
CA GLU B 584 -27.06 -45.30 14.39
C GLU B 584 -27.73 -45.23 13.03
N THR B 585 -29.06 -45.38 12.99
CA THR B 585 -29.77 -45.35 11.72
C THR B 585 -29.60 -44.01 11.02
N THR B 586 -29.67 -42.92 11.78
CA THR B 586 -29.46 -41.60 11.19
C THR B 586 -28.07 -41.49 10.61
N ALA B 587 -27.06 -42.02 11.31
CA ALA B 587 -25.69 -41.94 10.81
C ALA B 587 -25.55 -42.68 9.49
N TYR B 588 -26.16 -43.86 9.39
CA TYR B 588 -26.09 -44.61 8.13
C TYR B 588 -26.78 -43.84 7.00
N ALA B 589 -27.94 -43.24 7.30
CA ALA B 589 -28.62 -42.46 6.29
C ALA B 589 -27.79 -41.26 5.85
N LEU B 590 -27.17 -40.58 6.80
CA LEU B 590 -26.34 -39.42 6.46
C LEU B 590 -25.19 -39.83 5.55
N LEU B 591 -24.56 -40.96 5.85
CA LEU B 591 -23.50 -41.46 4.97
C LEU B 591 -24.03 -41.74 3.58
N HIS B 592 -25.23 -42.32 3.49
CA HIS B 592 -25.83 -42.60 2.19
C HIS B 592 -26.15 -41.31 1.44
N LEU B 593 -26.73 -40.33 2.13
CA LEU B 593 -27.09 -39.08 1.47
C LEU B 593 -25.86 -38.35 0.96
N LEU B 594 -24.79 -38.31 1.77
CA LEU B 594 -23.59 -37.60 1.37
C LEU B 594 -22.98 -38.21 0.11
N LEU B 595 -22.95 -39.54 0.02
CA LEU B 595 -22.43 -40.21 -1.16
C LEU B 595 -23.42 -40.22 -2.32
N HIS B 596 -24.69 -39.92 -2.06
CA HIS B 596 -25.74 -39.97 -3.08
C HIS B 596 -25.98 -38.55 -3.59
N GLU B 597 -25.37 -38.22 -4.72
CA GLU B 597 -25.52 -36.91 -5.36
C GLU B 597 -25.23 -35.79 -4.37
N GLY B 598 -24.16 -35.96 -3.60
CA GLY B 598 -23.73 -34.90 -2.71
C GLY B 598 -24.75 -34.55 -1.64
N LYS B 599 -24.55 -33.38 -1.06
CA LYS B 599 -25.39 -32.87 0.02
C LYS B 599 -26.28 -31.76 -0.50
N ALA B 600 -27.58 -31.85 -0.20
CA ALA B 600 -28.55 -30.85 -0.67
C ALA B 600 -29.59 -30.63 0.43
N GLU B 601 -29.32 -29.65 1.30
CA GLU B 601 -30.32 -29.14 2.24
C GLU B 601 -30.82 -30.19 3.22
N MET B 602 -30.28 -31.40 3.17
CA MET B 602 -30.69 -32.48 4.05
C MET B 602 -29.55 -33.04 4.88
N ALA B 603 -28.38 -33.26 4.26
CA ALA B 603 -27.21 -33.64 5.05
C ALA B 603 -26.85 -32.53 6.03
N ASP B 604 -26.89 -31.28 5.58
CA ASP B 604 -26.67 -30.16 6.48
C ASP B 604 -27.66 -30.19 7.64
N GLN B 605 -28.93 -30.42 7.33
CA GLN B 605 -29.95 -30.44 8.36
C GLN B 605 -29.87 -31.73 9.19
N ALA B 606 -29.61 -32.85 8.53
CA ALA B 606 -29.53 -34.13 9.24
C ALA B 606 -28.33 -34.18 10.16
N SER B 607 -27.14 -33.85 9.64
CA SER B 607 -25.94 -33.92 10.46
C SER B 607 -26.03 -32.98 11.66
N ALA B 608 -26.70 -31.84 11.50
CA ALA B 608 -26.83 -30.91 12.62
C ALA B 608 -27.45 -31.61 13.82
N TRP B 609 -28.40 -32.49 13.60
CA TRP B 609 -28.98 -33.25 14.71
C TRP B 609 -27.94 -34.17 15.34
N LEU B 610 -27.11 -34.81 14.51
CA LEU B 610 -26.11 -35.73 15.05
C LEU B 610 -25.15 -35.00 15.97
N THR B 611 -24.69 -33.82 15.57
CA THR B 611 -23.81 -33.05 16.44
C THR B 611 -24.50 -32.71 17.75
N ARG B 612 -25.77 -32.30 17.68
CA ARG B 612 -26.53 -32.01 18.88
C ARG B 612 -26.64 -33.24 19.77
N GLN B 613 -26.94 -34.40 19.17
CA GLN B 613 -27.09 -35.61 19.96
C GLN B 613 -25.76 -36.06 20.53
N GLY B 614 -24.67 -35.81 19.82
CA GLY B 614 -23.36 -36.19 20.30
C GLY B 614 -22.76 -35.24 21.31
N SER B 615 -23.31 -34.04 21.43
CA SER B 615 -22.77 -33.05 22.37
C SER B 615 -23.23 -33.30 23.80
N PHE B 616 -24.21 -34.18 24.02
CA PHE B 616 -24.66 -34.48 25.37
C PHE B 616 -23.55 -35.19 26.15
N GLN B 617 -23.57 -35.00 27.46
CA GLN B 617 -22.57 -35.64 28.31
C GLN B 617 -22.64 -37.15 28.14
N GLY B 618 -21.48 -37.76 27.88
CA GLY B 618 -21.44 -39.19 27.63
C GLY B 618 -22.27 -39.61 26.43
N GLY B 619 -22.19 -38.84 25.34
CA GLY B 619 -22.95 -39.15 24.16
C GLY B 619 -22.41 -40.37 23.43
N PHE B 620 -23.20 -40.85 22.47
CA PHE B 620 -22.86 -42.04 21.70
C PHE B 620 -22.66 -43.24 22.64
N ARG B 621 -23.78 -43.62 23.27
CA ARG B 621 -23.74 -44.59 24.35
C ARG B 621 -23.04 -45.88 23.93
N SER B 622 -23.47 -46.47 22.81
CA SER B 622 -22.91 -47.73 22.36
C SER B 622 -21.62 -47.47 21.59
N THR B 623 -21.05 -48.52 21.00
CA THR B 623 -19.87 -48.41 20.16
C THR B 623 -20.20 -48.46 18.67
N GLN B 624 -21.22 -49.25 18.29
CA GLN B 624 -21.60 -49.31 16.89
C GLN B 624 -22.05 -47.94 16.39
N ASP B 625 -22.84 -47.23 17.20
CA ASP B 625 -23.23 -45.87 16.84
C ASP B 625 -22.02 -44.94 16.88
N THR B 626 -21.14 -45.12 17.86
CA THR B 626 -20.00 -44.21 18.00
C THR B 626 -19.08 -44.28 16.78
N VAL B 627 -18.80 -45.49 16.31
CA VAL B 627 -17.91 -45.63 15.16
C VAL B 627 -18.59 -45.12 13.90
N ILE B 628 -19.86 -45.46 13.70
CA ILE B 628 -20.58 -45.01 12.51
C ILE B 628 -20.84 -43.51 12.59
N ALA B 629 -21.35 -43.04 13.74
CA ALA B 629 -21.69 -41.62 13.86
C ALA B 629 -20.46 -40.75 13.62
N LEU B 630 -19.32 -41.10 14.22
CA LEU B 630 -18.11 -40.32 14.00
C LEU B 630 -17.63 -40.45 12.57
N ASP B 631 -17.92 -41.57 11.92
CA ASP B 631 -17.59 -41.72 10.51
C ASP B 631 -18.45 -40.81 9.65
N ALA B 632 -19.75 -40.73 9.96
CA ALA B 632 -20.65 -39.89 9.17
C ALA B 632 -20.31 -38.42 9.33
N LEU B 633 -20.17 -37.96 10.58
CA LEU B 633 -19.90 -36.55 10.83
C LEU B 633 -18.59 -36.13 10.19
N SER B 634 -17.56 -36.98 10.28
CA SER B 634 -16.30 -36.66 9.62
C SER B 634 -16.48 -36.55 8.11
N ALA B 635 -17.26 -37.45 7.52
CA ALA B 635 -17.53 -37.35 6.09
C ALA B 635 -18.30 -36.08 5.76
N TYR B 636 -19.29 -35.74 6.59
CA TYR B 636 -20.04 -34.51 6.37
C TYR B 636 -19.15 -33.29 6.47
N TRP B 637 -18.29 -33.24 7.50
CA TRP B 637 -17.46 -32.07 7.71
C TRP B 637 -16.52 -31.83 6.54
N ILE B 638 -15.88 -32.90 6.05
CA ILE B 638 -14.95 -32.74 4.94
C ILE B 638 -15.68 -32.35 3.67
N ALA B 639 -16.95 -32.75 3.53
CA ALA B 639 -17.72 -32.39 2.35
C ALA B 639 -18.08 -30.90 2.36
N SER B 640 -18.48 -30.37 3.53
CA SER B 640 -18.91 -28.98 3.58
C SER B 640 -17.72 -28.02 3.45
N HIS B 641 -16.63 -28.30 4.15
CA HIS B 641 -15.46 -27.41 4.15
C HIS B 641 -14.53 -27.81 2.99
N THR B 642 -15.01 -27.57 1.79
CA THR B 642 -14.23 -27.82 0.58
C THR B 642 -14.72 -26.90 -0.52
N THR B 643 -13.78 -26.42 -1.34
CA THR B 643 -14.10 -25.50 -2.42
C THR B 643 -13.48 -26.00 -3.72
N GLU B 644 -14.08 -25.59 -4.83
CA GLU B 644 -13.63 -25.97 -6.15
C GLU B 644 -12.72 -24.88 -6.72
N GLU B 645 -12.26 -25.10 -7.96
CA GLU B 645 -11.42 -24.11 -8.62
C GLU B 645 -12.19 -22.81 -8.87
N ARG B 646 -13.46 -22.93 -9.27
CA ARG B 646 -14.28 -21.77 -9.58
C ARG B 646 -13.72 -20.99 -10.77
N GLY B 647 -13.06 -21.68 -11.69
CA GLY B 647 -12.55 -21.02 -12.87
C GLY B 647 -13.66 -20.47 -13.74
N LEU B 648 -13.39 -19.32 -14.36
CA LEU B 648 -14.36 -18.66 -15.22
C LEU B 648 -13.66 -18.11 -16.46
N ASN B 649 -12.77 -18.90 -17.06
CA ASN B 649 -12.00 -18.40 -18.19
C ASN B 649 -12.91 -18.22 -19.40
N VAL B 650 -12.83 -17.04 -20.01
CA VAL B 650 -13.65 -16.66 -21.16
C VAL B 650 -12.72 -16.25 -22.29
N THR B 651 -13.06 -16.65 -23.50
CA THR B 651 -12.28 -16.32 -24.69
C THR B 651 -13.12 -15.49 -25.63
N LEU B 652 -12.57 -14.36 -26.08
CA LEU B 652 -13.24 -13.47 -27.01
C LEU B 652 -12.56 -13.55 -28.36
N SER B 653 -13.36 -13.72 -29.41
CA SER B 653 -12.86 -13.81 -30.78
C SER B 653 -13.72 -12.95 -31.70
N SER B 654 -13.06 -12.28 -32.63
CA SER B 654 -13.76 -11.44 -33.60
C SER B 654 -12.93 -11.34 -34.88
N THR B 655 -13.63 -11.18 -36.00
CA THR B 655 -13.00 -11.05 -37.31
C THR B 655 -13.04 -9.59 -37.72
N GLY B 656 -12.05 -8.84 -37.27
CA GLY B 656 -11.95 -7.43 -37.56
C GLY B 656 -11.20 -7.16 -38.87
N ARG B 657 -10.90 -5.87 -39.07
CA ARG B 657 -10.15 -5.48 -40.27
C ARG B 657 -8.78 -6.15 -40.30
N ASN B 658 -8.09 -6.17 -39.16
CA ASN B 658 -6.78 -6.79 -39.09
C ASN B 658 -6.83 -8.31 -39.25
N GLY B 659 -8.02 -8.91 -39.19
CA GLY B 659 -8.19 -10.34 -39.34
C GLY B 659 -8.90 -10.95 -38.14
N PHE B 660 -8.46 -12.15 -37.77
CA PHE B 660 -9.04 -12.89 -36.65
C PHE B 660 -8.09 -12.83 -35.46
N LYS B 661 -8.61 -12.44 -34.31
CA LYS B 661 -7.84 -12.37 -33.07
C LYS B 661 -8.62 -13.04 -31.95
N SER B 662 -7.89 -13.56 -30.97
CA SER B 662 -8.50 -14.26 -29.85
C SER B 662 -7.82 -13.83 -28.56
N HIS B 663 -8.51 -14.06 -27.44
CA HIS B 663 -7.99 -13.70 -26.14
C HIS B 663 -8.51 -14.69 -25.10
N ALA B 664 -7.94 -14.61 -23.91
CA ALA B 664 -8.36 -15.46 -22.80
C ALA B 664 -8.23 -14.68 -21.51
N LEU B 665 -9.05 -15.04 -20.52
CA LEU B 665 -9.05 -14.34 -19.23
C LEU B 665 -9.37 -15.38 -18.15
N GLN B 666 -8.33 -15.96 -17.58
CA GLN B 666 -8.51 -16.96 -16.52
C GLN B 666 -8.79 -16.27 -15.19
N LEU B 667 -9.89 -16.66 -14.56
CA LEU B 667 -10.30 -16.07 -13.28
C LEU B 667 -10.40 -17.15 -12.21
N ASN B 668 -9.40 -18.04 -12.16
CA ASN B 668 -9.45 -19.15 -11.22
C ASN B 668 -9.60 -18.66 -9.79
N ASN B 669 -8.81 -17.66 -9.40
CA ASN B 669 -8.91 -17.11 -8.04
C ASN B 669 -10.17 -16.24 -7.92
N LEU B 675 -10.46 -12.79 -7.99
CA LEU B 675 -9.99 -11.49 -8.45
C LEU B 675 -10.76 -11.03 -9.68
N GLU B 676 -10.31 -9.92 -10.26
CA GLU B 676 -10.92 -9.35 -11.46
C GLU B 676 -9.80 -8.97 -12.42
N GLU B 677 -10.13 -8.96 -13.72
CA GLU B 677 -9.12 -8.76 -14.73
C GLU B 677 -9.62 -7.80 -15.80
N GLU B 678 -8.70 -7.02 -16.36
CA GLU B 678 -8.96 -6.14 -17.48
C GLU B 678 -7.87 -6.34 -18.51
N LEU B 679 -8.23 -6.21 -19.78
CA LEU B 679 -7.30 -6.57 -20.84
C LEU B 679 -7.58 -5.75 -22.09
N GLN B 680 -6.52 -5.24 -22.71
CA GLN B 680 -6.61 -4.60 -24.00
C GLN B 680 -6.79 -5.65 -25.09
N PHE B 681 -7.77 -5.44 -25.96
CA PHE B 681 -8.02 -6.35 -27.06
C PHE B 681 -8.36 -5.55 -28.31
N SER B 682 -7.78 -5.94 -29.45
CA SER B 682 -7.92 -5.18 -30.70
C SER B 682 -8.98 -5.84 -31.56
N LEU B 683 -10.24 -5.62 -31.20
CA LEU B 683 -11.39 -6.10 -31.95
C LEU B 683 -12.28 -4.91 -32.27
N GLY B 684 -12.38 -4.58 -33.56
CA GLY B 684 -13.11 -3.40 -34.00
C GLY B 684 -14.51 -3.65 -34.53
N SER B 685 -14.99 -4.89 -34.50
CA SER B 685 -16.30 -5.22 -35.05
C SER B 685 -17.00 -6.16 -34.06
N LYS B 686 -18.10 -6.76 -34.51
CA LYS B 686 -18.87 -7.64 -33.65
C LYS B 686 -17.99 -8.76 -33.10
N ILE B 687 -18.14 -9.04 -31.82
CA ILE B 687 -17.28 -9.97 -31.10
C ILE B 687 -18.09 -11.16 -30.62
N ASN B 688 -17.37 -12.23 -30.28
CA ASN B 688 -17.95 -13.47 -29.78
C ASN B 688 -17.40 -13.77 -28.40
N VAL B 689 -18.17 -14.52 -27.61
CA VAL B 689 -17.81 -14.87 -26.24
C VAL B 689 -17.94 -16.38 -26.07
N LYS B 690 -17.03 -16.97 -25.29
CA LYS B 690 -17.04 -18.40 -25.00
C LYS B 690 -16.76 -18.55 -23.51
N VAL B 691 -17.83 -18.57 -22.71
CA VAL B 691 -17.69 -18.67 -21.26
C VAL B 691 -17.57 -20.14 -20.86
N GLY B 692 -16.75 -20.40 -19.86
CA GLY B 692 -16.58 -21.76 -19.37
C GLY B 692 -16.32 -21.74 -17.88
N GLY B 693 -16.59 -22.87 -17.25
CA GLY B 693 -16.38 -23.02 -15.82
C GLY B 693 -17.65 -22.80 -15.02
N ASN B 694 -17.73 -23.49 -13.88
CA ASN B 694 -18.93 -23.43 -13.06
C ASN B 694 -19.11 -22.05 -12.43
N SER B 695 -18.02 -21.35 -12.13
CA SER B 695 -18.14 -20.05 -11.50
C SER B 695 -18.90 -19.09 -12.38
N LYS B 696 -19.70 -18.23 -11.75
CA LYS B 696 -20.46 -17.19 -12.45
C LYS B 696 -19.96 -15.82 -12.02
N GLY B 697 -19.73 -14.95 -12.98
CA GLY B 697 -19.22 -13.62 -12.71
C GLY B 697 -19.92 -12.55 -13.52
N THR B 698 -19.21 -11.47 -13.82
CA THR B 698 -19.76 -10.37 -14.61
C THR B 698 -18.73 -9.96 -15.66
N LEU B 699 -19.17 -9.89 -16.91
CA LEU B 699 -18.35 -9.39 -18.01
C LEU B 699 -19.00 -8.12 -18.54
N LYS B 700 -18.18 -7.08 -18.75
CA LYS B 700 -18.67 -5.83 -19.32
C LYS B 700 -17.57 -5.25 -20.19
N VAL B 701 -17.85 -5.16 -21.49
CA VAL B 701 -16.90 -4.62 -22.47
C VAL B 701 -17.26 -3.16 -22.71
N LEU B 702 -16.28 -2.28 -22.55
CA LEU B 702 -16.46 -0.86 -22.74
C LEU B 702 -15.67 -0.39 -23.95
N ARG B 703 -16.33 0.38 -24.81
CA ARG B 703 -15.72 0.88 -26.03
C ARG B 703 -15.74 2.41 -26.01
N THR B 704 -14.64 3.01 -26.43
CA THR B 704 -14.49 4.46 -26.44
C THR B 704 -14.14 4.93 -27.85
N TYR B 705 -14.79 6.01 -28.27
CA TYR B 705 -14.57 6.57 -29.59
C TYR B 705 -14.99 8.03 -29.58
N ASN B 706 -14.53 8.77 -30.58
CA ASN B 706 -14.83 10.20 -30.68
C ASN B 706 -16.11 10.42 -31.46
N VAL B 707 -17.01 11.20 -30.89
CA VAL B 707 -18.29 11.50 -31.51
C VAL B 707 -18.29 12.95 -31.99
N LEU B 708 -19.29 13.28 -32.81
CA LEU B 708 -19.46 14.64 -33.32
C LEU B 708 -20.24 15.45 -32.29
N ASP B 709 -19.50 16.08 -31.38
CA ASP B 709 -20.07 16.83 -30.27
C ASP B 709 -19.84 18.32 -30.48
N MET B 710 -20.89 19.12 -30.26
CA MET B 710 -20.81 20.57 -30.33
C MET B 710 -21.55 21.16 -29.14
N LYS B 711 -21.14 22.37 -28.75
CA LYS B 711 -21.73 23.05 -27.60
C LYS B 711 -21.48 24.54 -27.75
N ASN B 712 -21.92 25.32 -26.75
CA ASN B 712 -21.56 26.72 -26.65
C ASN B 712 -20.06 26.86 -26.44
N THR B 713 -19.44 27.77 -27.19
CA THR B 713 -18.14 28.29 -26.81
C THR B 713 -18.29 29.33 -25.71
N THR B 714 -19.42 30.02 -25.66
CA THR B 714 -19.67 31.05 -24.67
C THR B 714 -19.96 30.45 -23.31
N CYS B 715 -19.84 31.28 -22.28
CA CYS B 715 -20.10 30.86 -20.92
C CYS B 715 -21.60 30.66 -20.71
N GLN B 716 -21.96 29.72 -19.84
CA GLN B 716 -23.35 29.37 -19.64
C GLN B 716 -23.95 29.90 -18.34
N ASP B 717 -23.15 30.04 -17.28
CA ASP B 717 -23.65 30.51 -15.99
C ASP B 717 -23.03 31.84 -15.59
N LEU B 718 -21.71 31.95 -15.61
CA LEU B 718 -21.01 33.19 -15.25
C LEU B 718 -20.45 33.80 -16.53
N GLN B 719 -20.81 35.06 -16.79
CA GLN B 719 -20.43 35.73 -18.03
C GLN B 719 -19.72 37.05 -17.70
N ILE B 720 -18.67 37.33 -18.47
CA ILE B 720 -17.91 38.57 -18.36
C ILE B 720 -17.73 39.13 -19.76
N GLU B 721 -18.01 40.42 -19.94
CA GLU B 721 -17.79 41.12 -21.19
C GLU B 721 -16.97 42.37 -20.94
N VAL B 722 -15.91 42.54 -21.69
CA VAL B 722 -15.00 43.68 -21.55
C VAL B 722 -14.80 44.31 -22.92
N THR B 723 -14.78 45.64 -22.96
CA THR B 723 -14.58 46.39 -24.19
C THR B 723 -13.54 47.47 -23.95
N VAL B 724 -12.85 47.86 -25.03
CA VAL B 724 -11.80 48.86 -24.96
C VAL B 724 -12.15 49.99 -25.93
N LYS B 725 -12.01 51.22 -25.46
CA LYS B 725 -12.26 52.40 -26.26
C LYS B 725 -11.11 53.38 -26.10
N GLY B 726 -10.65 53.94 -27.21
CA GLY B 726 -9.56 54.88 -27.21
C GLY B 726 -8.66 54.65 -28.41
N HIS B 727 -7.47 55.23 -28.34
CA HIS B 727 -6.48 55.13 -29.40
C HIS B 727 -5.28 54.33 -28.89
N VAL B 728 -4.87 53.33 -29.65
CA VAL B 728 -3.76 52.47 -29.29
C VAL B 728 -2.70 52.56 -30.38
N GLU B 729 -1.45 52.80 -29.96
CA GLU B 729 -0.36 52.93 -30.92
C GLU B 729 -0.03 51.59 -31.55
N TYR B 730 0.70 51.64 -32.66
CA TYR B 730 1.11 50.44 -33.38
C TYR B 730 2.45 50.67 -34.03
N THR B 731 3.09 49.57 -34.45
CA THR B 731 4.35 49.61 -35.17
C THR B 731 4.25 49.04 -36.58
N MET B 732 3.71 47.84 -36.73
CA MET B 732 3.49 47.22 -38.03
C MET B 732 2.03 46.85 -38.16
N GLU B 733 1.39 47.33 -39.23
CA GLU B 733 -0.03 47.10 -39.45
C GLU B 733 -0.25 46.72 -40.91
N ALA B 734 -1.34 46.00 -41.15
CA ALA B 734 -1.69 45.58 -42.50
C ALA B 734 -1.92 46.78 -43.41
N ARG C 12 -3.12 56.60 -23.38
CA ARG C 12 -4.26 56.65 -22.47
C ARG C 12 -5.49 56.01 -23.12
N VAL C 13 -5.98 54.93 -22.52
CA VAL C 13 -7.11 54.18 -23.04
C VAL C 13 -8.09 53.93 -21.90
N HIS C 14 -9.35 53.76 -22.27
CA HIS C 14 -10.43 53.56 -21.31
C HIS C 14 -10.95 52.14 -21.41
N TYR C 15 -11.02 51.45 -20.28
CA TYR C 15 -11.50 50.08 -20.20
C TYR C 15 -12.90 50.05 -19.62
N THR C 16 -13.63 48.97 -19.93
CA THR C 16 -14.97 48.77 -19.39
C THR C 16 -15.22 47.27 -19.30
N VAL C 17 -15.00 46.71 -18.11
CA VAL C 17 -15.18 45.29 -17.86
C VAL C 17 -16.51 45.11 -17.14
N CYS C 18 -17.37 44.23 -17.67
CA CYS C 18 -18.70 44.02 -17.13
C CYS C 18 -18.96 42.55 -16.85
N ILE C 19 -19.78 42.30 -15.82
CA ILE C 19 -20.02 40.96 -15.31
C ILE C 19 -21.51 40.77 -15.06
N TRP C 20 -22.01 39.58 -15.36
CA TRP C 20 -23.37 39.19 -15.04
C TRP C 20 -23.45 37.68 -15.05
N ARG C 21 -24.47 37.14 -14.41
CA ARG C 21 -24.65 35.69 -14.30
C ARG C 21 -26.11 35.32 -14.57
N ASN C 22 -26.29 34.13 -15.15
CA ASN C 22 -27.64 33.59 -15.28
C ASN C 22 -28.20 33.22 -13.91
N GLY C 23 -27.41 32.55 -13.09
CA GLY C 23 -27.77 32.33 -11.70
C GLY C 23 -28.75 31.19 -11.49
N LYS C 24 -29.23 31.11 -10.24
CA LYS C 24 -30.21 30.12 -9.80
C LYS C 24 -29.59 28.74 -9.63
N VAL C 25 -28.34 28.55 -10.06
CA VAL C 25 -27.62 27.30 -9.81
C VAL C 25 -26.17 27.50 -10.22
N GLY C 26 -25.28 26.74 -9.56
CA GLY C 26 -23.93 26.54 -10.01
C GLY C 26 -22.91 27.47 -9.38
N LEU C 27 -23.30 28.67 -8.97
CA LEU C 27 -22.36 29.67 -8.51
C LEU C 27 -22.46 29.93 -7.01
N SER C 28 -23.62 30.34 -6.53
CA SER C 28 -23.84 30.59 -5.10
C SER C 28 -22.62 31.26 -4.45
N GLY C 29 -22.13 32.29 -5.11
CA GLY C 29 -20.95 32.97 -4.60
C GLY C 29 -20.61 34.19 -5.41
N MET C 30 -19.43 34.73 -5.15
CA MET C 30 -18.92 35.93 -5.81
C MET C 30 -17.91 35.53 -6.89
N ALA C 31 -17.25 36.52 -7.46
CA ALA C 31 -16.35 36.29 -8.60
C ALA C 31 -15.06 37.05 -8.40
N ILE C 32 -14.03 36.64 -9.14
CA ILE C 32 -12.71 37.26 -9.10
C ILE C 32 -12.32 37.53 -10.55
N ALA C 33 -12.58 38.76 -11.01
CA ALA C 33 -12.23 39.11 -12.38
C ALA C 33 -10.72 39.09 -12.57
N ASP C 34 -10.27 38.65 -13.73
CA ASP C 34 -8.84 38.56 -14.03
C ASP C 34 -8.54 39.18 -15.39
N VAL C 35 -9.10 40.35 -15.67
CA VAL C 35 -8.93 40.97 -16.98
C VAL C 35 -7.44 41.21 -17.22
N THR C 36 -7.01 40.90 -18.43
CA THR C 36 -5.63 41.12 -18.85
C THR C 36 -5.60 42.26 -19.86
N LEU C 37 -4.80 43.28 -19.57
CA LEU C 37 -4.72 44.43 -20.45
C LEU C 37 -4.06 44.05 -21.78
N LEU C 38 -4.21 44.94 -22.76
CA LEU C 38 -3.48 44.77 -24.01
C LEU C 38 -1.99 44.88 -23.76
N SER C 39 -1.21 44.22 -24.62
CA SER C 39 0.24 44.20 -24.43
C SER C 39 0.79 45.61 -24.39
N GLY C 40 1.70 45.86 -23.45
CA GLY C 40 2.33 47.15 -23.32
C GLY C 40 1.56 48.18 -22.53
N PHE C 41 0.49 47.78 -21.84
CA PHE C 41 -0.32 48.69 -21.04
C PHE C 41 -0.08 48.43 -19.56
N HIS C 42 -0.64 49.31 -18.73
CA HIS C 42 -0.68 49.10 -17.30
C HIS C 42 -1.74 50.03 -16.72
N ALA C 43 -2.74 49.43 -16.05
CA ALA C 43 -3.85 50.23 -15.56
C ALA C 43 -3.36 51.32 -14.61
N LEU C 44 -3.91 52.51 -14.78
CA LEU C 44 -3.55 53.64 -13.91
C LEU C 44 -4.04 53.36 -12.49
N ARG C 45 -3.14 53.54 -11.52
CA ARG C 45 -3.49 53.21 -10.15
C ARG C 45 -4.62 54.09 -9.64
N ALA C 46 -4.57 55.40 -9.94
CA ALA C 46 -5.54 56.32 -9.37
C ALA C 46 -6.97 55.96 -9.76
N ASP C 47 -7.22 55.77 -11.06
CA ASP C 47 -8.58 55.47 -11.50
C ASP C 47 -9.06 54.13 -10.95
N LEU C 48 -8.13 53.21 -10.69
CA LEU C 48 -8.53 51.90 -10.16
C LEU C 48 -8.86 51.98 -8.67
N GLU C 49 -8.14 52.82 -7.91
CA GLU C 49 -8.42 52.93 -6.48
C GLU C 49 -9.80 53.52 -6.23
N LYS C 50 -10.18 54.54 -6.99
CA LYS C 50 -11.44 55.23 -6.72
C LYS C 50 -12.65 54.31 -6.85
N LEU C 51 -12.49 53.17 -7.54
CA LEU C 51 -13.59 52.22 -7.61
C LEU C 51 -13.93 51.67 -6.25
N THR C 52 -12.91 51.40 -5.42
CA THR C 52 -13.11 50.81 -4.11
C THR C 52 -13.47 51.82 -3.03
N SER C 53 -13.42 53.12 -3.34
CA SER C 53 -13.71 54.14 -2.34
C SER C 53 -15.16 54.59 -2.36
N LEU C 54 -15.90 54.32 -3.43
CA LEU C 54 -17.28 54.78 -3.52
C LEU C 54 -18.15 54.05 -2.49
N SER C 55 -19.23 54.73 -2.09
CA SER C 55 -20.18 54.12 -1.16
C SER C 55 -20.79 52.86 -1.76
N ASP C 56 -21.12 52.90 -3.05
CA ASP C 56 -21.63 51.74 -3.77
C ASP C 56 -20.53 51.07 -4.59
N ARG C 57 -19.32 51.02 -4.04
CA ARG C 57 -18.19 50.43 -4.74
C ARG C 57 -18.56 49.07 -5.31
N TYR C 58 -18.27 48.88 -6.60
CA TYR C 58 -18.62 47.63 -7.26
C TYR C 58 -17.66 46.51 -6.91
N VAL C 59 -16.38 46.83 -6.69
CA VAL C 59 -15.34 45.86 -6.40
C VAL C 59 -14.80 46.16 -5.01
N SER C 60 -14.82 45.14 -4.13
CA SER C 60 -14.35 45.35 -2.76
C SER C 60 -12.83 45.45 -2.71
N HIS C 61 -12.12 44.59 -3.44
CA HIS C 61 -10.68 44.58 -3.44
C HIS C 61 -10.16 44.52 -4.87
N PHE C 62 -8.97 45.07 -5.08
CA PHE C 62 -8.35 45.07 -6.39
C PHE C 62 -6.84 44.93 -6.22
N GLU C 63 -6.17 44.56 -7.30
CA GLU C 63 -4.71 44.53 -7.32
C GLU C 63 -4.27 44.45 -8.78
N THR C 64 -3.44 45.41 -9.20
CA THR C 64 -2.97 45.50 -10.57
C THR C 64 -1.45 45.61 -10.57
N GLU C 65 -0.79 44.87 -11.47
CA GLU C 65 0.63 45.00 -11.70
C GLU C 65 0.88 44.76 -13.18
N GLY C 66 1.48 45.76 -13.84
CA GLY C 66 1.75 45.66 -15.26
C GLY C 66 0.48 45.45 -16.06
N PRO C 67 0.53 44.62 -17.10
CA PRO C 67 -0.67 44.34 -17.89
C PRO C 67 -1.74 43.49 -17.22
N HIS C 68 -1.59 43.18 -15.93
CA HIS C 68 -2.54 42.31 -15.24
C HIS C 68 -3.34 43.13 -14.24
N VAL C 69 -4.65 42.89 -14.20
CA VAL C 69 -5.57 43.54 -13.27
C VAL C 69 -6.40 42.47 -12.59
N LEU C 70 -6.38 42.46 -11.26
CA LEU C 70 -7.14 41.51 -10.46
C LEU C 70 -8.23 42.28 -9.72
N LEU C 71 -9.46 42.17 -10.21
CA LEU C 71 -10.61 42.84 -9.61
C LEU C 71 -11.47 41.79 -8.92
N TYR C 72 -11.76 42.01 -7.64
CA TYR C 72 -12.58 41.10 -6.86
C TYR C 72 -13.96 41.73 -6.70
N PHE C 73 -14.97 41.13 -7.34
CA PHE C 73 -16.33 41.62 -7.30
C PHE C 73 -17.09 40.95 -6.16
N ASP C 74 -17.49 41.75 -5.16
CA ASP C 74 -18.15 41.18 -4.00
C ASP C 74 -19.47 40.53 -4.40
N SER C 75 -20.26 41.21 -5.23
CA SER C 75 -21.55 40.68 -5.65
C SER C 75 -21.67 40.84 -7.16
N VAL C 76 -22.07 39.77 -7.84
CA VAL C 76 -22.32 39.76 -9.27
C VAL C 76 -23.80 39.51 -9.49
N PRO C 77 -24.58 40.49 -9.95
CA PRO C 77 -26.02 40.27 -10.10
C PRO C 77 -26.40 39.78 -11.50
N THR C 78 -27.67 39.45 -11.68
CA THR C 78 -28.14 39.04 -13.00
C THR C 78 -28.19 40.20 -13.99
N SER C 79 -28.16 41.43 -13.50
CA SER C 79 -28.14 42.61 -14.37
C SER C 79 -26.72 42.84 -14.88
N ARG C 80 -26.60 43.78 -15.81
CA ARG C 80 -25.31 44.14 -16.38
C ARG C 80 -24.65 45.29 -15.64
N GLU C 81 -24.53 45.21 -14.32
CA GLU C 81 -23.79 46.21 -13.57
C GLU C 81 -22.31 46.05 -13.85
N CYS C 82 -21.60 47.17 -13.97
CA CYS C 82 -20.16 47.07 -14.22
C CYS C 82 -19.48 48.42 -14.07
N VAL C 83 -18.14 48.36 -14.11
CA VAL C 83 -17.28 49.49 -13.83
C VAL C 83 -16.18 49.54 -14.89
N GLY C 84 -15.55 50.70 -15.02
CA GLY C 84 -14.46 50.87 -15.96
C GLY C 84 -13.35 51.71 -15.36
N PHE C 85 -12.15 51.54 -15.92
CA PHE C 85 -10.98 52.26 -15.46
C PHE C 85 -10.19 52.72 -16.69
N GLU C 86 -9.00 53.26 -16.46
CA GLU C 86 -8.15 53.78 -17.53
C GLU C 86 -6.77 53.15 -17.45
N ALA C 87 -6.14 53.00 -18.61
CA ALA C 87 -4.81 52.43 -18.74
C ALA C 87 -3.87 53.47 -19.34
N VAL C 88 -2.57 53.14 -19.32
CA VAL C 88 -1.53 54.01 -19.86
C VAL C 88 -0.66 53.20 -20.79
N GLN C 89 -0.04 53.89 -21.73
CA GLN C 89 0.85 53.27 -22.71
C GLN C 89 2.29 53.50 -22.30
N GLU C 90 3.04 52.41 -22.18
CA GLU C 90 4.47 52.47 -21.88
C GLU C 90 5.34 52.00 -23.03
N VAL C 91 4.82 51.15 -23.91
CA VAL C 91 5.57 50.68 -25.06
C VAL C 91 4.58 50.35 -26.18
N PRO C 92 4.85 50.73 -27.44
CA PRO C 92 3.90 50.43 -28.50
C PRO C 92 3.70 48.93 -28.66
N VAL C 93 2.46 48.54 -28.93
CA VAL C 93 2.15 47.13 -29.13
C VAL C 93 2.73 46.68 -30.46
N GLY C 94 3.61 45.67 -30.42
CA GLY C 94 4.31 45.27 -31.62
C GLY C 94 3.40 44.67 -32.67
N LEU C 95 2.48 43.80 -32.26
CA LEU C 95 1.59 43.11 -33.19
C LEU C 95 0.16 43.17 -32.67
N VAL C 96 -0.79 43.05 -33.60
CA VAL C 96 -2.20 43.14 -33.29
C VAL C 96 -2.73 41.75 -32.97
N GLN C 97 -3.41 41.62 -31.84
CA GLN C 97 -3.97 40.34 -31.41
C GLN C 97 -5.02 40.61 -30.34
N PRO C 98 -5.96 39.68 -30.16
CA PRO C 98 -6.97 39.86 -29.09
C PRO C 98 -6.45 39.37 -27.75
N ALA C 99 -6.58 40.22 -26.73
CA ALA C 99 -6.18 39.85 -25.39
C ALA C 99 -7.24 38.93 -24.77
N SER C 100 -7.11 38.64 -23.49
CA SER C 100 -8.01 37.72 -22.82
C SER C 100 -8.44 38.27 -21.47
N ALA C 101 -9.61 37.86 -21.02
CA ALA C 101 -10.14 38.21 -19.71
C ALA C 101 -10.81 36.99 -19.12
N THR C 102 -10.59 36.75 -17.83
CA THR C 102 -11.10 35.57 -17.16
C THR C 102 -11.83 35.97 -15.88
N LEU C 103 -12.92 35.28 -15.60
CA LEU C 103 -13.71 35.47 -14.39
C LEU C 103 -13.84 34.14 -13.68
N TYR C 104 -13.45 34.10 -12.41
CA TYR C 104 -13.49 32.89 -11.61
C TYR C 104 -14.65 32.94 -10.62
N ASP C 105 -14.85 31.83 -9.93
CA ASP C 105 -15.81 31.73 -8.85
C ASP C 105 -15.04 31.63 -7.53
N TYR C 106 -15.41 32.47 -6.57
CA TYR C 106 -14.62 32.56 -5.33
C TYR C 106 -14.58 31.21 -4.63
N TYR C 107 -15.71 30.52 -4.54
CA TYR C 107 -15.77 29.27 -3.81
C TYR C 107 -15.50 28.05 -4.67
N ASN C 108 -15.26 28.23 -5.97
CA ASN C 108 -14.97 27.12 -6.87
C ASN C 108 -14.32 27.68 -8.13
N PRO C 109 -13.06 28.11 -8.03
CA PRO C 109 -12.42 28.76 -9.19
C PRO C 109 -12.40 27.92 -10.46
N GLU C 110 -12.76 26.64 -10.37
CA GLU C 110 -12.86 25.83 -11.58
C GLU C 110 -13.90 26.38 -12.55
N ARG C 111 -14.96 27.00 -12.03
CA ARG C 111 -16.01 27.58 -12.87
C ARG C 111 -15.50 28.89 -13.44
N ARG C 112 -14.59 28.77 -14.41
CA ARG C 112 -13.99 29.93 -15.04
C ARG C 112 -14.96 30.51 -16.08
N CYS C 113 -14.53 31.60 -16.71
CA CYS C 113 -15.25 32.14 -17.86
C CYS C 113 -14.23 32.93 -18.68
N SER C 114 -13.73 32.34 -19.76
CA SER C 114 -12.73 32.97 -20.59
C SER C 114 -13.41 33.67 -21.76
N VAL C 115 -13.04 34.93 -21.98
CA VAL C 115 -13.57 35.72 -23.08
C VAL C 115 -12.42 36.49 -23.71
N PHE C 116 -12.41 36.55 -25.03
CA PHE C 116 -11.38 37.27 -25.77
C PHE C 116 -11.93 38.61 -26.21
N TYR C 117 -11.21 39.68 -25.90
CA TYR C 117 -11.58 41.04 -26.29
C TYR C 117 -10.44 41.63 -27.10
N GLY C 118 -10.79 42.30 -28.20
CA GLY C 118 -9.79 42.90 -29.06
C GLY C 118 -9.63 44.38 -28.80
N ALA C 119 -8.76 44.98 -29.61
CA ALA C 119 -8.54 46.42 -29.58
C ALA C 119 -9.77 47.12 -30.14
N PRO C 120 -9.89 48.45 -29.92
CA PRO C 120 -11.14 49.12 -30.33
C PRO C 120 -11.51 48.93 -31.78
N SER C 121 -10.53 48.93 -32.68
CA SER C 121 -10.79 48.79 -34.11
C SER C 121 -10.57 47.38 -34.63
N LYS C 122 -10.26 46.43 -33.75
CA LYS C 122 -9.97 45.05 -34.14
C LYS C 122 -11.13 44.14 -33.72
N SER C 123 -10.98 42.85 -34.04
CA SER C 123 -11.99 41.85 -33.77
C SER C 123 -11.58 40.98 -32.60
N ARG C 124 -12.53 40.19 -32.10
CA ARG C 124 -12.30 39.32 -30.96
C ARG C 124 -11.60 38.02 -31.33
N LEU C 125 -11.53 37.68 -32.61
CA LEU C 125 -10.93 36.43 -33.06
C LEU C 125 -10.02 36.69 -34.23
N LEU C 126 -8.97 35.88 -34.34
CA LEU C 126 -8.07 35.95 -35.49
C LEU C 126 -8.81 35.54 -36.75
N ALA C 127 -8.46 36.19 -37.86
CA ALA C 127 -9.12 35.92 -39.13
C ALA C 127 -8.83 34.49 -39.58
N THR C 128 -9.84 33.63 -39.52
CA THR C 128 -9.69 32.23 -39.89
C THR C 128 -10.89 31.81 -40.72
N LEU C 129 -10.70 31.68 -42.04
CA LEU C 129 -11.76 31.22 -42.93
C LEU C 129 -11.85 29.71 -42.82
N CYS C 130 -12.92 29.23 -42.18
CA CYS C 130 -13.07 27.81 -41.87
C CYS C 130 -14.22 27.21 -42.67
N SER C 131 -13.95 26.07 -43.30
CA SER C 131 -14.97 25.32 -44.01
C SER C 131 -15.60 24.30 -43.05
N ALA C 132 -16.38 23.37 -43.61
CA ALA C 132 -17.05 22.38 -42.77
C ALA C 132 -16.06 21.49 -42.03
N GLU C 133 -15.02 21.02 -42.72
CA GLU C 133 -14.09 20.06 -42.15
C GLU C 133 -12.70 20.61 -41.90
N VAL C 134 -12.24 21.57 -42.70
CA VAL C 134 -10.90 22.11 -42.58
C VAL C 134 -11.00 23.64 -42.54
N CYS C 135 -9.96 24.27 -42.00
CA CYS C 135 -9.91 25.71 -41.88
C CYS C 135 -8.52 26.21 -42.22
N GLN C 136 -8.48 27.44 -42.74
CA GLN C 136 -7.23 28.13 -43.04
C GLN C 136 -7.36 29.57 -42.54
N CYS C 137 -6.22 30.17 -42.20
CA CYS C 137 -6.20 31.51 -41.64
C CYS C 137 -5.61 32.49 -42.64
N ALA C 138 -6.12 33.72 -42.61
CA ALA C 138 -5.70 34.78 -43.52
C ALA C 138 -5.01 35.91 -42.76
N GLU C 139 -4.15 35.56 -41.82
CA GLU C 139 -3.40 36.55 -41.04
C GLU C 139 -2.21 37.00 -41.88
N GLY C 140 -2.38 38.09 -42.60
CA GLY C 140 -1.33 38.60 -43.45
C GLY C 140 -1.74 39.93 -44.05
N LYS C 141 -0.79 40.55 -44.74
CA LYS C 141 -1.01 41.84 -45.38
C LYS C 141 -1.57 41.67 -46.78
N VAL D 2 36.20 33.31 -16.21
CA VAL D 2 36.96 33.50 -17.44
C VAL D 2 37.48 34.93 -17.50
N GLN D 3 38.73 35.09 -17.90
CA GLN D 3 39.38 36.38 -17.97
C GLN D 3 39.45 36.87 -19.41
N LEU D 4 39.05 38.12 -19.62
CA LEU D 4 39.08 38.75 -20.94
C LEU D 4 40.23 39.74 -20.98
N VAL D 5 41.07 39.63 -22.00
CA VAL D 5 42.24 40.50 -22.18
C VAL D 5 42.13 41.16 -23.54
N GLU D 6 42.27 42.48 -23.57
CA GLU D 6 42.19 43.25 -24.80
C GLU D 6 43.27 44.33 -24.78
N SER D 7 43.66 44.77 -25.98
CA SER D 7 44.68 45.80 -26.12
C SER D 7 44.61 46.35 -27.53
N GLY D 8 45.56 47.22 -27.86
CA GLY D 8 45.67 47.81 -29.18
C GLY D 8 45.10 49.20 -29.33
N GLY D 9 44.59 49.79 -28.24
CA GLY D 9 44.03 51.13 -28.31
C GLY D 9 45.08 52.19 -28.08
N GLY D 10 45.03 53.23 -28.90
CA GLY D 10 45.99 54.32 -28.79
C GLY D 10 45.58 55.48 -29.66
N LEU D 11 46.27 56.60 -29.44
CA LEU D 11 46.00 57.81 -30.21
C LEU D 11 46.29 57.56 -31.68
N VAL D 12 45.47 58.17 -32.56
CA VAL D 12 45.62 58.03 -34.00
C VAL D 12 45.05 59.26 -34.67
N GLN D 13 45.46 59.48 -35.92
CA GLN D 13 44.99 60.62 -36.70
C GLN D 13 43.50 60.47 -37.01
N GLY D 16 41.86 57.23 -39.40
CA GLY D 16 42.65 56.32 -38.60
C GLY D 16 42.08 54.92 -38.56
N SER D 17 42.94 53.94 -38.27
CA SER D 17 42.51 52.55 -38.19
C SER D 17 43.30 51.86 -37.09
N LEU D 18 42.60 51.14 -36.22
CA LEU D 18 43.21 50.40 -35.12
C LEU D 18 42.75 48.95 -35.18
N ARG D 19 43.70 48.02 -35.11
CA ARG D 19 43.34 46.61 -35.06
C ARG D 19 42.48 46.32 -33.84
N LEU D 20 42.90 46.81 -32.67
CA LEU D 20 42.11 46.73 -31.44
C LEU D 20 41.59 45.32 -31.21
N SER D 21 42.51 44.37 -31.10
CA SER D 21 42.14 42.98 -30.93
C SER D 21 41.92 42.65 -29.46
N CYS D 22 41.12 41.61 -29.22
CA CYS D 22 40.88 41.11 -27.87
C CYS D 22 40.98 39.59 -27.88
N ALA D 23 41.52 39.03 -26.81
CA ALA D 23 41.64 37.59 -26.66
C ALA D 23 40.86 37.14 -25.42
N ALA D 24 40.34 35.92 -25.48
CA ALA D 24 39.55 35.34 -24.40
C ALA D 24 40.33 34.21 -23.76
N SER D 25 40.24 34.10 -22.44
CA SER D 25 40.96 33.08 -21.68
C SER D 25 40.26 31.73 -21.80
N GLY D 26 40.21 31.23 -23.04
CA GLY D 26 39.63 29.92 -23.28
C GLY D 26 38.20 29.83 -22.78
N SER D 27 37.92 28.76 -22.04
CA SER D 27 36.59 28.52 -21.50
C SER D 27 35.56 28.41 -22.63
N ASP D 28 35.91 27.64 -23.66
CA ASP D 28 35.04 27.40 -24.81
C ASP D 28 34.67 28.73 -25.48
N PHE D 29 35.69 29.39 -26.02
CA PHE D 29 35.49 30.68 -26.66
C PHE D 29 34.50 30.57 -27.80
N SER D 30 34.63 29.54 -28.63
CA SER D 30 33.67 29.34 -29.70
C SER D 30 32.31 28.93 -29.14
N ALA D 31 31.29 28.99 -29.99
CA ALA D 31 29.93 28.61 -29.64
C ALA D 31 29.30 29.55 -28.61
N ASN D 32 29.88 30.73 -28.41
CA ASN D 32 29.29 31.73 -27.53
C ASN D 32 29.46 33.10 -28.16
N ALA D 33 28.43 33.94 -28.03
CA ALA D 33 28.45 35.25 -28.66
C ALA D 33 29.56 36.11 -28.07
N VAL D 34 30.08 37.02 -28.89
CA VAL D 34 31.13 37.93 -28.49
C VAL D 34 30.90 39.27 -29.19
N GLY D 35 31.49 40.32 -28.64
CA GLY D 35 31.32 41.64 -29.21
C GLY D 35 32.07 42.67 -28.40
N TRP D 36 31.82 43.94 -28.74
CA TRP D 36 32.48 45.07 -28.11
C TRP D 36 31.46 46.08 -27.63
N TYR D 37 31.84 46.85 -26.61
CA TYR D 37 31.01 47.90 -26.05
C TYR D 37 31.75 49.22 -26.08
N ARG D 38 31.05 50.28 -26.45
CA ARG D 38 31.59 51.63 -26.43
C ARG D 38 31.14 52.34 -25.17
N GLN D 39 32.08 52.98 -24.47
CA GLN D 39 31.77 53.77 -23.28
C GLN D 39 32.43 55.15 -23.44
N ALA D 40 31.70 56.06 -24.08
CA ALA D 40 32.19 57.42 -24.22
C ALA D 40 32.08 58.15 -22.89
N PRO D 41 32.84 59.22 -22.70
CA PRO D 41 32.78 59.94 -21.41
C PRO D 41 31.37 60.44 -21.12
N GLY D 42 30.98 60.34 -19.85
CA GLY D 42 29.69 60.84 -19.42
C GLY D 42 28.55 59.87 -19.67
N LYS D 43 28.23 59.63 -20.94
CA LYS D 43 27.09 58.79 -21.29
C LYS D 43 27.34 57.35 -20.86
N GLN D 44 26.28 56.55 -20.91
CA GLN D 44 26.34 55.17 -20.46
C GLN D 44 27.02 54.28 -21.50
N ARG D 45 27.43 53.09 -21.06
CA ARG D 45 28.03 52.12 -21.96
C ARG D 45 27.02 51.62 -22.97
N VAL D 46 27.44 51.56 -24.24
CA VAL D 46 26.55 51.20 -25.33
C VAL D 46 27.27 50.23 -26.26
N VAL D 47 26.47 49.54 -27.07
CA VAL D 47 27.02 48.60 -28.04
C VAL D 47 27.57 49.34 -29.24
N VAL D 48 28.73 48.91 -29.72
CA VAL D 48 29.36 49.47 -30.91
C VAL D 48 29.37 48.46 -32.06
N ALA D 49 29.57 47.19 -31.75
CA ALA D 49 29.57 46.13 -32.76
C ALA D 49 29.66 44.80 -32.04
N SER D 50 29.04 43.78 -32.64
CA SER D 50 29.06 42.45 -32.06
C SER D 50 28.95 41.42 -33.18
N ILE D 51 29.41 40.21 -32.88
CA ILE D 51 29.36 39.09 -33.82
C ILE D 51 28.76 37.90 -33.09
N SER D 52 27.74 37.30 -33.71
CA SER D 52 27.08 36.14 -33.10
C SER D 52 27.93 34.89 -33.28
N SER D 53 27.50 33.82 -32.61
CA SER D 53 28.23 32.55 -32.72
C SER D 53 28.21 32.03 -34.15
N THR D 54 27.05 32.09 -34.80
CA THR D 54 26.93 31.62 -36.18
C THR D 54 27.64 32.53 -37.17
N GLY D 55 28.05 33.73 -36.76
CA GLY D 55 28.69 34.69 -37.64
C GLY D 55 27.81 35.85 -38.05
N ASN D 56 26.51 35.82 -37.75
CA ASN D 56 25.63 36.92 -38.09
C ASN D 56 26.04 38.18 -37.35
N THR D 57 26.60 39.15 -38.06
CA THR D 57 27.12 40.35 -37.43
C THR D 57 26.03 41.39 -37.24
N LYS D 58 26.15 42.16 -36.16
CA LYS D 58 25.25 43.28 -35.87
C LYS D 58 26.07 44.49 -35.46
N TYR D 59 25.69 45.65 -35.97
CA TYR D 59 26.37 46.89 -35.66
C TYR D 59 25.37 47.92 -35.14
N SER D 60 25.83 48.77 -34.24
CA SER D 60 24.99 49.86 -33.75
C SER D 60 24.64 50.79 -34.89
N ASN D 61 23.36 51.16 -34.98
CA ASN D 61 22.89 51.96 -36.11
C ASN D 61 23.63 53.28 -36.20
N SER D 62 24.13 53.79 -35.06
CA SER D 62 24.81 55.09 -35.07
C SER D 62 26.04 55.06 -35.97
N VAL D 63 26.82 53.98 -35.90
CA VAL D 63 28.07 53.87 -36.64
C VAL D 63 28.06 52.61 -37.49
N LYS D 64 26.88 52.22 -37.95
CA LYS D 64 26.74 50.98 -38.72
C LYS D 64 27.43 51.10 -40.06
N GLY D 65 28.08 50.02 -40.48
CA GLY D 65 28.65 49.93 -41.81
C GLY D 65 29.98 50.63 -42.00
N ARG D 66 30.56 51.21 -40.95
CA ARG D 66 31.84 51.91 -41.09
C ARG D 66 33.02 50.99 -40.82
N PHE D 67 33.08 50.45 -39.60
CA PHE D 67 34.18 49.58 -39.20
C PHE D 67 33.67 48.16 -38.99
N THR D 68 34.41 47.20 -39.52
CA THR D 68 34.00 45.81 -39.51
C THR D 68 34.45 45.11 -38.23
N ILE D 69 33.80 43.99 -37.94
CA ILE D 69 34.12 43.15 -36.80
C ILE D 69 34.44 41.75 -37.32
N SER D 70 35.57 41.20 -36.88
CA SER D 70 36.01 39.89 -37.32
C SER D 70 36.32 39.03 -36.11
N ARG D 71 35.75 37.83 -36.06
CA ARG D 71 36.04 36.85 -35.02
C ARG D 71 36.62 35.61 -35.67
N ASP D 72 37.73 35.12 -35.13
CA ASP D 72 38.36 33.90 -35.60
C ASP D 72 38.63 32.99 -34.41
N ASN D 73 38.40 31.70 -34.61
CA ASN D 73 38.55 30.70 -33.55
C ASN D 73 39.95 30.09 -33.50
N ALA D 74 40.83 30.46 -34.44
CA ALA D 74 42.16 29.87 -34.47
C ALA D 74 42.95 30.19 -33.19
N LYS D 75 42.87 31.44 -32.73
CA LYS D 75 43.61 31.87 -31.55
C LYS D 75 42.70 32.44 -30.46
N ASN D 76 41.40 32.18 -30.56
CA ASN D 76 40.44 32.62 -29.54
C ASN D 76 40.55 34.11 -29.28
N THR D 77 40.25 34.89 -30.31
CA THR D 77 40.36 36.34 -30.22
C THR D 77 39.33 36.98 -31.14
N VAL D 78 39.10 38.27 -30.91
CA VAL D 78 38.17 39.06 -31.73
C VAL D 78 38.87 40.35 -32.14
N TYR D 79 38.37 40.95 -33.21
CA TYR D 79 38.92 42.19 -33.74
C TYR D 79 37.80 43.17 -34.04
N LEU D 80 38.13 44.46 -33.94
CA LEU D 80 37.21 45.56 -34.25
C LEU D 80 37.92 46.58 -35.10
N GLN D 81 38.55 46.12 -36.19
CA GLN D 81 39.30 47.00 -37.08
C GLN D 81 38.52 48.27 -37.37
N MET D 82 39.13 49.41 -37.07
CA MET D 82 38.51 50.72 -37.24
C MET D 82 38.91 51.31 -38.58
N ASN D 83 38.09 52.26 -39.06
CA ASN D 83 38.40 52.97 -40.28
C ASN D 83 37.56 54.25 -40.33
N SER D 84 38.13 55.28 -40.95
CA SER D 84 37.48 56.59 -41.06
C SER D 84 36.96 57.05 -39.70
N LEU D 85 37.89 57.18 -38.76
CA LEU D 85 37.54 57.53 -37.40
C LEU D 85 36.91 58.93 -37.36
N LYS D 86 35.83 59.05 -36.58
CA LYS D 86 35.12 60.31 -36.41
C LYS D 86 35.50 60.92 -35.07
N PRO D 87 35.62 62.25 -34.97
CA PRO D 87 36.17 62.84 -33.73
C PRO D 87 35.36 62.53 -32.48
N GLU D 88 34.09 62.18 -32.60
CA GLU D 88 33.30 61.84 -31.42
C GLU D 88 33.49 60.38 -30.99
N ASP D 89 34.30 59.62 -31.71
CA ASP D 89 34.52 58.21 -31.39
C ASP D 89 35.41 58.02 -30.17
N THR D 90 36.03 59.07 -29.65
CA THR D 90 36.87 58.94 -28.47
C THR D 90 36.07 58.33 -27.33
N ALA D 91 36.51 57.16 -26.88
CA ALA D 91 35.81 56.44 -25.82
C ALA D 91 36.71 55.31 -25.34
N VAL D 92 36.27 54.64 -24.28
CA VAL D 92 36.95 53.47 -23.74
C VAL D 92 36.12 52.25 -24.08
N TYR D 93 36.69 51.34 -24.87
CA TYR D 93 35.98 50.16 -25.34
C TYR D 93 36.25 48.98 -24.40
N TYR D 94 35.30 48.05 -24.39
CA TYR D 94 35.38 46.87 -23.55
C TYR D 94 35.11 45.62 -24.38
N CYS D 95 35.77 44.55 -24.02
CA CYS D 95 35.62 43.28 -24.72
C CYS D 95 34.51 42.47 -24.07
N TRP D 96 33.45 42.20 -24.83
CA TRP D 96 32.24 41.58 -24.30
C TRP D 96 32.17 40.12 -24.72
N LEU D 97 32.00 39.23 -23.73
CA LEU D 97 31.75 37.82 -23.96
C LEU D 97 30.39 37.47 -23.40
N PHE D 98 29.75 36.46 -24.00
CA PHE D 98 28.37 36.13 -23.67
C PHE D 98 28.19 34.63 -23.84
N ARG D 99 28.32 33.89 -22.74
CA ARG D 99 28.29 32.44 -22.74
C ARG D 99 27.08 31.92 -22.01
N PHE D 100 26.49 30.85 -22.54
CA PHE D 100 25.29 30.19 -22.02
C PHE D 100 24.04 31.04 -22.17
N GLY D 101 24.15 32.26 -22.69
CA GLY D 101 22.99 33.09 -22.92
C GLY D 101 22.56 33.95 -21.75
N ILE D 102 23.21 33.83 -20.59
CA ILE D 102 22.83 34.65 -19.44
C ILE D 102 24.05 35.25 -18.74
N GLU D 103 25.24 34.74 -19.05
CA GLU D 103 26.47 35.15 -18.37
C GLU D 103 27.18 36.20 -19.22
N ASN D 104 27.48 37.35 -18.61
CA ASN D 104 28.12 38.46 -19.30
C ASN D 104 29.45 38.78 -18.62
N TYR D 105 30.48 39.02 -19.43
CA TYR D 105 31.80 39.34 -18.93
C TYR D 105 32.36 40.54 -19.69
N TRP D 106 33.19 41.32 -19.01
CA TRP D 106 33.79 42.51 -19.59
C TRP D 106 35.20 42.68 -19.05
N GLY D 107 36.11 43.10 -19.94
CA GLY D 107 37.51 43.24 -19.59
C GLY D 107 37.83 44.56 -18.95
N GLN D 108 39.13 44.82 -18.79
CA GLN D 108 39.58 46.05 -18.16
C GLN D 108 39.13 47.27 -18.94
N GLY D 109 39.28 47.23 -20.25
CA GLY D 109 38.85 48.33 -21.10
C GLY D 109 39.97 49.29 -21.45
N THR D 110 40.28 49.41 -22.74
CA THR D 110 41.32 50.29 -23.22
C THR D 110 40.70 51.55 -23.82
N GLN D 111 41.32 52.69 -23.57
CA GLN D 111 40.80 53.98 -24.01
C GLN D 111 41.51 54.41 -25.29
N VAL D 112 40.76 55.04 -26.19
CA VAL D 112 41.27 55.47 -27.48
C VAL D 112 41.03 56.97 -27.63
N THR D 113 41.99 57.66 -28.22
CA THR D 113 41.93 59.10 -28.43
C THR D 113 41.95 59.40 -29.93
N VAL D 114 41.36 60.54 -30.29
CA VAL D 114 41.31 60.99 -31.68
C VAL D 114 41.83 62.42 -31.74
N SER D 115 42.30 62.81 -32.92
CA SER D 115 42.84 64.15 -33.14
C SER D 115 42.03 64.88 -34.20
C1 NAG E . -1.90 -9.03 0.36
C2 NAG E . -1.94 -7.73 1.15
C3 NAG E . -3.05 -7.78 2.20
C4 NAG E . -4.37 -8.16 1.56
C5 NAG E . -4.23 -9.44 0.75
C6 NAG E . -5.47 -9.80 -0.03
C7 NAG E . -0.18 -6.23 1.98
C8 NAG E . 1.16 -6.15 2.64
N2 NAG E . -0.66 -7.46 1.79
O3 NAG E . -3.17 -6.51 2.84
O4 NAG E . -5.36 -8.36 2.57
O5 NAG E . -3.18 -9.28 -0.22
O6 NAG E . -5.25 -9.75 -1.42
O7 NAG E . -0.80 -5.24 1.63
H2 NAG E . -2.15 -7.00 0.54
H3 NAG E . -2.82 -8.45 2.88
H4 NAG E . -4.67 -7.43 0.97
H5 NAG E . -4.00 -10.18 1.34
H61 NAG E . -6.18 -9.19 0.21
H62 NAG E . -5.75 -10.71 0.22
H81 NAG E . 1.40 -5.21 2.75
H82 NAG E . 1.82 -6.60 2.09
H83 NAG E . 1.12 -6.58 3.52
HN2 NAG E . -0.16 -8.18 2.06
HO3 NAG E . -3.81 -6.54 3.44
HO4 NAG E . -6.17 -8.23 2.23
HO6 NAG E . -4.38 -9.63 -1.58
C1 NAG F . 14.27 50.43 -12.99
C2 NAG F . 15.43 51.23 -12.41
C3 NAG F . 15.05 51.78 -11.04
C4 NAG F . 13.75 52.56 -11.12
C5 NAG F . 12.66 51.71 -11.76
C6 NAG F . 11.38 52.46 -11.98
C7 NAG F . 17.86 50.94 -12.23
C8 NAG F . 18.99 49.96 -12.15
N2 NAG F . 16.63 50.42 -12.31
O3 NAG F . 16.10 52.63 -10.57
O4 NAG F . 13.33 52.95 -9.81
O5 NAG F . 13.10 51.24 -13.04
O6 NAG F . 11.13 53.39 -10.94
O7 NAG F . 18.05 52.15 -12.23
H2 NAG F . 15.61 51.98 -13.00
H3 NAG F . 14.94 51.04 -10.41
H4 NAG F . 13.89 53.36 -11.67
H5 NAG F . 12.48 50.94 -11.19
H61 NAG F . 10.63 51.82 -12.03
H62 NAG F . 11.43 52.94 -12.84
H81 NAG F . 19.84 50.44 -12.09
H82 NAG F . 18.99 49.39 -12.94
H83 NAG F . 18.88 49.40 -11.36
HN2 NAG F . 16.54 49.51 -12.32
HO3 NAG F . 16.46 53.07 -11.25
HO4 NAG F . 12.63 53.50 -9.88
HO6 NAG F . 10.37 53.82 -11.10
C1 NAG G . -10.36 -23.11 -18.62
C2 NAG G . -11.65 -23.66 -19.23
C3 NAG G . -11.39 -24.92 -20.05
C4 NAG G . -10.36 -25.84 -19.39
C5 NAG G . -9.13 -25.08 -18.92
C6 NAG G . -7.85 -25.57 -19.57
C7 NAG G . -12.38 -24.50 -17.04
C8 NAG G . -13.54 -24.67 -16.10
N2 NAG G . -12.65 -23.90 -18.20
O3 NAG G . -10.92 -24.55 -21.35
O4 NAG G . -10.97 -26.52 -18.29
O5 NAG G . -9.25 -23.70 -19.26
O6 NAG G . -6.71 -25.03 -18.93
O7 NAG G . -11.25 -24.89 -16.75
H2 NAG G . -12.00 -22.98 -19.84
H3 NAG G . -12.22 -25.41 -20.16
H4 NAG G . -10.09 -26.51 -20.04
H5 NAG G . -9.04 -25.16 -17.95
H61 NAG G . -7.85 -25.31 -20.51
H62 NAG G . -7.82 -26.54 -19.50
H81 NAG G . -13.28 -25.28 -15.38
H82 NAG G . -14.30 -25.05 -16.59
H83 NAG G . -13.78 -23.81 -15.73
HN2 NAG G . -13.51 -23.64 -18.36
HO3 NAG G . -10.14 -24.11 -21.27
HO4 NAG G . -10.54 -26.32 -17.53
HO6 NAG G . -5.98 -25.23 -19.41
C1 NAG H . -25.75 28.97 -25.40
C2 NAG H . -26.52 28.61 -26.67
C3 NAG H . -27.66 29.61 -26.88
C4 NAG H . -28.52 29.70 -25.63
C5 NAG H . -27.66 30.00 -24.40
C6 NAG H . -28.44 29.97 -23.10
C7 NAG H . -25.73 27.71 -28.83
C8 NAG H . -26.80 26.67 -28.72
N2 NAG H . -25.64 28.59 -27.82
O3 NAG H . -28.45 29.20 -27.99
O4 NAG H . -29.47 30.75 -25.78
O5 NAG H . -26.63 28.99 -24.28
O6 NAG H . -28.04 31.02 -22.25
O7 NAG H . -24.95 27.73 -29.79
H2 NAG H . -26.91 27.73 -26.51
H3 NAG H . -27.27 30.48 -27.07
H4 NAG H . -28.99 28.87 -25.50
H5 NAG H . -27.24 30.86 -24.50
H61 NAG H . -28.30 29.12 -22.66
H62 NAG H . -29.39 30.07 -23.31
H81 NAG H . -26.81 26.12 -29.53
H82 NAG H . -27.67 27.10 -28.62
H83 NAG H . -26.64 26.09 -27.95
HN2 NAG H . -24.98 29.22 -27.88
HO3 NAG H . -28.64 29.91 -28.49
HO4 NAG H . -29.08 31.53 -25.60
HO6 NAG H . -28.38 30.89 -21.43
#